data_4RF9
#
_entry.id   4RF9
#
_cell.length_a   78.263
_cell.length_b   59.483
_cell.length_c   162.148
_cell.angle_alpha   90.00
_cell.angle_beta   91.36
_cell.angle_gamma   90.00
#
_symmetry.space_group_name_H-M   'P 1 21 1'
#
loop_
_entity.id
_entity.type
_entity.pdbx_description
1 polymer 'Arginine kinase'
2 non-polymer ARGININE
3 non-polymer 'PHOSPHOTHIOPHOSPHORIC ACID-ADENYLATE ESTER'
4 non-polymer 'ACETATE ION'
5 water water
#
_entity_poly.entity_id   1
_entity_poly.type   'polypeptide(L)'
_entity_poly.pdbx_seq_one_letter_code
;GPHMADPETAAKFKSKNAFPDPLNDPKCNPKSLVKKYLTPKVFESLKNKKTKLGITLWDCINSGVVNLDSGVGVYAGDEE
SYTLFGPLFDAIIEDYHSPYKLATGHNSDMNPAHVKAPDLDPANRYIRSTRIRVARSLKGYGLAPGVTKAHRLEIEKKVV
GVLTSLTGDLAGKYYPLSGMDEKTRQQLVDDHFLFKKGDRFLEAAGINKEWPEGRGIYHNNDKTFLVWLNEEDHLRIISM
EKGSDIGSVFSRLCRAVNEIDKKLGFQHTKKHGYLTSCPSNLGTGMRASVHVKIPHAKEHPDFENILTKYHIQARGIHGE
HSESTGEDAGVYDISNRRRLGLSEVQCVQDMYDGVKALMELEKEAIAKKRSVFPEVLKNPEVKSLLRKYLTPELFDSLKD
KKTAKGISLYDCINSGVENLDSSCGVYAGDEECYTLFAPLFDKIVEDYHSPYKLANKHTSDMNPEKVDAPNLDPEGTYIR
STRIRVARNVKGYALTPGLTRNERLDIERKVVGVLSSLTGDLAGQYYPLTGMDEATRQKLVNDHFLFKKGDRFLEAAGVN
KLWPEGRGIFHNNDKTFLVWINEEDQLRIISMEKGSDIGSVFGRLCRAVNEIDKQLGFQHTDAHGYLSGCPTNLGTGMRA
SVHVKIPKASAHPDFQKICDEFHIQARGIHGEHSVSTGEDAGVFDISNRRRLGLSEVQCVQDMYNGVKKLLEIEKSTK
;
_entity_poly.pdbx_strand_id   A,B
#
loop_
_chem_comp.id
_chem_comp.type
_chem_comp.name
_chem_comp.formula
ACT non-polymer 'ACETATE ION' 'C2 H3 O2 -1'
AGS non-polymer 'PHOSPHOTHIOPHOSPHORIC ACID-ADENYLATE ESTER' 'C10 H16 N5 O12 P3 S'
#
# COMPACT_ATOMS: atom_id res chain seq x y z
N MET A 4 28.04 -64.09 31.86
CA MET A 4 28.51 -64.84 33.02
C MET A 4 27.61 -66.04 33.28
N ALA A 5 26.92 -66.51 32.24
CA ALA A 5 26.00 -67.62 32.37
C ALA A 5 26.74 -68.96 32.26
N ASP A 6 26.57 -69.81 33.27
CA ASP A 6 27.12 -71.16 33.23
C ASP A 6 25.97 -72.15 33.39
N PRO A 7 25.29 -72.47 32.28
CA PRO A 7 24.13 -73.37 32.27
C PRO A 7 24.53 -74.80 32.57
N GLU A 8 25.74 -75.16 32.16
CA GLU A 8 26.24 -76.52 32.29
C GLU A 8 26.36 -76.95 33.75
N THR A 9 26.99 -76.10 34.56
CA THR A 9 27.22 -76.40 35.97
C THR A 9 25.90 -76.54 36.74
N ALA A 10 25.00 -75.58 36.52
CA ALA A 10 23.70 -75.58 37.18
C ALA A 10 22.87 -76.80 36.85
N ALA A 11 22.94 -77.24 35.60
CA ALA A 11 22.18 -78.40 35.13
C ALA A 11 22.54 -79.68 35.88
N LYS A 12 23.79 -79.79 36.29
CA LYS A 12 24.25 -80.96 37.03
C LYS A 12 23.65 -81.01 38.43
N PHE A 13 23.45 -79.83 39.02
CA PHE A 13 22.85 -79.73 40.35
C PHE A 13 21.33 -79.82 40.25
N LYS A 14 20.77 -79.32 39.16
CA LYS A 14 19.32 -79.37 38.94
C LYS A 14 18.86 -80.79 38.67
N SER A 15 19.57 -81.50 37.81
CA SER A 15 19.21 -82.87 37.44
C SER A 15 19.30 -83.83 38.63
N LYS A 16 20.09 -83.48 39.63
CA LYS A 16 20.19 -84.27 40.85
C LYS A 16 19.24 -83.75 41.93
N ASN A 17 18.54 -82.66 41.62
CA ASN A 17 17.69 -81.96 42.59
C ASN A 17 18.46 -81.68 43.87
N ALA A 18 19.70 -81.22 43.70
CA ALA A 18 20.59 -80.96 44.83
C ALA A 18 20.78 -79.46 45.06
N PHE A 19 21.26 -79.10 46.24
CA PHE A 19 21.49 -77.70 46.57
C PHE A 19 22.48 -77.09 45.58
N PRO A 20 22.13 -75.93 45.03
CA PRO A 20 23.01 -75.22 44.09
C PRO A 20 24.26 -74.69 44.76
N ASP A 21 25.29 -75.53 44.84
CA ASP A 21 26.61 -75.12 45.34
C ASP A 21 27.21 -73.84 44.71
N PRO A 22 27.01 -73.60 43.40
CA PRO A 22 27.47 -72.33 42.81
C PRO A 22 27.07 -71.06 43.56
N LEU A 23 26.02 -71.12 44.39
CA LEU A 23 25.62 -69.98 45.19
C LEU A 23 26.63 -69.66 46.30
N ASN A 24 27.65 -70.50 46.41
CA ASN A 24 28.74 -70.27 47.37
C ASN A 24 30.08 -70.04 46.68
N ASP A 25 30.05 -70.03 45.34
CA ASP A 25 31.25 -69.73 44.57
C ASP A 25 31.47 -68.22 44.58
N PRO A 26 32.63 -67.78 45.09
CA PRO A 26 32.99 -66.37 45.33
C PRO A 26 32.59 -65.39 44.21
N LYS A 27 32.51 -65.87 42.97
CA LYS A 27 32.11 -65.02 41.86
C LYS A 27 30.64 -64.60 41.96
N CYS A 28 29.88 -65.32 42.77
CA CYS A 28 28.45 -65.05 42.93
C CYS A 28 28.21 -63.67 43.55
N ASN A 29 27.19 -62.98 43.04
CA ASN A 29 26.81 -61.67 43.53
C ASN A 29 26.49 -61.71 45.03
N PRO A 30 27.22 -60.93 45.83
CA PRO A 30 26.99 -60.87 47.28
C PRO A 30 25.60 -60.35 47.62
N LYS A 31 25.04 -59.53 46.74
CA LYS A 31 23.75 -58.87 46.98
C LYS A 31 22.59 -59.72 46.49
N SER A 32 22.91 -60.85 45.86
CA SER A 32 21.91 -61.75 45.31
C SER A 32 20.89 -62.20 46.35
N LEU A 33 19.61 -62.07 46.02
CA LEU A 33 18.53 -62.40 46.95
C LEU A 33 18.34 -63.91 47.07
N VAL A 34 18.48 -64.63 45.96
CA VAL A 34 18.36 -66.08 45.97
C VAL A 34 19.50 -66.70 46.78
N LYS A 35 20.70 -66.12 46.67
CA LYS A 35 21.83 -66.57 47.48
C LYS A 35 21.56 -66.27 48.95
N LYS A 36 20.97 -65.11 49.19
CA LYS A 36 20.69 -64.64 50.54
C LYS A 36 19.71 -65.54 51.27
N TYR A 37 18.63 -65.94 50.59
CA TYR A 37 17.50 -66.57 51.26
C TYR A 37 17.28 -68.05 50.93
N LEU A 38 17.98 -68.58 49.93
CA LEU A 38 17.93 -70.01 49.68
C LEU A 38 19.00 -70.71 50.51
N THR A 39 18.63 -71.07 51.75
CA THR A 39 19.52 -71.81 52.63
C THR A 39 19.26 -73.30 52.44
N PRO A 40 20.23 -74.16 52.81
CA PRO A 40 20.06 -75.61 52.72
C PRO A 40 18.76 -76.11 53.37
N LYS A 41 18.37 -75.52 54.50
CA LYS A 41 17.14 -75.91 55.17
C LYS A 41 15.90 -75.49 54.38
N VAL A 42 15.99 -74.33 53.72
CA VAL A 42 14.92 -73.89 52.83
C VAL A 42 14.81 -74.83 51.65
N PHE A 43 15.97 -75.20 51.09
CA PHE A 43 16.03 -76.06 49.91
C PHE A 43 15.39 -77.41 50.17
N GLU A 44 15.89 -78.12 51.18
CA GLU A 44 15.40 -79.46 51.51
C GLU A 44 13.93 -79.46 51.92
N SER A 45 13.47 -78.36 52.50
CA SER A 45 12.07 -78.25 52.91
C SER A 45 11.14 -78.13 51.71
N LEU A 46 11.66 -77.64 50.59
CA LEU A 46 10.83 -77.34 49.42
C LEU A 46 11.20 -78.12 48.16
N LYS A 47 12.32 -78.83 48.20
CA LYS A 47 12.88 -79.44 46.99
C LYS A 47 12.00 -80.53 46.37
N ASN A 48 11.04 -81.05 47.13
CA ASN A 48 10.16 -82.11 46.63
C ASN A 48 8.75 -81.63 46.29
N LYS A 49 8.49 -80.35 46.47
CA LYS A 49 7.17 -79.78 46.22
C LYS A 49 6.98 -79.34 44.77
N LYS A 50 5.76 -79.48 44.28
CA LYS A 50 5.44 -79.12 42.90
C LYS A 50 4.03 -78.52 42.85
N THR A 51 3.85 -77.49 42.02
CA THR A 51 2.55 -76.88 41.84
C THR A 51 1.68 -77.72 40.91
N LYS A 52 0.43 -77.30 40.71
CA LYS A 52 -0.48 -78.01 39.82
C LYS A 52 0.04 -78.02 38.38
N LEU A 53 0.86 -77.04 38.06
CA LEU A 53 1.41 -76.91 36.71
C LEU A 53 2.78 -77.57 36.61
N GLY A 54 3.22 -78.16 37.71
CA GLY A 54 4.47 -78.92 37.71
C GLY A 54 5.71 -78.11 38.03
N ILE A 55 5.53 -76.86 38.45
CA ILE A 55 6.66 -75.98 38.76
C ILE A 55 7.36 -76.42 40.05
N THR A 56 8.69 -76.52 39.98
CA THR A 56 9.48 -76.94 41.13
C THR A 56 10.26 -75.77 41.70
N LEU A 57 10.90 -75.99 42.86
CA LEU A 57 11.76 -75.01 43.48
C LEU A 57 12.94 -74.69 42.58
N TRP A 58 13.48 -75.72 41.94
CA TRP A 58 14.63 -75.60 41.05
C TRP A 58 14.30 -74.80 39.79
N ASP A 59 13.07 -74.95 39.31
CA ASP A 59 12.60 -74.20 38.16
C ASP A 59 12.63 -72.70 38.45
N CYS A 60 12.21 -72.34 39.66
CA CYS A 60 12.12 -70.94 40.06
C CYS A 60 13.49 -70.30 40.28
N ILE A 61 14.41 -71.06 40.88
CA ILE A 61 15.72 -70.51 41.28
C ILE A 61 16.78 -70.62 40.19
N ASN A 62 16.48 -71.36 39.13
CA ASN A 62 17.49 -71.74 38.14
C ASN A 62 18.28 -70.59 37.50
N SER A 63 17.58 -69.54 37.10
CA SER A 63 18.23 -68.39 36.45
C SER A 63 19.28 -67.76 37.37
N GLY A 64 19.01 -67.78 38.66
CA GLY A 64 19.92 -67.21 39.65
C GLY A 64 21.19 -68.02 39.83
N VAL A 65 21.13 -69.31 39.55
CA VAL A 65 22.28 -70.19 39.68
C VAL A 65 23.10 -70.19 38.39
N VAL A 66 22.40 -70.18 37.27
CA VAL A 66 23.04 -70.07 35.96
C VAL A 66 23.74 -68.71 35.85
N ASN A 67 23.01 -67.66 36.20
CA ASN A 67 23.55 -66.31 36.22
C ASN A 67 23.84 -65.85 37.64
N LEU A 68 25.06 -66.11 38.10
CA LEU A 68 25.45 -65.80 39.47
C LEU A 68 25.58 -64.30 39.75
N ASP A 69 25.52 -63.50 38.69
CA ASP A 69 25.59 -62.05 38.83
C ASP A 69 24.19 -61.48 39.05
N SER A 70 23.22 -62.36 39.25
CA SER A 70 21.82 -61.95 39.37
C SER A 70 21.57 -61.13 40.64
N GLY A 71 20.73 -60.11 40.52
CA GLY A 71 20.32 -59.31 41.66
C GLY A 71 19.26 -60.00 42.47
N VAL A 72 18.19 -60.44 41.80
CA VAL A 72 17.12 -61.17 42.46
C VAL A 72 17.35 -62.68 42.36
N GLY A 73 17.25 -63.20 41.14
CA GLY A 73 17.66 -64.57 40.86
C GLY A 73 16.56 -65.62 40.85
N VAL A 74 15.32 -65.19 41.08
CA VAL A 74 14.19 -66.12 41.02
C VAL A 74 13.08 -65.63 40.12
N TYR A 75 12.35 -66.57 39.52
CA TYR A 75 11.16 -66.26 38.73
C TYR A 75 10.04 -67.18 39.16
N ALA A 76 8.82 -66.64 39.22
CA ALA A 76 7.67 -67.45 39.58
C ALA A 76 7.09 -68.14 38.36
N GLY A 77 6.93 -69.46 38.45
CA GLY A 77 6.38 -70.24 37.37
C GLY A 77 4.87 -70.05 37.26
N ASP A 78 4.23 -69.85 38.40
CA ASP A 78 2.81 -69.56 38.45
C ASP A 78 2.44 -68.82 39.74
N GLU A 79 1.15 -68.56 39.92
CA GLU A 79 0.65 -67.92 41.14
C GLU A 79 0.96 -68.77 42.37
N GLU A 80 0.69 -70.07 42.27
CA GLU A 80 0.90 -70.99 43.37
C GLU A 80 2.35 -71.03 43.84
N SER A 81 3.28 -70.74 42.92
CA SER A 81 4.70 -70.71 43.24
C SER A 81 5.01 -69.72 44.36
N TYR A 82 4.31 -68.59 44.37
CA TYR A 82 4.50 -67.58 45.40
C TYR A 82 4.12 -68.07 46.79
N THR A 83 3.16 -68.99 46.87
CA THR A 83 2.71 -69.51 48.15
C THR A 83 3.39 -70.83 48.50
N LEU A 84 3.44 -71.73 47.53
CA LEU A 84 4.04 -73.05 47.73
C LEU A 84 5.53 -72.96 48.06
N PHE A 85 6.18 -71.93 47.54
CA PHE A 85 7.58 -71.66 47.85
C PHE A 85 7.68 -70.37 48.66
N GLY A 86 6.60 -70.04 49.36
CA GLY A 86 6.53 -68.89 50.25
C GLY A 86 7.74 -68.59 51.11
N PRO A 87 8.26 -69.59 51.84
CA PRO A 87 9.46 -69.39 52.68
C PRO A 87 10.63 -68.75 51.93
N LEU A 88 10.63 -68.88 50.59
CA LEU A 88 11.68 -68.28 49.78
C LEU A 88 11.25 -66.92 49.22
N PHE A 89 10.09 -66.89 48.56
CA PHE A 89 9.59 -65.67 47.92
C PHE A 89 9.31 -64.54 48.91
N ASP A 90 8.73 -64.88 50.07
CA ASP A 90 8.40 -63.89 51.09
C ASP A 90 9.63 -63.09 51.53
N ALA A 91 10.70 -63.81 51.84
CA ALA A 91 11.94 -63.18 52.29
C ALA A 91 12.56 -62.33 51.18
N ILE A 92 12.47 -62.82 49.95
CA ILE A 92 12.98 -62.09 48.79
C ILE A 92 12.17 -60.83 48.53
N ILE A 93 10.85 -60.96 48.59
CA ILE A 93 9.94 -59.84 48.35
C ILE A 93 10.09 -58.74 49.41
N GLU A 94 10.10 -59.13 50.68
CA GLU A 94 10.20 -58.16 51.78
C GLU A 94 11.60 -57.53 51.90
N ASP A 95 12.59 -58.13 51.25
CA ASP A 95 13.91 -57.53 51.18
C ASP A 95 13.93 -56.50 50.07
N TYR A 96 13.50 -56.93 48.88
CA TYR A 96 13.47 -56.07 47.71
C TYR A 96 12.51 -54.89 47.87
N HIS A 97 11.31 -55.16 48.35
CA HIS A 97 10.27 -54.14 48.46
C HIS A 97 10.20 -53.50 49.84
N SER A 98 11.27 -53.65 50.62
CA SER A 98 11.35 -53.02 51.95
C SER A 98 11.08 -51.52 51.83
N PRO A 99 10.32 -50.97 52.79
CA PRO A 99 9.82 -51.63 54.00
C PRO A 99 8.44 -52.27 53.89
N TYR A 100 8.03 -52.72 52.71
CA TYR A 100 6.70 -53.32 52.56
C TYR A 100 6.59 -54.66 53.27
N LYS A 101 5.45 -54.86 53.94
CA LYS A 101 5.15 -56.14 54.59
C LYS A 101 3.94 -56.78 53.93
N LEU A 102 4.05 -58.08 53.64
CA LEU A 102 2.96 -58.83 53.01
C LEU A 102 1.71 -58.86 53.88
N ALA A 103 1.92 -58.80 55.20
CA ALA A 103 0.82 -58.81 56.14
C ALA A 103 -0.02 -57.55 56.03
N THR A 104 0.65 -56.43 55.77
CA THR A 104 -0.01 -55.13 55.63
C THR A 104 -1.09 -55.17 54.55
N GLY A 105 -0.69 -55.62 53.37
CA GLY A 105 -1.59 -55.70 52.24
C GLY A 105 -1.29 -54.63 51.21
N HIS A 106 -1.76 -54.85 50.00
CA HIS A 106 -1.55 -53.91 48.91
C HIS A 106 -2.89 -53.43 48.35
N ASN A 107 -2.94 -52.16 47.96
CA ASN A 107 -4.14 -51.59 47.37
C ASN A 107 -3.90 -51.08 45.94
N SER A 108 -4.69 -51.58 45.00
CA SER A 108 -4.57 -51.19 43.60
C SER A 108 -5.59 -50.10 43.27
N ASP A 109 -5.20 -49.21 42.38
CA ASP A 109 -6.08 -48.12 41.95
C ASP A 109 -5.71 -47.64 40.55
N MET A 110 -6.56 -47.98 39.58
CA MET A 110 -6.34 -47.61 38.19
C MET A 110 -7.41 -46.62 37.70
N ASN A 111 -7.80 -45.71 38.59
CA ASN A 111 -8.73 -44.65 38.23
C ASN A 111 -8.01 -43.32 38.04
N PRO A 112 -7.85 -42.87 36.79
CA PRO A 112 -7.11 -41.66 36.41
C PRO A 112 -7.64 -40.41 37.11
N ALA A 113 -8.94 -40.39 37.38
CA ALA A 113 -9.59 -39.23 37.98
C ALA A 113 -9.10 -38.94 39.41
N HIS A 114 -8.49 -39.94 40.03
CA HIS A 114 -7.92 -39.78 41.37
C HIS A 114 -6.61 -39.01 41.33
N VAL A 115 -6.00 -38.94 40.15
CA VAL A 115 -4.75 -38.20 39.98
C VAL A 115 -5.02 -36.75 39.64
N LYS A 116 -4.42 -35.83 40.39
CA LYS A 116 -4.53 -34.40 40.11
C LYS A 116 -3.22 -33.88 39.56
N ALA A 117 -3.15 -33.77 38.23
CA ALA A 117 -1.90 -33.43 37.56
C ALA A 117 -2.09 -32.49 36.37
N PRO A 118 -2.20 -31.18 36.63
CA PRO A 118 -2.20 -30.18 35.55
C PRO A 118 -0.87 -30.25 34.82
N ASP A 119 -0.87 -30.03 33.51
CA ASP A 119 0.35 -30.14 32.71
C ASP A 119 1.46 -29.27 33.30
N LEU A 120 2.57 -29.92 33.62
CA LEU A 120 3.63 -29.31 34.40
C LEU A 120 4.50 -28.36 33.58
N ASP A 121 4.83 -28.78 32.36
CA ASP A 121 5.75 -28.03 31.51
C ASP A 121 5.34 -28.05 30.04
N PRO A 122 4.23 -27.34 29.70
CA PRO A 122 3.77 -27.31 28.31
C PRO A 122 4.80 -26.70 27.36
N ALA A 123 5.54 -25.70 27.84
CA ALA A 123 6.52 -25.02 26.99
C ALA A 123 7.79 -25.84 26.82
N ASN A 124 7.85 -26.97 27.53
CA ASN A 124 8.99 -27.89 27.46
C ASN A 124 10.30 -27.19 27.81
N ARG A 125 10.28 -26.44 28.90
CA ARG A 125 11.46 -25.72 29.36
C ARG A 125 12.43 -26.63 30.11
N TYR A 126 11.91 -27.70 30.70
CA TYR A 126 12.71 -28.55 31.58
C TYR A 126 12.47 -30.05 31.33
N ILE A 127 11.20 -30.42 31.18
CA ILE A 127 10.84 -31.82 31.00
C ILE A 127 10.85 -32.21 29.52
N ARG A 128 11.49 -33.33 29.22
CA ARG A 128 11.67 -33.76 27.83
C ARG A 128 10.75 -34.90 27.40
N SER A 129 10.47 -35.83 28.32
CA SER A 129 9.61 -36.97 27.98
C SER A 129 8.99 -37.62 29.22
N THR A 130 7.87 -38.31 29.01
CA THR A 130 7.16 -38.98 30.09
C THR A 130 6.81 -40.42 29.69
N ARG A 131 6.97 -41.36 30.62
CA ARG A 131 6.78 -42.78 30.32
C ARG A 131 6.25 -43.55 31.52
N ILE A 132 5.14 -44.27 31.32
CA ILE A 132 4.60 -45.13 32.36
C ILE A 132 4.42 -46.54 31.84
N ARG A 133 5.04 -47.50 32.53
CA ARG A 133 4.99 -48.90 32.16
C ARG A 133 4.29 -49.71 33.24
N VAL A 134 3.43 -50.64 32.83
CA VAL A 134 2.87 -51.62 33.77
C VAL A 134 3.06 -53.04 33.24
N ALA A 135 3.22 -53.98 34.16
CA ALA A 135 3.28 -55.39 33.81
C ALA A 135 2.01 -56.07 34.32
N ARG A 136 1.42 -56.93 33.49
CA ARG A 136 0.17 -57.59 33.83
C ARG A 136 0.14 -59.04 33.35
N SER A 137 -0.64 -59.87 34.04
CA SER A 137 -0.80 -61.28 33.69
C SER A 137 -2.26 -61.70 33.75
N LEU A 138 -2.70 -62.47 32.76
CA LEU A 138 -4.09 -62.88 32.62
C LEU A 138 -4.52 -63.98 33.59
N LYS A 139 -5.78 -63.91 34.03
CA LYS A 139 -6.35 -64.96 34.87
C LYS A 139 -6.42 -66.28 34.11
N GLY A 140 -6.21 -67.38 34.82
CA GLY A 140 -6.44 -68.70 34.27
C GLY A 140 -5.24 -69.39 33.63
N TYR A 141 -4.11 -68.69 33.57
CA TYR A 141 -2.91 -69.27 32.99
C TYR A 141 -1.75 -69.25 33.96
N GLY A 142 -0.69 -69.95 33.60
CA GLY A 142 0.56 -69.88 34.34
C GLY A 142 1.27 -68.61 33.94
N LEU A 143 2.20 -68.16 34.77
CA LEU A 143 3.04 -67.02 34.41
C LEU A 143 4.01 -67.43 33.31
N ALA A 144 4.71 -66.46 32.74
CA ALA A 144 5.60 -66.69 31.61
C ALA A 144 6.57 -67.89 31.71
N PRO A 145 7.19 -68.13 32.87
CA PRO A 145 8.06 -69.31 32.94
C PRO A 145 7.31 -70.65 32.90
N GLY A 146 6.01 -70.63 33.16
CA GLY A 146 5.26 -71.87 33.29
C GLY A 146 4.07 -72.02 32.36
N VAL A 147 3.82 -71.01 31.53
CA VAL A 147 2.72 -71.05 30.59
C VAL A 147 2.92 -72.18 29.57
N THR A 148 1.86 -72.92 29.26
CA THR A 148 1.96 -73.97 28.26
C THR A 148 1.99 -73.38 26.87
N LYS A 149 2.39 -74.20 25.90
CA LYS A 149 2.47 -73.78 24.51
C LYS A 149 1.12 -73.30 23.99
N ALA A 150 0.09 -74.09 24.26
CA ALA A 150 -1.26 -73.77 23.83
C ALA A 150 -1.82 -72.54 24.55
N HIS A 151 -1.48 -72.40 25.83
CA HIS A 151 -1.95 -71.26 26.62
C HIS A 151 -1.32 -69.94 26.18
N ARG A 152 -0.06 -69.98 25.77
CA ARG A 152 0.61 -68.77 25.28
C ARG A 152 -0.08 -68.27 24.02
N LEU A 153 -0.47 -69.21 23.16
CA LEU A 153 -1.20 -68.91 21.94
C LEU A 153 -2.60 -68.36 22.26
N GLU A 154 -3.27 -68.99 23.21
CA GLU A 154 -4.60 -68.56 23.62
C GLU A 154 -4.58 -67.17 24.23
N ILE A 155 -3.51 -66.87 24.96
CA ILE A 155 -3.31 -65.55 25.54
C ILE A 155 -3.15 -64.50 24.45
N GLU A 156 -2.35 -64.82 23.44
CA GLU A 156 -2.16 -63.93 22.29
C GLU A 156 -3.50 -63.64 21.63
N LYS A 157 -4.25 -64.71 21.36
CA LYS A 157 -5.55 -64.61 20.70
C LYS A 157 -6.54 -63.71 21.42
N LYS A 158 -6.61 -63.85 22.74
CA LYS A 158 -7.54 -63.05 23.55
C LYS A 158 -7.09 -61.60 23.67
N VAL A 159 -5.79 -61.40 23.85
CA VAL A 159 -5.23 -60.05 23.97
C VAL A 159 -5.41 -59.25 22.68
N VAL A 160 -5.02 -59.86 21.56
CA VAL A 160 -5.13 -59.24 20.25
C VAL A 160 -6.58 -58.88 19.91
N GLY A 161 -7.51 -59.74 20.30
CA GLY A 161 -8.92 -59.49 20.09
C GLY A 161 -9.40 -58.21 20.76
N VAL A 162 -8.92 -57.99 21.98
CA VAL A 162 -9.25 -56.79 22.73
C VAL A 162 -8.55 -55.57 22.14
N LEU A 163 -7.25 -55.73 21.86
CA LEU A 163 -6.42 -54.63 21.38
C LEU A 163 -6.85 -54.10 20.01
N THR A 164 -7.28 -54.98 19.12
CA THR A 164 -7.68 -54.56 17.77
C THR A 164 -9.07 -53.93 17.76
N SER A 165 -9.77 -53.97 18.90
CA SER A 165 -11.08 -53.33 19.03
C SER A 165 -10.94 -51.96 19.68
N LEU A 166 -9.70 -51.60 20.03
CA LEU A 166 -9.41 -50.30 20.62
C LEU A 166 -9.75 -49.16 19.67
N THR A 167 -10.42 -48.14 20.19
CA THR A 167 -10.86 -47.02 19.38
C THR A 167 -10.14 -45.72 19.76
N GLY A 168 -10.27 -44.71 18.90
CA GLY A 168 -9.70 -43.40 19.17
C GLY A 168 -8.19 -43.37 19.07
N ASP A 169 -7.55 -42.72 20.04
CA ASP A 169 -6.10 -42.57 20.06
C ASP A 169 -5.38 -43.88 20.39
N LEU A 170 -6.16 -44.88 20.80
CA LEU A 170 -5.60 -46.19 21.15
C LEU A 170 -5.66 -47.17 19.98
N ALA A 171 -6.29 -46.75 18.89
CA ALA A 171 -6.42 -47.60 17.71
C ALA A 171 -5.06 -47.79 17.02
N GLY A 172 -4.80 -49.01 16.58
CA GLY A 172 -3.54 -49.33 15.93
C GLY A 172 -3.49 -50.70 15.27
N LYS A 173 -2.28 -51.26 15.19
CA LYS A 173 -2.05 -52.52 14.51
C LYS A 173 -1.25 -53.50 15.39
N TYR A 174 -1.51 -54.79 15.22
CA TYR A 174 -0.74 -55.82 15.91
C TYR A 174 0.27 -56.46 14.96
N TYR A 175 1.50 -56.61 15.44
CA TYR A 175 2.56 -57.23 14.66
C TYR A 175 3.14 -58.42 15.42
N PRO A 176 2.69 -59.63 15.08
CA PRO A 176 3.23 -60.84 15.72
C PRO A 176 4.66 -61.08 15.28
N LEU A 177 5.49 -61.62 16.18
CA LEU A 177 6.88 -61.90 15.85
C LEU A 177 6.98 -63.05 14.85
N SER A 178 6.16 -64.08 15.05
CA SER A 178 6.11 -65.21 14.15
C SER A 178 5.57 -64.82 12.79
N GLY A 179 6.44 -64.81 11.79
CA GLY A 179 6.04 -64.52 10.42
C GLY A 179 6.43 -63.13 9.95
N MET A 180 6.93 -62.32 10.88
CA MET A 180 7.32 -60.94 10.58
C MET A 180 8.38 -60.87 9.47
N ASP A 181 8.17 -59.95 8.53
CA ASP A 181 9.13 -59.77 7.44
C ASP A 181 10.10 -58.61 7.72
N GLU A 182 11.11 -58.49 6.86
CA GLU A 182 12.23 -57.58 7.10
C GLU A 182 11.87 -56.11 7.15
N LYS A 183 10.95 -55.67 6.30
CA LYS A 183 10.55 -54.27 6.26
C LYS A 183 9.82 -53.87 7.53
N THR A 184 8.97 -54.75 8.03
CA THR A 184 8.23 -54.51 9.26
C THR A 184 9.20 -54.52 10.44
N ARG A 185 10.16 -55.43 10.40
CA ARG A 185 11.14 -55.58 11.47
C ARG A 185 11.99 -54.33 11.61
N GLN A 186 12.39 -53.74 10.49
CA GLN A 186 13.21 -52.54 10.49
C GLN A 186 12.42 -51.32 10.96
N GLN A 187 11.16 -51.23 10.54
CA GLN A 187 10.28 -50.15 10.96
C GLN A 187 10.12 -50.13 12.48
N LEU A 188 9.99 -51.32 13.05
CA LEU A 188 9.83 -51.46 14.51
C LEU A 188 11.14 -51.24 15.25
N VAL A 189 12.26 -51.50 14.59
CA VAL A 189 13.57 -51.22 15.17
C VAL A 189 13.82 -49.71 15.20
N ASP A 190 13.50 -49.04 14.10
CA ASP A 190 13.68 -47.59 13.99
C ASP A 190 12.81 -46.82 14.98
N ASP A 191 11.70 -47.42 15.39
CA ASP A 191 10.78 -46.79 16.33
C ASP A 191 11.05 -47.22 17.77
N HIS A 192 12.09 -48.04 17.96
CA HIS A 192 12.43 -48.61 19.26
C HIS A 192 11.25 -49.39 19.85
N PHE A 193 10.58 -50.18 19.02
CA PHE A 193 9.39 -50.93 19.46
C PHE A 193 9.63 -52.44 19.50
N LEU A 194 10.75 -52.88 18.94
CA LEU A 194 11.01 -54.31 18.78
C LEU A 194 11.67 -54.91 20.00
N PHE A 195 11.31 -56.16 20.32
CA PHE A 195 12.05 -56.93 21.31
C PHE A 195 12.47 -58.27 20.71
N LYS A 196 13.68 -58.70 21.05
CA LYS A 196 14.23 -59.94 20.53
C LYS A 196 14.18 -61.05 21.57
N LYS A 197 14.82 -62.19 21.27
CA LYS A 197 14.82 -63.32 22.17
C LYS A 197 15.45 -62.93 23.51
N GLY A 198 14.87 -63.46 24.60
CA GLY A 198 15.28 -63.10 25.94
C GLY A 198 16.75 -63.33 26.19
N ASP A 199 17.34 -62.53 27.08
CA ASP A 199 18.74 -62.65 27.42
C ASP A 199 19.01 -63.93 28.22
N ARG A 200 20.22 -64.04 28.76
CA ARG A 200 20.61 -65.21 29.53
C ARG A 200 19.79 -65.37 30.82
N PHE A 201 19.16 -64.28 31.25
CA PHE A 201 18.30 -64.32 32.42
C PHE A 201 16.93 -64.92 32.12
N LEU A 202 16.34 -64.52 30.99
CA LEU A 202 15.05 -65.06 30.58
C LEU A 202 15.21 -66.49 30.08
N GLU A 203 16.36 -66.75 29.46
CA GLU A 203 16.69 -68.07 28.92
C GLU A 203 16.68 -69.14 30.00
N ALA A 204 17.42 -68.90 31.08
CA ALA A 204 17.54 -69.85 32.18
C ALA A 204 16.26 -69.91 33.01
N ALA A 205 15.39 -68.92 32.84
CA ALA A 205 14.12 -68.90 33.55
C ALA A 205 13.06 -69.72 32.83
N GLY A 206 13.40 -70.20 31.64
CA GLY A 206 12.49 -71.00 30.83
C GLY A 206 11.48 -70.15 30.08
N ILE A 207 11.72 -68.85 30.07
CA ILE A 207 10.80 -67.89 29.46
C ILE A 207 10.89 -67.90 27.93
N ASN A 208 12.04 -68.33 27.40
CA ASN A 208 12.27 -68.35 25.97
C ASN A 208 11.62 -69.52 25.23
N LYS A 209 10.86 -70.34 25.95
CA LYS A 209 10.25 -71.53 25.35
C LYS A 209 9.35 -71.23 24.15
N GLU A 210 9.52 -72.01 23.09
CA GLU A 210 8.73 -71.90 21.87
C GLU A 210 8.90 -70.57 21.13
N TRP A 211 10.06 -69.95 21.29
CA TRP A 211 10.33 -68.67 20.63
C TRP A 211 10.27 -68.84 19.11
N PRO A 212 9.59 -67.90 18.41
CA PRO A 212 8.92 -66.74 18.98
C PRO A 212 7.40 -66.85 18.96
N GLU A 213 6.86 -68.07 18.95
CA GLU A 213 5.41 -68.28 18.94
C GLU A 213 4.67 -67.54 20.05
N GLY A 214 3.60 -66.86 19.69
CA GLY A 214 2.75 -66.18 20.66
C GLY A 214 3.25 -64.80 21.06
N ARG A 215 4.44 -64.43 20.61
CA ARG A 215 4.98 -63.11 20.90
C ARG A 215 4.54 -62.10 19.84
N GLY A 216 4.31 -60.86 20.25
CA GLY A 216 3.84 -59.85 19.33
C GLY A 216 3.96 -58.43 19.86
N ILE A 217 3.74 -57.46 18.98
CA ILE A 217 3.84 -56.05 19.34
C ILE A 217 2.63 -55.28 18.83
N TYR A 218 1.98 -54.56 19.74
CA TYR A 218 0.88 -53.68 19.37
C TYR A 218 1.27 -52.24 19.66
N HIS A 219 0.87 -51.33 18.79
CA HIS A 219 1.09 -49.92 19.01
C HIS A 219 0.04 -49.08 18.30
N ASN A 220 -0.39 -48.00 18.95
CA ASN A 220 -1.36 -47.09 18.34
C ASN A 220 -0.71 -46.29 17.21
N ASN A 221 -1.54 -45.66 16.39
CA ASN A 221 -1.06 -44.91 15.25
C ASN A 221 -0.18 -43.72 15.63
N ASP A 222 -0.51 -43.11 16.76
CA ASP A 222 0.26 -41.99 17.28
C ASP A 222 1.64 -42.44 17.75
N LYS A 223 1.78 -43.73 17.99
CA LYS A 223 2.98 -44.32 18.58
C LYS A 223 3.24 -43.73 19.96
N THR A 224 2.17 -43.62 20.75
CA THR A 224 2.26 -43.15 22.12
C THR A 224 1.74 -44.23 23.08
N PHE A 225 1.46 -45.40 22.51
CA PHE A 225 0.99 -46.54 23.28
C PHE A 225 1.62 -47.81 22.72
N LEU A 226 2.22 -48.61 23.59
CA LEU A 226 2.95 -49.80 23.17
C LEU A 226 2.65 -51.00 24.05
N VAL A 227 2.40 -52.15 23.41
CA VAL A 227 2.18 -53.40 24.14
C VAL A 227 3.13 -54.50 23.66
N TRP A 228 3.91 -55.02 24.58
CA TRP A 228 4.71 -56.21 24.32
C TRP A 228 3.97 -57.45 24.83
N LEU A 229 3.69 -58.37 23.92
CA LEU A 229 2.88 -59.54 24.23
C LEU A 229 3.75 -60.78 24.46
N ASN A 230 3.59 -61.38 25.63
CA ASN A 230 4.29 -62.61 25.99
C ASN A 230 5.82 -62.55 25.96
N GLU A 231 6.37 -61.44 26.44
CA GLU A 231 7.82 -61.33 26.59
C GLU A 231 8.23 -61.93 27.93
N GLU A 232 8.44 -61.07 28.93
CA GLU A 232 8.79 -61.52 30.27
C GLU A 232 7.52 -61.78 31.09
N ASP A 233 6.47 -61.04 30.76
CA ASP A 233 5.14 -61.31 31.30
C ASP A 233 4.17 -61.41 30.14
N HIS A 234 2.91 -61.76 30.42
CA HIS A 234 1.88 -61.83 29.40
C HIS A 234 1.77 -60.48 28.71
N LEU A 235 1.70 -59.43 29.52
CA LEU A 235 1.52 -58.08 29.00
C LEU A 235 2.53 -57.10 29.57
N ARG A 236 3.24 -56.41 28.70
CA ARG A 236 4.02 -55.24 29.09
C ARG A 236 3.43 -54.03 28.38
N ILE A 237 2.64 -53.25 29.13
CA ILE A 237 1.88 -52.16 28.55
C ILE A 237 2.53 -50.82 28.85
N ILE A 238 2.79 -50.05 27.79
CA ILE A 238 3.53 -48.81 27.92
C ILE A 238 2.80 -47.61 27.31
N SER A 239 2.61 -46.57 28.11
CA SER A 239 2.12 -45.30 27.60
C SER A 239 3.23 -44.26 27.73
N MET A 240 3.55 -43.60 26.63
CA MET A 240 4.66 -42.65 26.62
C MET A 240 4.48 -41.57 25.56
N GLU A 241 5.13 -40.42 25.79
CA GLU A 241 5.15 -39.33 24.83
C GLU A 241 6.19 -38.31 25.24
N LYS A 242 6.61 -37.48 24.29
CA LYS A 242 7.49 -36.37 24.60
C LYS A 242 6.72 -35.35 25.42
N GLY A 243 7.42 -34.50 26.15
CA GLY A 243 6.76 -33.49 26.96
C GLY A 243 6.53 -33.94 28.38
N SER A 244 5.61 -33.27 29.07
CA SER A 244 5.46 -33.41 30.51
C SER A 244 4.10 -33.91 30.99
N ASP A 245 3.14 -34.02 30.08
CA ASP A 245 1.77 -34.35 30.46
C ASP A 245 1.60 -35.80 30.95
N ILE A 246 2.08 -36.07 32.16
CA ILE A 246 1.95 -37.40 32.75
C ILE A 246 0.49 -37.74 33.07
N GLY A 247 -0.31 -36.71 33.31
CA GLY A 247 -1.73 -36.90 33.57
C GLY A 247 -2.42 -37.53 32.37
N SER A 248 -2.06 -37.05 31.18
CA SER A 248 -2.62 -37.57 29.94
C SER A 248 -2.09 -38.97 29.66
N VAL A 249 -0.82 -39.19 30.00
CA VAL A 249 -0.18 -40.48 29.79
C VAL A 249 -0.83 -41.57 30.64
N PHE A 250 -1.05 -41.27 31.91
CA PHE A 250 -1.66 -42.21 32.84
C PHE A 250 -3.12 -42.47 32.48
N SER A 251 -3.79 -41.44 31.97
CA SER A 251 -5.17 -41.55 31.51
C SER A 251 -5.30 -42.50 30.33
N ARG A 252 -4.38 -42.38 29.37
CA ARG A 252 -4.37 -43.23 28.19
C ARG A 252 -4.07 -44.68 28.56
N LEU A 253 -3.15 -44.85 29.51
CA LEU A 253 -2.77 -46.18 29.99
C LEU A 253 -3.94 -46.89 30.65
N CYS A 254 -4.59 -46.21 31.59
CA CYS A 254 -5.68 -46.80 32.36
C CYS A 254 -6.88 -47.15 31.50
N ARG A 255 -7.16 -46.34 30.49
CA ARG A 255 -8.26 -46.60 29.57
C ARG A 255 -8.06 -47.92 28.84
N ALA A 256 -6.80 -48.19 28.47
CA ALA A 256 -6.46 -49.41 27.76
C ALA A 256 -6.38 -50.61 28.70
N VAL A 257 -5.72 -50.41 29.85
CA VAL A 257 -5.52 -51.49 30.82
C VAL A 257 -6.85 -51.98 31.41
N ASN A 258 -7.70 -51.05 31.81
CA ASN A 258 -9.00 -51.39 32.41
C ASN A 258 -9.93 -52.09 31.43
N GLU A 259 -9.71 -51.85 30.14
CA GLU A 259 -10.51 -52.50 29.10
C GLU A 259 -10.14 -53.98 28.98
N ILE A 260 -8.84 -54.25 29.03
CA ILE A 260 -8.35 -55.62 29.01
C ILE A 260 -8.77 -56.31 30.31
N ASP A 261 -8.71 -55.57 31.40
CA ASP A 261 -9.08 -56.08 32.73
C ASP A 261 -10.52 -56.58 32.75
N LYS A 262 -11.44 -55.73 32.30
CA LYS A 262 -12.86 -56.07 32.35
C LYS A 262 -13.23 -57.22 31.42
N LYS A 263 -12.53 -57.33 30.30
CA LYS A 263 -12.82 -58.36 29.30
C LYS A 263 -12.10 -59.68 29.60
N LEU A 264 -10.93 -59.59 30.25
CA LEU A 264 -10.08 -60.76 30.42
C LEU A 264 -9.79 -61.09 31.89
N GLY A 265 -9.45 -60.07 32.68
CA GLY A 265 -9.12 -60.27 34.07
C GLY A 265 -7.64 -60.51 34.30
N PHE A 266 -7.12 -59.93 35.39
CA PHE A 266 -5.70 -60.05 35.73
C PHE A 266 -5.46 -60.93 36.96
N GLN A 267 -4.28 -61.54 37.01
CA GLN A 267 -3.86 -62.28 38.21
C GLN A 267 -3.48 -61.27 39.29
N HIS A 268 -4.12 -61.39 40.44
CA HIS A 268 -4.05 -60.35 41.46
C HIS A 268 -4.43 -60.88 42.85
N THR A 269 -3.60 -60.55 43.85
CA THR A 269 -3.90 -60.91 45.23
C THR A 269 -3.81 -59.68 46.12
N LYS A 270 -4.26 -59.83 47.36
CA LYS A 270 -4.18 -58.76 48.36
C LYS A 270 -2.74 -58.57 48.82
N LYS A 271 -2.03 -59.68 48.98
CA LYS A 271 -0.63 -59.65 49.41
C LYS A 271 0.30 -59.04 48.39
N HIS A 272 0.22 -59.53 47.15
CA HIS A 272 1.21 -59.23 46.14
C HIS A 272 0.80 -58.15 45.14
N GLY A 273 -0.48 -57.80 45.15
CA GLY A 273 -1.02 -56.95 44.10
C GLY A 273 -1.07 -57.76 42.82
N TYR A 274 -0.65 -57.16 41.71
CA TYR A 274 -0.64 -57.88 40.44
C TYR A 274 0.57 -58.79 40.32
N LEU A 275 0.31 -60.04 39.92
CA LEU A 275 1.35 -61.06 39.87
C LEU A 275 2.15 -61.01 38.57
N THR A 276 3.47 -61.04 38.71
CA THR A 276 4.37 -61.04 37.57
C THR A 276 5.40 -62.15 37.71
N SER A 277 6.13 -62.44 36.63
CA SER A 277 7.12 -63.51 36.64
C SER A 277 8.24 -63.22 37.63
N CYS A 278 8.82 -62.03 37.54
CA CYS A 278 9.84 -61.60 38.49
C CYS A 278 9.18 -60.88 39.67
N PRO A 279 9.53 -61.29 40.91
CA PRO A 279 8.98 -60.69 42.13
C PRO A 279 9.26 -59.19 42.24
N SER A 280 10.24 -58.70 41.50
CA SER A 280 10.58 -57.28 41.53
C SER A 280 9.47 -56.43 40.92
N ASN A 281 8.60 -57.07 40.13
CA ASN A 281 7.54 -56.36 39.43
C ASN A 281 6.14 -56.55 40.03
N LEU A 282 6.08 -56.96 41.29
CA LEU A 282 4.78 -57.18 41.95
C LEU A 282 4.10 -55.85 42.28
N GLY A 283 2.93 -55.95 42.91
CA GLY A 283 2.20 -54.76 43.32
C GLY A 283 1.56 -54.01 42.19
N THR A 284 2.12 -52.85 41.87
CA THR A 284 1.65 -52.00 40.80
C THR A 284 2.13 -52.55 39.46
N GLY A 285 3.29 -53.19 39.48
CA GLY A 285 3.94 -53.66 38.26
C GLY A 285 4.39 -52.48 37.44
N MET A 286 4.53 -51.33 38.10
CA MET A 286 4.70 -50.07 37.40
C MET A 286 6.12 -49.52 37.45
N ARG A 287 6.56 -48.97 36.31
CA ARG A 287 7.70 -48.07 36.29
C ARG A 287 7.31 -46.77 35.61
N ALA A 288 7.22 -45.70 36.39
CA ALA A 288 6.92 -44.38 35.86
C ALA A 288 8.23 -43.59 35.75
N SER A 289 8.48 -43.00 34.59
CA SER A 289 9.73 -42.26 34.39
C SER A 289 9.54 -40.94 33.66
N VAL A 290 10.36 -39.95 34.03
CA VAL A 290 10.37 -38.65 33.38
C VAL A 290 11.82 -38.22 33.14
N HIS A 291 12.11 -37.75 31.93
CA HIS A 291 13.41 -37.17 31.62
C HIS A 291 13.33 -35.66 31.74
N VAL A 292 14.16 -35.09 32.61
CA VAL A 292 14.11 -33.65 32.86
C VAL A 292 15.51 -33.06 33.04
N LYS A 293 15.76 -31.95 32.34
CA LYS A 293 17.03 -31.24 32.46
C LYS A 293 17.03 -30.41 33.74
N ILE A 294 17.78 -30.85 34.73
CA ILE A 294 17.68 -30.27 36.07
C ILE A 294 19.05 -29.99 36.75
N PRO A 295 20.00 -29.38 36.01
CA PRO A 295 21.40 -29.29 36.48
C PRO A 295 21.58 -28.53 37.79
N HIS A 296 20.86 -27.42 37.95
CA HIS A 296 21.02 -26.57 39.13
C HIS A 296 20.45 -27.20 40.39
N ALA A 297 19.40 -27.99 40.23
CA ALA A 297 18.73 -28.59 41.38
C ALA A 297 19.55 -29.72 42.00
N LYS A 298 20.40 -30.34 41.19
CA LYS A 298 21.25 -31.42 41.67
C LYS A 298 22.22 -30.89 42.73
N GLU A 299 22.79 -29.72 42.47
CA GLU A 299 23.71 -29.08 43.38
C GLU A 299 23.02 -28.66 44.68
N HIS A 300 21.70 -28.46 44.59
CA HIS A 300 20.91 -27.95 45.70
C HIS A 300 20.87 -28.92 46.88
N PRO A 301 21.00 -28.40 48.11
CA PRO A 301 21.02 -29.20 49.35
C PRO A 301 19.73 -29.96 49.65
N ASP A 302 18.59 -29.50 49.11
CA ASP A 302 17.31 -30.15 49.36
C ASP A 302 16.96 -31.19 48.28
N PHE A 303 17.92 -31.43 47.38
CA PHE A 303 17.72 -32.34 46.26
C PHE A 303 17.43 -33.77 46.73
N GLU A 304 18.34 -34.31 47.56
CA GLU A 304 18.20 -35.67 48.06
C GLU A 304 16.97 -35.87 48.93
N ASN A 305 16.61 -34.83 49.68
CA ASN A 305 15.44 -34.89 50.56
C ASN A 305 14.13 -34.99 49.80
N ILE A 306 14.07 -34.37 48.62
CA ILE A 306 12.88 -34.45 47.79
C ILE A 306 12.72 -35.86 47.21
N LEU A 307 13.83 -36.44 46.76
CA LEU A 307 13.82 -37.80 46.24
C LEU A 307 13.37 -38.79 47.31
N THR A 308 13.93 -38.65 48.51
CA THR A 308 13.58 -39.51 49.64
C THR A 308 12.11 -39.37 50.01
N LYS A 309 11.65 -38.12 50.08
CA LYS A 309 10.28 -37.82 50.47
C LYS A 309 9.24 -38.49 49.57
N TYR A 310 9.45 -38.42 48.26
CA TYR A 310 8.50 -38.95 47.30
C TYR A 310 8.88 -40.35 46.82
N HIS A 311 9.92 -40.92 47.43
CA HIS A 311 10.39 -42.26 47.11
C HIS A 311 10.72 -42.41 45.63
N ILE A 312 11.40 -41.41 45.08
CA ILE A 312 11.84 -41.48 43.68
C ILE A 312 13.36 -41.42 43.60
N GLN A 313 13.91 -41.81 42.46
CA GLN A 313 15.35 -41.82 42.28
C GLN A 313 15.74 -41.06 41.01
N ALA A 314 16.98 -40.57 40.98
CA ALA A 314 17.47 -39.81 39.84
C ALA A 314 18.75 -40.42 39.27
N ARG A 315 18.71 -40.78 37.99
CA ARG A 315 19.87 -41.31 37.29
C ARG A 315 20.15 -40.54 36.01
N GLY A 316 21.42 -40.17 35.81
CA GLY A 316 21.82 -39.49 34.60
C GLY A 316 21.93 -40.41 33.41
N ILE A 317 21.65 -39.87 32.22
CA ILE A 317 21.76 -40.64 30.99
C ILE A 317 22.44 -39.82 29.90
N GLU A 327 24.57 -33.37 24.66
CA GLU A 327 23.15 -33.53 24.32
C GLU A 327 22.27 -33.47 25.57
N ASP A 328 22.35 -34.53 26.38
CA ASP A 328 21.52 -34.63 27.58
C ASP A 328 22.30 -34.27 28.83
N ALA A 329 23.10 -33.21 28.75
CA ALA A 329 23.85 -32.72 29.90
C ALA A 329 22.92 -32.02 30.88
N GLY A 330 22.90 -32.52 32.12
CA GLY A 330 22.02 -31.99 33.15
C GLY A 330 20.66 -32.66 33.14
N VAL A 331 20.50 -33.61 32.22
CA VAL A 331 19.26 -34.37 32.08
C VAL A 331 19.28 -35.61 32.97
N TYR A 332 18.18 -35.83 33.69
CA TYR A 332 18.08 -36.96 34.59
C TYR A 332 16.82 -37.79 34.34
N ASP A 333 16.95 -39.10 34.49
CA ASP A 333 15.81 -39.98 34.45
C ASP A 333 15.26 -40.15 35.87
N ILE A 334 14.12 -39.53 36.13
CA ILE A 334 13.47 -39.66 37.43
C ILE A 334 12.49 -40.81 37.35
N SER A 335 12.47 -41.65 38.39
CA SER A 335 11.58 -42.80 38.39
C SER A 335 11.20 -43.27 39.79
N ASN A 336 10.12 -44.02 39.87
CA ASN A 336 9.63 -44.57 41.13
C ASN A 336 10.53 -45.70 41.62
N ARG A 337 10.59 -45.88 42.93
CA ARG A 337 11.38 -46.95 43.53
C ARG A 337 10.51 -47.97 44.27
N ARG A 338 9.23 -47.68 44.41
CA ARG A 338 8.30 -48.56 45.10
C ARG A 338 7.19 -49.09 44.19
N ARG A 339 6.82 -50.35 44.40
CA ARG A 339 5.74 -50.98 43.62
C ARG A 339 4.71 -51.60 44.55
N LEU A 340 5.12 -51.90 45.77
CA LEU A 340 4.24 -52.49 46.77
C LEU A 340 4.01 -51.55 47.96
N GLY A 341 2.76 -51.39 48.35
CA GLY A 341 2.41 -50.56 49.48
C GLY A 341 1.75 -49.25 49.06
N LEU A 342 1.91 -48.91 47.78
CA LEU A 342 1.26 -47.73 47.21
C LEU A 342 0.50 -48.14 45.94
N SER A 343 -0.56 -47.40 45.63
CA SER A 343 -1.37 -47.70 44.45
C SER A 343 -0.73 -47.11 43.19
N GLU A 344 -1.27 -47.45 42.03
CA GLU A 344 -0.80 -46.88 40.78
C GLU A 344 -1.05 -45.38 40.76
N VAL A 345 -2.20 -44.97 41.27
CA VAL A 345 -2.54 -43.56 41.39
C VAL A 345 -1.56 -42.84 42.30
N GLN A 346 -1.21 -43.48 43.41
CA GLN A 346 -0.28 -42.90 44.38
C GLN A 346 1.13 -42.82 43.82
N CYS A 347 1.51 -43.79 43.02
CA CYS A 347 2.82 -43.81 42.37
C CYS A 347 2.97 -42.64 41.40
N VAL A 348 1.91 -42.39 40.63
CA VAL A 348 1.91 -41.31 39.66
C VAL A 348 1.89 -39.95 40.34
N GLN A 349 1.14 -39.86 41.45
CA GLN A 349 1.03 -38.60 42.19
C GLN A 349 2.34 -38.19 42.84
N ASP A 350 3.04 -39.16 43.45
CA ASP A 350 4.37 -38.91 44.00
C ASP A 350 5.31 -38.50 42.90
N MET A 351 5.14 -39.14 41.74
CA MET A 351 5.95 -38.87 40.56
C MET A 351 5.73 -37.44 40.13
N TYR A 352 4.46 -37.05 40.05
CA TYR A 352 4.08 -35.69 39.66
C TYR A 352 4.61 -34.64 40.64
N ASP A 353 4.30 -34.84 41.92
CA ASP A 353 4.69 -33.90 42.97
C ASP A 353 6.20 -33.80 43.11
N GLY A 354 6.88 -34.95 42.97
CA GLY A 354 8.32 -35.00 43.07
C GLY A 354 9.00 -34.22 41.97
N VAL A 355 8.56 -34.42 40.73
CA VAL A 355 9.10 -33.71 39.59
C VAL A 355 8.82 -32.21 39.71
N LYS A 356 7.62 -31.89 40.15
CA LYS A 356 7.21 -30.50 40.35
C LYS A 356 8.14 -29.79 41.33
N ALA A 357 8.45 -30.47 42.42
CA ALA A 357 9.33 -29.93 43.46
C ALA A 357 10.74 -29.74 42.92
N LEU A 358 11.23 -30.74 42.17
CA LEU A 358 12.54 -30.67 41.56
C LEU A 358 12.62 -29.53 40.53
N MET A 359 11.55 -29.38 39.76
CA MET A 359 11.49 -28.35 38.73
C MET A 359 11.48 -26.96 39.34
N GLU A 360 10.86 -26.82 40.50
CA GLU A 360 10.80 -25.55 41.21
C GLU A 360 12.18 -25.12 41.73
N LEU A 361 13.02 -26.10 42.05
CA LEU A 361 14.39 -25.81 42.45
C LEU A 361 15.16 -25.22 41.27
N GLU A 362 15.04 -25.89 40.13
CA GLU A 362 15.72 -25.45 38.90
C GLU A 362 15.24 -24.07 38.47
N LYS A 363 13.94 -23.84 38.66
CA LYS A 363 13.34 -22.56 38.30
C LYS A 363 13.86 -21.41 39.17
N GLU A 364 13.96 -21.65 40.48
CA GLU A 364 14.45 -20.64 41.40
C GLU A 364 15.89 -20.22 41.07
N ALA A 365 16.71 -21.20 40.74
CA ALA A 365 18.12 -20.96 40.42
C ALA A 365 18.27 -20.11 39.16
N ILE A 366 17.52 -20.47 38.12
CA ILE A 366 17.54 -19.73 36.87
C ILE A 366 16.99 -18.31 37.04
N ALA A 367 15.94 -18.18 37.85
CA ALA A 367 15.33 -16.89 38.12
C ALA A 367 16.31 -15.95 38.81
N LYS A 368 17.10 -16.49 39.74
CA LYS A 368 18.09 -15.72 40.47
C LYS A 368 19.17 -15.14 39.56
N LYS A 369 19.71 -15.97 38.68
CA LYS A 369 20.76 -15.52 37.76
C LYS A 369 20.22 -14.63 36.64
N ARG A 370 18.93 -14.76 36.35
CA ARG A 370 18.28 -13.93 35.34
C ARG A 370 17.78 -12.61 35.93
N SER A 371 17.92 -12.48 37.25
CA SER A 371 17.43 -11.30 37.97
C SER A 371 18.33 -10.09 37.75
N VAL A 372 19.60 -10.34 37.47
CA VAL A 372 20.58 -9.27 37.32
C VAL A 372 20.96 -9.06 35.84
N PHE A 373 21.54 -7.92 35.52
CA PHE A 373 22.02 -7.63 34.18
C PHE A 373 23.07 -8.67 33.77
N PRO A 374 22.94 -9.24 32.57
CA PRO A 374 23.90 -10.20 32.03
C PRO A 374 25.30 -9.61 32.01
N GLU A 375 26.05 -9.81 33.09
CA GLU A 375 27.40 -9.26 33.25
C GLU A 375 28.31 -9.55 32.06
N VAL A 376 28.04 -10.66 31.37
CA VAL A 376 28.86 -11.08 30.23
C VAL A 376 28.70 -10.13 29.04
N LEU A 377 27.65 -9.30 29.07
CA LEU A 377 27.41 -8.34 28.00
C LEU A 377 28.20 -7.05 28.21
N LYS A 378 28.88 -6.93 29.34
CA LYS A 378 29.62 -5.71 29.64
C LYS A 378 30.97 -5.67 28.94
N ASN A 379 31.44 -6.83 28.49
CA ASN A 379 32.64 -6.93 27.68
C ASN A 379 32.54 -6.10 26.41
N PRO A 380 33.44 -5.11 26.25
CA PRO A 380 33.43 -4.16 25.12
C PRO A 380 33.65 -4.83 23.76
N GLU A 381 34.17 -6.05 23.73
CA GLU A 381 34.45 -6.71 22.47
C GLU A 381 33.24 -7.49 21.93
N VAL A 382 32.14 -7.44 22.68
CA VAL A 382 30.88 -7.99 22.20
C VAL A 382 30.20 -6.93 21.33
N LYS A 383 30.11 -7.20 20.03
CA LYS A 383 29.58 -6.22 19.09
C LYS A 383 28.22 -6.61 18.53
N SER A 384 27.46 -7.39 19.29
CA SER A 384 26.12 -7.82 18.86
C SER A 384 25.13 -6.66 18.96
N LEU A 385 24.03 -6.75 18.22
CA LEU A 385 22.96 -5.76 18.29
C LEU A 385 22.31 -5.77 19.67
N LEU A 386 22.36 -6.94 20.31
CA LEU A 386 21.84 -7.10 21.66
C LEU A 386 22.57 -6.20 22.64
N ARG A 387 23.90 -6.24 22.61
CA ARG A 387 24.70 -5.42 23.51
C ARG A 387 24.55 -3.94 23.20
N LYS A 388 24.44 -3.63 21.92
CA LYS A 388 24.34 -2.24 21.46
C LYS A 388 23.13 -1.51 22.04
N TYR A 389 22.01 -2.22 22.15
CA TYR A 389 20.76 -1.59 22.55
C TYR A 389 20.23 -1.98 23.93
N LEU A 390 20.78 -3.05 24.51
CA LEU A 390 20.32 -3.46 25.84
C LEU A 390 21.13 -2.77 26.93
N THR A 391 20.74 -1.54 27.24
CA THR A 391 21.33 -0.82 28.36
C THR A 391 20.77 -1.41 29.65
N PRO A 392 21.52 -1.29 30.76
CA PRO A 392 21.03 -1.76 32.06
C PRO A 392 19.74 -1.04 32.46
N GLU A 393 19.57 0.19 32.00
CA GLU A 393 18.34 0.94 32.22
C GLU A 393 17.17 0.23 31.55
N LEU A 394 17.34 -0.08 30.27
CA LEU A 394 16.30 -0.73 29.48
C LEU A 394 16.00 -2.13 30.02
N PHE A 395 17.07 -2.85 30.38
CA PHE A 395 16.94 -4.19 30.93
C PHE A 395 16.10 -4.17 32.21
N ASP A 396 16.42 -3.25 33.11
CA ASP A 396 15.73 -3.14 34.39
C ASP A 396 14.24 -2.81 34.25
N SER A 397 13.90 -2.02 33.24
CA SER A 397 12.52 -1.59 33.03
C SER A 397 11.65 -2.67 32.39
N LEU A 398 12.28 -3.67 31.76
CA LEU A 398 11.55 -4.70 31.05
C LEU A 398 11.66 -6.08 31.71
N LYS A 399 12.65 -6.27 32.57
CA LYS A 399 13.04 -7.58 33.05
C LYS A 399 11.97 -8.39 33.78
N ASP A 400 10.89 -7.74 34.19
CA ASP A 400 9.86 -8.42 34.99
C ASP A 400 8.51 -8.60 34.29
N LYS A 401 8.40 -8.14 33.06
CA LYS A 401 7.18 -8.34 32.29
C LYS A 401 7.20 -9.68 31.57
N LYS A 402 6.02 -10.23 31.33
CA LYS A 402 5.89 -11.46 30.57
C LYS A 402 4.69 -11.40 29.63
N THR A 403 4.84 -11.98 28.45
CA THR A 403 3.72 -12.03 27.50
C THR A 403 2.63 -12.97 28.01
N ALA A 404 1.52 -13.02 27.29
CA ALA A 404 0.39 -13.87 27.67
C ALA A 404 0.75 -15.35 27.62
N LYS A 405 1.81 -15.67 26.87
CA LYS A 405 2.26 -17.05 26.71
C LYS A 405 3.49 -17.36 27.54
N GLY A 406 3.84 -16.43 28.44
CA GLY A 406 4.90 -16.66 29.41
C GLY A 406 6.31 -16.36 28.91
N ILE A 407 6.41 -15.57 27.86
CA ILE A 407 7.72 -15.18 27.33
C ILE A 407 8.24 -13.93 28.04
N SER A 408 9.50 -13.99 28.47
CA SER A 408 10.13 -12.85 29.13
C SER A 408 11.23 -12.26 28.27
N LEU A 409 11.76 -11.12 28.69
CA LEU A 409 12.85 -10.47 27.98
C LEU A 409 14.06 -11.39 27.89
N TYR A 410 14.34 -12.10 28.98
CA TYR A 410 15.51 -12.97 29.05
C TYR A 410 15.40 -14.15 28.09
N ASP A 411 14.17 -14.62 27.90
CA ASP A 411 13.90 -15.67 26.92
C ASP A 411 14.31 -15.17 25.53
N CYS A 412 13.99 -13.91 25.26
CA CYS A 412 14.27 -13.30 23.96
C CYS A 412 15.75 -13.08 23.69
N ILE A 413 16.50 -12.73 24.74
CA ILE A 413 17.90 -12.34 24.59
C ILE A 413 18.86 -13.48 24.94
N ASN A 414 18.30 -14.60 25.39
CA ASN A 414 19.10 -15.72 25.91
C ASN A 414 20.18 -16.23 24.95
N SER A 415 19.86 -16.28 23.66
CA SER A 415 20.78 -16.81 22.66
C SER A 415 21.95 -15.85 22.48
N GLY A 416 21.67 -14.55 22.57
CA GLY A 416 22.69 -13.53 22.46
C GLY A 416 23.58 -13.49 23.69
N VAL A 417 23.05 -13.94 24.81
CA VAL A 417 23.82 -14.02 26.04
C VAL A 417 24.73 -15.25 26.02
N GLU A 418 24.14 -16.40 25.69
CA GLU A 418 24.87 -17.65 25.62
C GLU A 418 25.90 -17.66 24.48
N ASN A 419 25.50 -17.11 23.34
CA ASN A 419 26.42 -17.01 22.20
C ASN A 419 26.87 -15.57 22.00
N LEU A 420 28.01 -15.22 22.61
CA LEU A 420 28.53 -13.86 22.59
C LEU A 420 28.92 -13.37 21.20
N ASP A 421 29.07 -14.30 20.26
CA ASP A 421 29.49 -13.95 18.90
C ASP A 421 28.31 -13.80 17.96
N SER A 422 27.12 -13.65 18.54
CA SER A 422 25.91 -13.45 17.74
C SER A 422 26.00 -12.09 17.06
N SER A 423 25.40 -11.96 15.88
CA SER A 423 25.32 -10.67 15.21
C SER A 423 24.19 -9.87 15.81
N CYS A 424 23.06 -10.54 16.02
CA CYS A 424 21.88 -9.92 16.61
C CYS A 424 21.68 -10.42 18.04
N GLY A 425 21.35 -11.69 18.17
CA GLY A 425 21.24 -12.33 19.47
C GLY A 425 19.89 -12.17 20.15
N VAL A 426 18.87 -11.81 19.39
CA VAL A 426 17.53 -11.63 19.95
C VAL A 426 16.47 -12.35 19.11
N TYR A 427 15.64 -13.13 19.78
CA TYR A 427 14.56 -13.87 19.13
C TYR A 427 13.21 -13.55 19.78
N ALA A 428 12.13 -13.62 19.00
CA ALA A 428 10.80 -13.39 19.53
C ALA A 428 10.05 -14.71 19.76
N GLY A 429 9.50 -14.88 20.96
CA GLY A 429 8.77 -16.09 21.30
C GLY A 429 7.36 -16.09 20.74
N ASP A 430 6.73 -14.91 20.77
CA ASP A 430 5.41 -14.73 20.18
C ASP A 430 5.24 -13.32 19.63
N GLU A 431 4.07 -13.04 19.06
CA GLU A 431 3.79 -11.73 18.49
C GLU A 431 3.91 -10.61 19.52
N GLU A 432 3.41 -10.87 20.72
CA GLU A 432 3.39 -9.86 21.79
C GLU A 432 4.78 -9.35 22.15
N CYS A 433 5.80 -10.16 21.88
CA CYS A 433 7.18 -9.78 22.16
C CYS A 433 7.60 -8.53 21.39
N TYR A 434 7.07 -8.38 20.18
CA TYR A 434 7.40 -7.23 19.34
C TYR A 434 6.77 -5.94 19.85
N THR A 435 5.80 -6.07 20.75
CA THR A 435 5.14 -4.92 21.36
C THR A 435 5.59 -4.74 22.81
N LEU A 436 5.50 -5.82 23.59
CA LEU A 436 5.85 -5.78 25.00
C LEU A 436 7.31 -5.41 25.22
N PHE A 437 8.19 -5.87 24.32
CA PHE A 437 9.61 -5.57 24.42
C PHE A 437 10.06 -4.69 23.26
N ALA A 438 9.11 -3.89 22.76
CA ALA A 438 9.39 -2.92 21.69
C ALA A 438 10.60 -1.99 21.94
N PRO A 439 10.81 -1.54 23.20
CA PRO A 439 12.03 -0.76 23.46
C PRO A 439 13.33 -1.42 22.96
N LEU A 440 13.38 -2.75 22.99
CA LEU A 440 14.54 -3.46 22.48
C LEU A 440 14.35 -3.82 21.00
N PHE A 441 13.21 -4.39 20.68
CA PHE A 441 12.93 -4.89 19.33
C PHE A 441 12.89 -3.79 18.26
N ASP A 442 12.28 -2.66 18.58
CA ASP A 442 12.17 -1.56 17.62
C ASP A 442 13.55 -1.12 17.12
N LYS A 443 14.49 -0.99 18.05
CA LYS A 443 15.83 -0.54 17.71
C LYS A 443 16.60 -1.59 16.91
N ILE A 444 16.36 -2.86 17.19
CA ILE A 444 17.03 -3.96 16.50
C ILE A 444 16.48 -4.13 15.09
N VAL A 445 15.16 -4.06 14.95
CA VAL A 445 14.52 -4.13 13.65
C VAL A 445 15.01 -3.01 12.73
N GLU A 446 14.95 -1.78 13.22
CA GLU A 446 15.32 -0.63 12.41
C GLU A 446 16.82 -0.55 12.12
N ASP A 447 17.63 -1.22 12.94
CA ASP A 447 19.07 -1.26 12.71
C ASP A 447 19.39 -2.25 11.58
N TYR A 448 18.94 -3.49 11.74
CA TYR A 448 19.22 -4.53 10.77
C TYR A 448 18.54 -4.26 9.44
N HIS A 449 17.31 -3.73 9.50
CA HIS A 449 16.51 -3.48 8.31
C HIS A 449 16.60 -2.03 7.85
N SER A 450 17.62 -1.31 8.32
CA SER A 450 17.87 0.07 7.88
C SER A 450 17.89 0.13 6.36
N PRO A 451 17.33 1.20 5.77
CA PRO A 451 16.81 2.41 6.41
C PRO A 451 15.33 2.37 6.77
N TYR A 452 14.73 1.19 6.88
CA TYR A 452 13.29 1.09 7.16
C TYR A 452 12.94 1.63 8.54
N LYS A 453 11.89 2.43 8.60
CA LYS A 453 11.33 2.88 9.88
C LYS A 453 9.98 2.24 10.12
N LEU A 454 9.73 1.84 11.36
CA LEU A 454 8.50 1.13 11.72
C LEU A 454 7.26 1.95 11.47
N ALA A 455 7.41 3.28 11.52
CA ALA A 455 6.29 4.17 11.28
C ALA A 455 5.84 4.16 9.82
N ASN A 456 6.78 3.89 8.91
CA ASN A 456 6.48 3.77 7.49
C ASN A 456 5.43 2.68 7.25
N LYS A 457 5.49 1.65 8.09
CA LYS A 457 4.66 0.46 7.96
C LYS A 457 4.97 -0.31 6.68
N HIS A 458 4.38 -1.50 6.55
CA HIS A 458 4.79 -2.44 5.53
C HIS A 458 3.62 -2.97 4.71
N THR A 459 3.84 -3.12 3.40
CA THR A 459 2.79 -3.60 2.50
C THR A 459 3.13 -4.97 1.92
N SER A 460 2.26 -5.94 2.16
CA SER A 460 2.42 -7.27 1.60
C SER A 460 1.65 -7.39 0.29
N ASP A 461 2.26 -8.03 -0.70
CA ASP A 461 1.64 -8.21 -2.00
C ASP A 461 2.06 -9.52 -2.65
N MET A 462 1.13 -10.49 -2.65
CA MET A 462 1.39 -11.79 -3.26
C MET A 462 0.53 -11.99 -4.50
N ASN A 463 0.45 -10.95 -5.33
CA ASN A 463 -0.23 -11.03 -6.61
C ASN A 463 0.81 -11.05 -7.73
N PRO A 464 1.05 -12.24 -8.33
CA PRO A 464 2.10 -12.42 -9.33
C PRO A 464 1.85 -11.68 -10.64
N GLU A 465 0.60 -11.29 -10.89
CA GLU A 465 0.25 -10.60 -12.13
C GLU A 465 0.72 -9.15 -12.12
N LYS A 466 1.08 -8.66 -10.94
CA LYS A 466 1.59 -7.30 -10.80
C LYS A 466 3.09 -7.24 -11.07
N VAL A 467 3.67 -8.38 -11.40
CA VAL A 467 5.07 -8.46 -11.80
C VAL A 467 5.17 -8.64 -13.31
N ASP A 468 5.91 -7.74 -13.95
CA ASP A 468 6.13 -7.81 -15.39
C ASP A 468 7.49 -8.43 -15.68
N ALA A 469 7.51 -9.72 -15.93
CA ALA A 469 8.77 -10.44 -16.10
C ALA A 469 8.81 -11.38 -17.30
N PRO A 470 8.91 -10.83 -18.52
CA PRO A 470 9.17 -11.69 -19.67
C PRO A 470 10.54 -12.33 -19.55
N ASN A 471 10.63 -13.63 -19.83
CA ASN A 471 11.84 -14.41 -19.59
C ASN A 471 13.11 -13.81 -20.19
N LEU A 472 14.14 -13.65 -19.35
CA LEU A 472 15.39 -13.01 -19.75
C LEU A 472 16.28 -13.93 -20.57
N ASP A 473 16.68 -15.05 -19.98
CA ASP A 473 17.55 -16.01 -20.65
C ASP A 473 16.89 -17.38 -20.80
N PRO A 474 16.11 -17.55 -21.88
CA PRO A 474 15.49 -18.85 -22.19
C PRO A 474 16.52 -19.82 -22.75
N GLU A 475 17.63 -19.30 -23.26
CA GLU A 475 18.71 -20.13 -23.77
C GLU A 475 19.32 -20.94 -22.64
N GLY A 476 19.47 -20.32 -21.47
CA GLY A 476 20.07 -20.97 -20.32
C GLY A 476 21.56 -20.76 -20.29
N THR A 477 22.03 -19.73 -20.98
CA THR A 477 23.46 -19.46 -21.11
C THR A 477 24.02 -18.78 -19.87
N TYR A 478 23.26 -17.83 -19.33
CA TYR A 478 23.74 -17.00 -18.23
C TYR A 478 23.13 -17.41 -16.89
N ILE A 479 21.81 -17.58 -16.86
CA ILE A 479 21.11 -17.92 -15.64
C ILE A 479 20.82 -19.41 -15.59
N ARG A 480 21.49 -20.11 -14.67
CA ARG A 480 21.32 -21.55 -14.52
C ARG A 480 20.08 -21.88 -13.69
N SER A 481 19.87 -21.14 -12.60
CA SER A 481 18.74 -21.39 -11.72
C SER A 481 18.12 -20.14 -11.10
N THR A 482 16.86 -20.26 -10.71
CA THR A 482 16.15 -19.17 -10.04
C THR A 482 15.39 -19.77 -8.85
N ARG A 483 15.45 -19.08 -7.72
CA ARG A 483 14.89 -19.62 -6.49
C ARG A 483 14.30 -18.53 -5.59
N ILE A 484 13.05 -18.70 -5.18
CA ILE A 484 12.41 -17.73 -4.29
C ILE A 484 11.85 -18.42 -3.04
N ARG A 485 12.35 -18.01 -1.88
CA ARG A 485 11.90 -18.57 -0.61
C ARG A 485 11.12 -17.52 0.17
N VAL A 486 10.10 -17.96 0.90
CA VAL A 486 9.42 -17.10 1.87
C VAL A 486 9.31 -17.82 3.21
N ALA A 487 9.53 -17.09 4.29
CA ALA A 487 9.33 -17.61 5.64
C ALA A 487 7.97 -17.15 6.15
N ARG A 488 7.23 -18.08 6.72
CA ARG A 488 5.88 -17.78 7.20
C ARG A 488 5.61 -18.48 8.53
N ASN A 489 4.74 -17.88 9.33
CA ASN A 489 4.28 -18.50 10.58
C ASN A 489 2.76 -18.51 10.66
N VAL A 490 2.21 -19.63 11.13
CA VAL A 490 0.77 -19.84 11.16
C VAL A 490 0.08 -19.00 12.23
N LYS A 491 -0.99 -18.30 11.84
CA LYS A 491 -1.75 -17.43 12.74
C LYS A 491 -2.47 -18.24 13.82
N GLY A 492 -2.46 -17.72 15.04
CA GLY A 492 -3.17 -18.36 16.15
C GLY A 492 -2.24 -19.01 17.15
N TYR A 493 -0.94 -19.03 16.81
CA TYR A 493 0.04 -19.70 17.66
C TYR A 493 1.17 -18.75 18.07
N ALA A 494 2.03 -19.24 18.95
CA ALA A 494 3.25 -18.52 19.28
C ALA A 494 4.19 -18.63 18.10
N LEU A 495 5.33 -17.94 18.18
CA LEU A 495 6.37 -18.13 17.19
C LEU A 495 7.19 -19.36 17.58
N THR A 496 8.04 -19.81 16.67
CA THR A 496 8.84 -21.02 16.89
C THR A 496 9.55 -21.14 18.25
N PRO A 497 10.26 -20.08 18.70
CA PRO A 497 10.96 -20.22 19.99
C PRO A 497 10.03 -20.45 21.19
N GLY A 498 8.76 -20.07 21.07
CA GLY A 498 7.83 -20.15 22.17
C GLY A 498 6.72 -21.17 22.01
N LEU A 499 6.87 -22.07 21.04
CA LEU A 499 5.88 -23.11 20.79
C LEU A 499 5.80 -24.11 21.94
N THR A 500 4.58 -24.49 22.31
CA THR A 500 4.37 -25.59 23.24
C THR A 500 4.31 -26.87 22.40
N ARG A 501 4.39 -28.02 23.07
CA ARG A 501 4.38 -29.31 22.35
C ARG A 501 3.16 -29.48 21.45
N ASN A 502 1.99 -29.22 22.01
CA ASN A 502 0.74 -29.44 21.30
C ASN A 502 0.47 -28.41 20.20
N GLU A 503 1.11 -27.25 20.31
CA GLU A 503 1.04 -26.24 19.27
C GLU A 503 1.79 -26.71 18.04
N ARG A 504 3.02 -27.17 18.24
CA ARG A 504 3.89 -27.63 17.17
C ARG A 504 3.27 -28.80 16.42
N LEU A 505 2.64 -29.71 17.17
CA LEU A 505 1.95 -30.85 16.58
C LEU A 505 0.68 -30.44 15.85
N ASP A 506 0.04 -29.37 16.32
CA ASP A 506 -1.14 -28.84 15.67
C ASP A 506 -0.76 -28.17 14.36
N ILE A 507 0.34 -27.41 14.40
CA ILE A 507 0.84 -26.73 13.21
C ILE A 507 1.20 -27.72 12.11
N GLU A 508 1.89 -28.80 12.48
CA GLU A 508 2.23 -29.85 11.52
C GLU A 508 0.98 -30.47 10.91
N ARG A 509 0.03 -30.83 11.77
CA ARG A 509 -1.19 -31.49 11.32
C ARG A 509 -1.96 -30.67 10.29
N LYS A 510 -2.22 -29.41 10.63
CA LYS A 510 -3.01 -28.54 9.77
C LYS A 510 -2.28 -28.18 8.47
N VAL A 511 -0.97 -27.94 8.56
CA VAL A 511 -0.18 -27.63 7.37
C VAL A 511 -0.11 -28.83 6.43
N VAL A 512 0.16 -30.01 7.00
CA VAL A 512 0.16 -31.25 6.23
C VAL A 512 -1.21 -31.48 5.57
N GLY A 513 -2.26 -31.13 6.29
CA GLY A 513 -3.62 -31.26 5.78
C GLY A 513 -3.88 -30.38 4.57
N VAL A 514 -3.25 -29.20 4.56
CA VAL A 514 -3.42 -28.26 3.45
C VAL A 514 -2.57 -28.65 2.24
N LEU A 515 -1.32 -29.02 2.50
CA LEU A 515 -0.39 -29.41 1.44
C LEU A 515 -0.85 -30.65 0.66
N SER A 516 -1.56 -31.54 1.34
CA SER A 516 -2.02 -32.78 0.71
C SER A 516 -3.19 -32.51 -0.24
N SER A 517 -3.90 -31.40 -0.03
CA SER A 517 -5.05 -31.04 -0.85
C SER A 517 -4.61 -30.28 -2.10
N LEU A 518 -3.31 -30.05 -2.23
CA LEU A 518 -2.75 -29.33 -3.36
C LEU A 518 -2.74 -30.18 -4.62
N THR A 519 -3.21 -29.60 -5.72
CA THR A 519 -3.31 -30.31 -6.99
C THR A 519 -2.46 -29.68 -8.08
N GLY A 520 -2.52 -30.27 -9.27
CA GLY A 520 -1.82 -29.76 -10.43
C GLY A 520 -0.31 -29.73 -10.29
N ASP A 521 0.27 -28.53 -10.38
CA ASP A 521 1.71 -28.35 -10.31
C ASP A 521 2.27 -28.71 -8.94
N LEU A 522 1.43 -28.61 -7.91
CA LEU A 522 1.89 -28.62 -6.53
C LEU A 522 1.62 -29.91 -5.75
N ALA A 523 1.01 -30.89 -6.41
CA ALA A 523 0.74 -32.17 -5.77
C ALA A 523 2.03 -32.89 -5.37
N GLY A 524 2.05 -33.45 -4.16
CA GLY A 524 3.23 -34.13 -3.67
C GLY A 524 2.96 -34.97 -2.42
N GLN A 525 4.02 -35.28 -1.68
CA GLN A 525 3.89 -36.06 -0.45
C GLN A 525 4.73 -35.50 0.68
N TYR A 526 4.44 -35.95 1.89
CA TYR A 526 5.05 -35.41 3.10
C TYR A 526 5.96 -36.43 3.79
N TYR A 527 7.18 -36.00 4.11
CA TYR A 527 8.11 -36.84 4.85
C TYR A 527 8.39 -36.25 6.23
N PRO A 528 7.74 -36.79 7.27
CA PRO A 528 8.09 -36.35 8.63
C PRO A 528 9.49 -36.83 9.00
N LEU A 529 10.19 -36.08 9.84
CA LEU A 529 11.53 -36.45 10.27
C LEU A 529 11.48 -37.56 11.32
N THR A 530 10.37 -37.62 12.05
CA THR A 530 10.18 -38.65 13.07
C THR A 530 9.88 -39.99 12.42
N GLY A 531 10.75 -40.97 12.67
CA GLY A 531 10.57 -42.31 12.14
C GLY A 531 10.88 -42.41 10.66
N MET A 532 11.69 -41.49 10.16
CA MET A 532 12.11 -41.53 8.76
C MET A 532 13.22 -42.58 8.59
N ASP A 533 13.01 -43.50 7.65
CA ASP A 533 14.01 -44.52 7.40
C ASP A 533 15.21 -43.94 6.63
N GLU A 534 16.29 -44.71 6.59
CA GLU A 534 17.53 -44.24 5.98
C GLU A 534 17.44 -44.09 4.46
N ALA A 535 16.55 -44.87 3.85
CA ALA A 535 16.37 -44.80 2.40
C ALA A 535 15.80 -43.45 1.98
N THR A 536 14.79 -42.99 2.70
CA THR A 536 14.15 -41.71 2.40
C THR A 536 15.09 -40.55 2.72
N ARG A 537 15.83 -40.69 3.82
CA ARG A 537 16.79 -39.68 4.24
C ARG A 537 17.83 -39.43 3.16
N GLN A 538 18.33 -40.51 2.57
CA GLN A 538 19.37 -40.44 1.56
C GLN A 538 18.89 -39.77 0.28
N LYS A 539 17.69 -40.11 -0.16
CA LYS A 539 17.14 -39.56 -1.40
C LYS A 539 16.72 -38.10 -1.24
N LEU A 540 16.52 -37.67 0.00
CA LEU A 540 16.24 -36.26 0.28
C LEU A 540 17.55 -35.46 0.33
N VAL A 541 18.62 -36.13 0.74
CA VAL A 541 19.95 -35.53 0.73
C VAL A 541 20.40 -35.30 -0.71
N ASN A 542 20.13 -36.29 -1.57
CA ASN A 542 20.48 -36.19 -2.98
C ASN A 542 19.86 -34.97 -3.65
N ASP A 543 18.60 -34.70 -3.31
CA ASP A 543 17.89 -33.55 -3.86
C ASP A 543 18.17 -32.29 -3.06
N HIS A 544 18.94 -32.43 -1.98
CA HIS A 544 19.19 -31.34 -1.04
C HIS A 544 17.88 -30.83 -0.42
N PHE A 545 16.99 -31.75 -0.06
CA PHE A 545 15.70 -31.39 0.49
C PHE A 545 15.65 -31.55 2.01
N LEU A 546 16.69 -32.18 2.56
CA LEU A 546 16.70 -32.52 3.98
C LEU A 546 17.37 -31.45 4.84
N PHE A 547 16.71 -31.08 5.94
CA PHE A 547 17.32 -30.16 6.90
C PHE A 547 17.63 -30.88 8.21
N LYS A 548 18.54 -30.30 8.99
CA LYS A 548 18.93 -30.90 10.26
C LYS A 548 18.62 -29.98 11.45
N LYS A 549 18.99 -30.43 12.63
CA LYS A 549 18.74 -29.69 13.86
C LYS A 549 19.43 -28.32 13.82
N GLY A 550 18.79 -27.33 14.44
CA GLY A 550 19.32 -25.97 14.45
C GLY A 550 20.65 -25.87 15.15
N ASP A 551 21.39 -24.80 14.85
CA ASP A 551 22.70 -24.60 15.46
C ASP A 551 22.60 -24.14 16.92
N ARG A 552 23.73 -23.74 17.49
CA ARG A 552 23.78 -23.32 18.88
C ARG A 552 22.97 -22.05 19.13
N PHE A 553 22.82 -21.23 18.09
CA PHE A 553 22.04 -20.00 18.19
C PHE A 553 20.55 -20.30 18.33
N LEU A 554 20.07 -21.26 17.54
CA LEU A 554 18.68 -21.66 17.58
C LEU A 554 18.39 -22.49 18.82
N GLU A 555 19.39 -23.25 19.25
CA GLU A 555 19.28 -24.08 20.44
C GLU A 555 19.06 -23.23 21.68
N ALA A 556 19.87 -22.19 21.82
CA ALA A 556 19.78 -21.29 22.96
C ALA A 556 18.52 -20.41 22.93
N ALA A 557 17.88 -20.34 21.75
CA ALA A 557 16.67 -19.55 21.60
C ALA A 557 15.40 -20.36 21.86
N GLY A 558 15.55 -21.68 21.91
CA GLY A 558 14.45 -22.58 22.22
C GLY A 558 13.79 -23.15 20.98
N VAL A 559 14.45 -23.02 19.84
CA VAL A 559 13.91 -23.46 18.56
C VAL A 559 13.97 -24.98 18.40
N ASN A 560 14.96 -25.62 19.02
CA ASN A 560 15.19 -27.05 18.84
C ASN A 560 14.42 -27.97 19.81
N LYS A 561 13.43 -27.43 20.51
CA LYS A 561 12.69 -28.20 21.51
C LYS A 561 12.03 -29.45 20.93
N LEU A 562 12.24 -30.58 21.61
CA LEU A 562 11.59 -31.86 21.28
C LEU A 562 11.90 -32.37 19.88
N TRP A 563 13.08 -32.02 19.36
CA TRP A 563 13.52 -32.46 18.03
C TRP A 563 13.48 -33.98 17.92
N PRO A 564 12.99 -34.51 16.79
CA PRO A 564 12.46 -33.79 15.64
C PRO A 564 10.93 -33.82 15.55
N GLU A 565 10.26 -33.93 16.69
CA GLU A 565 8.79 -34.03 16.72
C GLU A 565 8.13 -32.84 16.06
N GLY A 566 7.30 -33.10 15.05
CA GLY A 566 6.56 -32.04 14.39
C GLY A 566 7.30 -31.41 13.21
N ARG A 567 8.48 -31.93 12.91
CA ARG A 567 9.25 -31.45 11.77
C ARG A 567 9.07 -32.40 10.58
N GLY A 568 9.00 -31.83 9.38
CA GLY A 568 8.79 -32.63 8.20
C GLY A 568 9.08 -31.89 6.91
N ILE A 569 9.13 -32.65 5.82
CA ILE A 569 9.42 -32.10 4.51
C ILE A 569 8.33 -32.46 3.50
N PHE A 570 7.99 -31.49 2.65
CA PHE A 570 7.05 -31.71 1.56
C PHE A 570 7.64 -31.21 0.24
N HIS A 571 7.45 -31.98 -0.82
CA HIS A 571 7.86 -31.54 -2.14
C HIS A 571 6.95 -32.11 -3.21
N ASN A 572 6.72 -31.35 -4.27
CA ASN A 572 5.95 -31.84 -5.40
C ASN A 572 6.79 -32.76 -6.27
N ASN A 573 6.14 -33.52 -7.16
CA ASN A 573 6.82 -34.52 -7.97
C ASN A 573 7.82 -33.94 -8.98
N ASP A 574 7.62 -32.67 -9.34
CA ASP A 574 8.49 -32.02 -10.32
C ASP A 574 9.78 -31.46 -9.69
N LYS A 575 9.90 -31.58 -8.38
CA LYS A 575 11.04 -31.03 -7.63
C LYS A 575 11.19 -29.53 -7.83
N THR A 576 10.06 -28.83 -7.97
CA THR A 576 10.08 -27.39 -8.18
C THR A 576 9.38 -26.65 -7.04
N PHE A 577 8.85 -27.40 -6.08
CA PHE A 577 8.17 -26.80 -4.93
C PHE A 577 8.53 -27.53 -3.65
N LEU A 578 9.03 -26.79 -2.67
CA LEU A 578 9.50 -27.41 -1.42
C LEU A 578 8.99 -26.65 -0.20
N VAL A 579 8.52 -27.40 0.80
CA VAL A 579 8.11 -26.80 2.07
C VAL A 579 8.78 -27.49 3.24
N TRP A 580 9.51 -26.72 4.03
CA TRP A 580 10.05 -27.19 5.29
C TRP A 580 9.08 -26.82 6.41
N ILE A 581 8.80 -27.77 7.29
CA ILE A 581 7.83 -27.56 8.34
C ILE A 581 8.47 -27.59 9.73
N ASN A 582 8.29 -26.49 10.47
CA ASN A 582 8.79 -26.34 11.83
C ASN A 582 10.32 -26.43 11.98
N GLU A 583 11.04 -25.94 10.98
CA GLU A 583 12.49 -25.84 11.07
C GLU A 583 12.87 -24.60 11.89
N GLU A 584 13.32 -23.55 11.22
CA GLU A 584 13.64 -22.30 11.88
C GLU A 584 12.37 -21.48 12.05
N ASP A 585 11.56 -21.46 10.99
CA ASP A 585 10.21 -20.94 11.08
C ASP A 585 9.22 -22.09 10.91
N GLN A 586 7.97 -21.87 11.30
CA GLN A 586 6.93 -22.88 11.15
C GLN A 586 6.73 -23.27 9.69
N LEU A 587 6.91 -22.31 8.79
CA LEU A 587 6.77 -22.56 7.36
C LEU A 587 7.89 -21.90 6.56
N ARG A 588 8.71 -22.72 5.92
CA ARG A 588 9.67 -22.22 4.95
C ARG A 588 9.30 -22.73 3.57
N ILE A 589 8.76 -21.84 2.74
CA ILE A 589 8.19 -22.21 1.45
C ILE A 589 9.09 -21.74 0.32
N ILE A 590 9.49 -22.69 -0.53
CA ILE A 590 10.47 -22.43 -1.58
C ILE A 590 9.96 -22.85 -2.95
N SER A 591 10.11 -21.96 -3.93
CA SER A 591 9.83 -22.28 -5.31
C SER A 591 11.14 -22.32 -6.11
N MET A 592 11.35 -23.40 -6.84
CA MET A 592 12.59 -23.61 -7.57
C MET A 592 12.33 -23.90 -9.05
N GLU A 593 13.30 -23.58 -9.90
CA GLU A 593 13.21 -23.89 -11.32
C GLU A 593 14.57 -23.96 -12.00
N LYS A 594 14.57 -24.61 -13.17
CA LYS A 594 15.74 -24.64 -14.03
C LYS A 594 15.65 -23.48 -15.01
N GLY A 595 16.69 -22.66 -15.05
CA GLY A 595 16.72 -21.55 -15.98
C GLY A 595 16.51 -20.19 -15.34
N SER A 596 15.74 -19.33 -16.02
CA SER A 596 15.67 -17.93 -15.65
C SER A 596 14.26 -17.38 -15.41
N ASP A 597 13.24 -18.20 -15.64
CA ASP A 597 11.86 -17.72 -15.56
C ASP A 597 11.45 -17.36 -14.14
N ILE A 598 11.82 -16.16 -13.69
CA ILE A 598 11.48 -15.69 -12.36
C ILE A 598 9.97 -15.56 -12.17
N GLY A 599 9.30 -15.02 -13.18
CA GLY A 599 7.85 -14.83 -13.13
C GLY A 599 7.08 -16.14 -12.95
N SER A 600 7.63 -17.22 -13.49
CA SER A 600 7.02 -18.54 -13.35
C SER A 600 7.25 -19.10 -11.95
N VAL A 601 8.44 -18.85 -11.42
CA VAL A 601 8.81 -19.30 -10.08
C VAL A 601 7.96 -18.61 -9.03
N PHE A 602 7.79 -17.30 -9.19
CA PHE A 602 7.03 -16.49 -8.25
C PHE A 602 5.54 -16.78 -8.35
N GLY A 603 5.07 -17.03 -9.58
CA GLY A 603 3.68 -17.37 -9.82
C GLY A 603 3.29 -18.66 -9.11
N ARG A 604 4.17 -19.66 -9.20
CA ARG A 604 3.94 -20.93 -8.52
C ARG A 604 3.97 -20.73 -7.01
N LEU A 605 4.93 -19.93 -6.56
CA LEU A 605 5.09 -19.63 -5.15
C LEU A 605 3.82 -18.98 -4.60
N CYS A 606 3.31 -18.01 -5.33
CA CYS A 606 2.09 -17.31 -4.93
C CYS A 606 0.88 -18.23 -4.85
N ARG A 607 0.73 -19.09 -5.84
CA ARG A 607 -0.40 -20.01 -5.90
C ARG A 607 -0.47 -20.90 -4.66
N ALA A 608 0.68 -21.36 -4.21
CA ALA A 608 0.76 -22.23 -3.03
C ALA A 608 0.63 -21.44 -1.74
N VAL A 609 1.38 -20.35 -1.62
CA VAL A 609 1.36 -19.53 -0.42
C VAL A 609 -0.03 -18.93 -0.16
N ASN A 610 -0.70 -18.50 -1.23
CA ASN A 610 -2.04 -17.92 -1.11
C ASN A 610 -3.09 -18.93 -0.66
N GLU A 611 -2.93 -20.18 -1.06
CA GLU A 611 -3.86 -21.23 -0.67
C GLU A 611 -3.69 -21.61 0.79
N ILE A 612 -2.43 -21.74 1.22
CA ILE A 612 -2.11 -21.99 2.62
C ILE A 612 -2.65 -20.85 3.48
N ASP A 613 -2.56 -19.64 2.95
CA ASP A 613 -2.99 -18.43 3.64
C ASP A 613 -4.50 -18.43 3.89
N LYS A 614 -5.26 -18.75 2.85
CA LYS A 614 -6.72 -18.78 2.94
C LYS A 614 -7.21 -19.81 3.95
N GLN A 615 -6.61 -21.00 3.93
CA GLN A 615 -7.05 -22.09 4.80
C GLN A 615 -6.56 -21.97 6.24
N LEU A 616 -5.37 -21.41 6.44
CA LEU A 616 -4.76 -21.36 7.76
C LEU A 616 -4.58 -19.94 8.31
N GLY A 617 -3.96 -19.07 7.51
CA GLY A 617 -3.68 -17.72 7.94
C GLY A 617 -2.26 -17.58 8.46
N PHE A 618 -1.73 -16.36 8.39
CA PHE A 618 -0.35 -16.10 8.80
C PHE A 618 -0.28 -15.05 9.90
N GLN A 619 0.82 -15.06 10.66
CA GLN A 619 1.06 -14.04 11.66
C GLN A 619 1.61 -12.81 10.98
N HIS A 620 0.97 -11.66 11.20
CA HIS A 620 1.22 -10.49 10.38
C HIS A 620 0.81 -9.21 11.11
N THR A 621 1.65 -8.19 11.02
CA THR A 621 1.31 -6.86 11.53
C THR A 621 1.65 -5.81 10.47
N ASP A 622 1.03 -4.64 10.57
CA ASP A 622 1.27 -3.55 9.63
C ASP A 622 2.71 -3.05 9.70
N ALA A 623 3.28 -3.07 10.90
CA ALA A 623 4.61 -2.52 11.13
C ALA A 623 5.74 -3.50 10.86
N HIS A 624 5.47 -4.79 10.96
CA HIS A 624 6.51 -5.80 10.80
C HIS A 624 6.31 -6.69 9.57
N GLY A 625 5.14 -6.60 8.96
CA GLY A 625 4.79 -7.51 7.89
C GLY A 625 4.58 -8.89 8.49
N TYR A 626 5.08 -9.93 7.84
CA TYR A 626 4.95 -11.28 8.37
C TYR A 626 5.91 -11.53 9.52
N LEU A 627 5.38 -12.07 10.61
CA LEU A 627 6.15 -12.23 11.85
C LEU A 627 6.96 -13.51 11.86
N SER A 628 8.21 -13.39 12.30
CA SER A 628 9.09 -14.53 12.48
C SER A 628 9.76 -14.43 13.84
N GLY A 629 10.16 -15.58 14.38
CA GLY A 629 10.92 -15.61 15.63
C GLY A 629 12.24 -14.89 15.44
N CYS A 630 12.74 -14.92 14.22
N CYS A 630 12.76 -14.94 14.23
CA CYS A 630 13.96 -14.24 13.85
CA CYS A 630 14.00 -14.24 13.90
C CYS A 630 13.63 -12.90 13.18
C CYS A 630 13.67 -12.92 13.19
N PRO A 631 13.96 -11.79 13.84
CA PRO A 631 13.71 -10.43 13.34
C PRO A 631 14.33 -10.15 11.98
N THR A 632 15.28 -10.97 11.56
CA THR A 632 15.89 -10.83 10.24
C THR A 632 14.95 -11.29 9.13
N ASN A 633 13.93 -12.09 9.50
CA ASN A 633 13.00 -12.65 8.53
C ASN A 633 11.62 -11.97 8.53
N LEU A 634 11.58 -10.71 8.91
CA LEU A 634 10.33 -9.96 8.94
C LEU A 634 10.01 -9.41 7.56
N GLY A 635 8.88 -8.72 7.45
CA GLY A 635 8.47 -8.11 6.20
C GLY A 635 7.96 -9.11 5.18
N THR A 636 8.72 -9.31 4.12
CA THR A 636 8.37 -10.28 3.11
C THR A 636 8.80 -11.66 3.57
N GLY A 637 9.80 -11.70 4.46
CA GLY A 637 10.39 -12.94 4.90
C GLY A 637 10.96 -13.68 3.71
N MET A 638 11.35 -12.92 2.69
CA MET A 638 11.68 -13.48 1.39
C MET A 638 13.15 -13.36 1.02
N ARG A 639 13.71 -14.48 0.55
CA ARG A 639 14.99 -14.46 -0.14
C ARG A 639 14.78 -14.87 -1.59
N ALA A 640 15.06 -13.95 -2.50
CA ALA A 640 14.98 -14.23 -3.93
C ALA A 640 16.39 -14.45 -4.46
N SER A 641 16.62 -15.59 -5.10
CA SER A 641 17.97 -15.92 -5.55
C SER A 641 18.07 -16.20 -7.06
N VAL A 642 19.16 -15.71 -7.65
CA VAL A 642 19.47 -15.99 -9.05
C VAL A 642 20.93 -16.41 -9.18
N HIS A 643 21.14 -17.68 -9.53
CA HIS A 643 22.49 -18.18 -9.78
C HIS A 643 22.88 -17.93 -11.23
N VAL A 644 23.70 -16.90 -11.43
CA VAL A 644 24.01 -16.42 -12.76
C VAL A 644 25.52 -16.36 -13.00
N LYS A 645 25.95 -16.67 -14.22
CA LYS A 645 27.36 -16.59 -14.59
C LYS A 645 27.63 -15.20 -15.18
N ILE A 646 28.31 -14.37 -14.40
CA ILE A 646 28.63 -13.01 -14.83
C ILE A 646 30.11 -12.67 -14.59
N PRO A 647 30.99 -13.11 -15.50
CA PRO A 647 32.39 -12.69 -15.38
C PRO A 647 32.62 -11.24 -15.85
N LYS A 648 31.85 -10.79 -16.83
CA LYS A 648 32.12 -9.49 -17.47
C LYS A 648 31.41 -8.30 -16.84
N ALA A 649 30.11 -8.41 -16.61
CA ALA A 649 29.38 -7.30 -16.01
C ALA A 649 29.71 -7.13 -14.53
N SER A 650 30.42 -8.11 -13.96
CA SER A 650 30.95 -8.00 -12.61
C SER A 650 32.08 -6.97 -12.59
N ALA A 651 32.57 -6.62 -13.79
CA ALA A 651 33.71 -5.72 -13.92
C ALA A 651 33.32 -4.33 -14.44
N HIS A 652 32.24 -4.24 -15.19
CA HIS A 652 31.76 -2.96 -15.69
C HIS A 652 31.50 -2.02 -14.53
N PRO A 653 32.12 -0.83 -14.54
CA PRO A 653 32.03 0.16 -13.46
C PRO A 653 30.62 0.65 -13.15
N ASP A 654 29.61 -0.09 -13.56
CA ASP A 654 28.21 0.22 -13.25
C ASP A 654 27.58 -0.91 -12.43
N PHE A 655 28.44 -1.72 -11.80
CA PHE A 655 27.97 -2.82 -10.96
C PHE A 655 27.32 -2.24 -9.70
N GLN A 656 28.08 -1.40 -9.01
CA GLN A 656 27.60 -0.75 -7.80
C GLN A 656 26.39 0.12 -8.10
N LYS A 657 26.45 0.84 -9.22
CA LYS A 657 25.40 1.78 -9.60
C LYS A 657 24.09 1.08 -9.95
N ILE A 658 24.14 -0.23 -10.17
CA ILE A 658 22.95 -1.02 -10.46
C ILE A 658 22.59 -1.89 -9.26
N CYS A 659 23.59 -2.49 -8.62
CA CYS A 659 23.37 -3.30 -7.43
C CYS A 659 22.84 -2.48 -6.25
N ASP A 660 22.91 -1.16 -6.37
CA ASP A 660 22.42 -0.27 -5.33
C ASP A 660 21.09 0.39 -5.70
N GLU A 661 20.90 0.66 -6.98
CA GLU A 661 19.62 1.18 -7.46
C GLU A 661 18.53 0.17 -7.16
N PHE A 662 18.72 -1.04 -7.67
CA PHE A 662 17.91 -2.17 -7.27
C PHE A 662 18.65 -2.84 -6.13
N HIS A 663 18.03 -2.86 -4.96
CA HIS A 663 18.71 -3.26 -3.72
C HIS A 663 19.07 -4.74 -3.68
N ILE A 664 20.07 -5.11 -4.47
CA ILE A 664 20.51 -6.49 -4.59
C ILE A 664 21.99 -6.64 -4.21
N GLN A 665 22.37 -7.84 -3.80
CA GLN A 665 23.74 -8.15 -3.44
C GLN A 665 24.25 -9.36 -4.23
N ALA A 666 25.56 -9.45 -4.41
CA ALA A 666 26.13 -10.51 -5.23
C ALA A 666 27.20 -11.33 -4.52
N ARG A 667 27.00 -12.65 -4.49
CA ARG A 667 28.00 -13.59 -4.01
C ARG A 667 27.90 -14.86 -4.85
N GLY A 668 28.40 -15.97 -4.33
CA GLY A 668 28.31 -17.24 -5.05
C GLY A 668 29.60 -18.05 -5.01
N GLY A 682 32.75 -19.21 -12.93
CA GLY A 682 32.50 -18.12 -12.01
C GLY A 682 31.03 -17.77 -11.92
N VAL A 683 30.26 -18.64 -11.28
CA VAL A 683 28.82 -18.45 -11.15
C VAL A 683 28.52 -17.61 -9.89
N PHE A 684 27.59 -16.68 -10.02
CA PHE A 684 27.30 -15.77 -8.92
C PHE A 684 25.84 -15.83 -8.43
N ASP A 685 25.69 -15.97 -7.11
CA ASP A 685 24.39 -15.91 -6.48
C ASP A 685 24.02 -14.45 -6.23
N ILE A 686 22.91 -14.01 -6.81
CA ILE A 686 22.43 -12.65 -6.58
C ILE A 686 21.13 -12.67 -5.78
N SER A 687 21.11 -11.93 -4.68
CA SER A 687 19.94 -11.95 -3.81
C SER A 687 19.49 -10.54 -3.42
N ASN A 688 18.24 -10.45 -2.98
CA ASN A 688 17.68 -9.20 -2.48
C ASN A 688 18.27 -8.86 -1.12
N ARG A 689 18.41 -7.57 -0.83
CA ARG A 689 18.97 -7.14 0.44
C ARG A 689 17.89 -6.71 1.43
N ARG A 690 16.75 -6.27 0.90
CA ARG A 690 15.66 -5.77 1.74
C ARG A 690 14.50 -6.76 1.85
N ARG A 691 13.92 -6.82 3.04
CA ARG A 691 12.76 -7.67 3.28
C ARG A 691 11.59 -6.84 3.80
N LEU A 692 11.93 -5.69 4.39
CA LEU A 692 10.98 -4.86 5.12
C LEU A 692 10.94 -3.47 4.50
N GLY A 693 9.76 -3.02 4.10
CA GLY A 693 9.59 -1.71 3.48
C GLY A 693 9.21 -1.80 2.02
N LEU A 694 9.26 -3.01 1.47
CA LEU A 694 8.85 -3.25 0.10
C LEU A 694 8.06 -4.55 0.02
N SER A 695 7.17 -4.65 -0.97
CA SER A 695 6.32 -5.83 -1.09
C SER A 695 7.07 -6.97 -1.75
N GLU A 696 6.51 -8.17 -1.70
CA GLU A 696 7.08 -9.32 -2.37
C GLU A 696 7.09 -9.09 -3.88
N VAL A 697 6.02 -8.49 -4.39
CA VAL A 697 5.91 -8.13 -5.79
C VAL A 697 7.03 -7.17 -6.19
N GLN A 698 7.20 -6.11 -5.41
CA GLN A 698 8.21 -5.11 -5.68
C GLN A 698 9.62 -5.69 -5.62
N CYS A 699 9.84 -6.60 -4.67
CA CYS A 699 11.14 -7.22 -4.50
C CYS A 699 11.52 -8.11 -5.67
N VAL A 700 10.54 -8.88 -6.17
CA VAL A 700 10.76 -9.76 -7.31
C VAL A 700 10.99 -8.95 -8.58
N GLN A 701 10.21 -7.89 -8.74
CA GLN A 701 10.33 -7.00 -9.90
C GLN A 701 11.70 -6.33 -9.94
N ASP A 702 12.22 -5.97 -8.76
CA ASP A 702 13.53 -5.34 -8.66
C ASP A 702 14.66 -6.29 -9.05
N MET A 703 14.58 -7.53 -8.57
CA MET A 703 15.55 -8.57 -8.91
C MET A 703 15.58 -8.78 -10.42
N TYR A 704 14.39 -8.73 -11.03
CA TYR A 704 14.26 -8.85 -12.47
C TYR A 704 14.93 -7.68 -13.18
N ASN A 705 14.52 -6.47 -12.82
CA ASN A 705 15.06 -5.24 -13.39
C ASN A 705 16.57 -5.14 -13.27
N GLY A 706 17.12 -5.69 -12.19
CA GLY A 706 18.55 -5.63 -11.93
C GLY A 706 19.33 -6.66 -12.71
N VAL A 707 18.84 -7.89 -12.74
CA VAL A 707 19.48 -8.97 -13.47
C VAL A 707 19.44 -8.70 -14.97
N LYS A 708 18.35 -8.05 -15.40
CA LYS A 708 18.18 -7.68 -16.80
C LYS A 708 19.31 -6.78 -17.31
N LYS A 709 19.60 -5.72 -16.55
CA LYS A 709 20.66 -4.79 -16.92
C LYS A 709 22.05 -5.44 -16.83
N LEU A 710 22.21 -6.34 -15.88
CA LEU A 710 23.45 -7.12 -15.77
C LEU A 710 23.58 -8.02 -16.99
N LEU A 711 22.44 -8.45 -17.53
CA LEU A 711 22.40 -9.28 -18.72
C LEU A 711 22.48 -8.45 -20.00
N GLU A 712 22.18 -7.16 -19.88
CA GLU A 712 22.33 -6.23 -20.99
C GLU A 712 23.75 -5.72 -21.12
N ILE A 713 24.66 -6.36 -20.38
CA ILE A 713 26.08 -6.02 -20.41
C ILE A 713 26.91 -7.26 -20.72
N GLU A 714 26.46 -8.42 -20.24
CA GLU A 714 27.07 -9.69 -20.57
C GLU A 714 26.57 -10.19 -21.92
N LYS A 715 25.65 -9.44 -22.51
CA LYS A 715 25.15 -9.75 -23.85
C LYS A 715 26.12 -9.23 -24.90
N MET B 4 -6.86 69.74 -36.91
CA MET B 4 -7.93 69.21 -37.76
C MET B 4 -9.25 69.90 -37.44
N ALA B 5 -9.40 70.34 -36.19
CA ALA B 5 -10.58 71.08 -35.77
C ALA B 5 -10.40 72.57 -36.04
N ASP B 6 -11.37 73.16 -36.72
CA ASP B 6 -11.34 74.59 -37.02
C ASP B 6 -12.62 75.25 -36.53
N PRO B 7 -12.69 75.50 -35.21
CA PRO B 7 -13.89 76.02 -34.56
C PRO B 7 -14.22 77.45 -35.00
N GLU B 8 -13.19 78.27 -35.12
CA GLU B 8 -13.36 79.70 -35.40
C GLU B 8 -13.89 79.97 -36.82
N THR B 9 -13.45 79.17 -37.78
CA THR B 9 -13.94 79.29 -39.16
C THR B 9 -15.42 78.92 -39.24
N ALA B 10 -15.79 77.83 -38.59
CA ALA B 10 -17.18 77.38 -38.57
C ALA B 10 -18.07 78.37 -37.84
N ALA B 11 -17.55 78.95 -36.76
CA ALA B 11 -18.31 79.88 -35.93
C ALA B 11 -18.74 81.14 -36.68
N LYS B 12 -17.89 81.60 -37.61
CA LYS B 12 -18.19 82.77 -38.42
C LYS B 12 -19.46 82.54 -39.23
N PHE B 13 -19.55 81.35 -39.81
CA PHE B 13 -20.69 80.99 -40.65
C PHE B 13 -21.94 80.67 -39.82
N LYS B 14 -21.74 80.03 -38.67
CA LYS B 14 -22.86 79.72 -37.79
C LYS B 14 -23.46 80.99 -37.20
N SER B 15 -22.59 81.94 -36.87
CA SER B 15 -23.02 83.22 -36.30
C SER B 15 -23.92 83.97 -37.27
N LYS B 16 -23.65 83.80 -38.57
CA LYS B 16 -24.44 84.44 -39.61
C LYS B 16 -25.65 83.61 -40.02
N ASN B 17 -25.72 82.38 -39.49
CA ASN B 17 -26.69 81.40 -39.94
C ASN B 17 -26.56 81.23 -41.45
N ALA B 18 -25.34 81.30 -41.94
CA ALA B 18 -25.05 81.21 -43.37
C ALA B 18 -24.65 79.80 -43.77
N PHE B 19 -24.69 79.52 -45.07
CA PHE B 19 -24.28 78.22 -45.58
C PHE B 19 -22.82 77.98 -45.25
N PRO B 20 -22.51 76.79 -44.72
CA PRO B 20 -21.14 76.42 -44.36
C PRO B 20 -20.25 76.21 -45.59
N ASP B 21 -19.68 77.31 -46.09
CA ASP B 21 -18.70 77.27 -47.18
C ASP B 21 -17.54 76.27 -47.00
N PRO B 22 -17.04 76.06 -45.77
CA PRO B 22 -16.00 75.04 -45.58
C PRO B 22 -16.35 73.63 -46.07
N LEU B 23 -17.62 73.35 -46.35
CA LEU B 23 -17.99 72.08 -46.95
C LEU B 23 -17.60 72.06 -48.42
N ASN B 24 -17.51 73.26 -49.00
CA ASN B 24 -17.08 73.41 -50.39
C ASN B 24 -15.55 73.40 -50.49
N ASP B 25 -14.88 73.41 -49.35
CA ASP B 25 -13.43 73.33 -49.32
C ASP B 25 -12.97 72.02 -49.94
N PRO B 26 -12.04 72.10 -50.92
CA PRO B 26 -11.52 70.90 -51.59
C PRO B 26 -10.79 69.97 -50.62
N LYS B 27 -10.18 70.52 -49.57
CA LYS B 27 -9.44 69.71 -48.60
C LYS B 27 -10.38 68.91 -47.70
N CYS B 28 -11.67 69.14 -47.85
CA CYS B 28 -12.66 68.45 -47.03
C CYS B 28 -12.93 67.05 -47.56
N ASN B 29 -13.29 66.14 -46.65
CA ASN B 29 -13.61 64.76 -46.99
C ASN B 29 -14.74 64.70 -48.02
N PRO B 30 -14.44 64.16 -49.21
CA PRO B 30 -15.48 64.01 -50.24
C PRO B 30 -16.42 62.86 -49.93
N LYS B 31 -16.12 62.11 -48.87
CA LYS B 31 -16.96 61.00 -48.45
C LYS B 31 -17.91 61.46 -47.35
N SER B 32 -17.71 62.68 -46.88
CA SER B 32 -18.55 63.28 -45.84
C SER B 32 -19.99 63.36 -46.28
N LEU B 33 -20.88 62.79 -45.47
CA LEU B 33 -22.29 62.71 -45.80
C LEU B 33 -23.00 64.06 -45.68
N VAL B 34 -22.56 64.88 -44.74
CA VAL B 34 -23.15 66.20 -44.58
C VAL B 34 -22.83 67.07 -45.79
N LYS B 35 -21.62 66.94 -46.31
CA LYS B 35 -21.21 67.66 -47.51
C LYS B 35 -22.04 67.19 -48.70
N LYS B 36 -22.19 65.87 -48.78
CA LYS B 36 -22.88 65.24 -49.90
C LYS B 36 -24.34 65.68 -49.99
N TYR B 37 -24.99 65.86 -48.85
CA TYR B 37 -26.43 66.10 -48.83
C TYR B 37 -26.88 67.46 -48.32
N LEU B 38 -25.95 68.30 -47.85
CA LEU B 38 -26.33 69.66 -47.46
C LEU B 38 -26.18 70.60 -48.64
N THR B 39 -27.14 70.53 -49.56
CA THR B 39 -27.17 71.43 -50.71
C THR B 39 -27.64 72.80 -50.25
N PRO B 40 -27.33 73.85 -51.04
CA PRO B 40 -27.87 75.19 -50.76
C PRO B 40 -29.40 75.18 -50.62
N LYS B 41 -30.09 74.45 -51.49
CA LYS B 41 -31.54 74.32 -51.43
C LYS B 41 -31.98 73.82 -50.06
N VAL B 42 -31.42 72.69 -49.65
CA VAL B 42 -31.77 72.05 -48.38
C VAL B 42 -31.47 72.96 -47.19
N PHE B 43 -30.31 73.61 -47.21
CA PHE B 43 -29.91 74.50 -46.13
C PHE B 43 -30.87 75.68 -45.98
N GLU B 44 -31.12 76.38 -47.08
CA GLU B 44 -32.00 77.54 -47.09
C GLU B 44 -33.42 77.19 -46.63
N SER B 45 -33.85 75.97 -46.91
CA SER B 45 -35.21 75.55 -46.58
C SER B 45 -35.36 75.17 -45.11
N LEU B 46 -34.25 74.94 -44.42
CA LEU B 46 -34.29 74.43 -43.05
C LEU B 46 -33.62 75.36 -42.02
N LYS B 47 -32.99 76.42 -42.50
CA LYS B 47 -32.13 77.23 -41.63
C LYS B 47 -32.88 78.10 -40.62
N ASN B 48 -34.18 78.26 -40.81
CA ASN B 48 -34.98 79.10 -39.91
C ASN B 48 -35.93 78.31 -39.01
N LYS B 49 -35.83 76.98 -39.08
CA LYS B 49 -36.65 76.10 -38.26
C LYS B 49 -35.96 75.74 -36.95
N LYS B 50 -36.73 75.63 -35.88
CA LYS B 50 -36.21 75.24 -34.57
C LYS B 50 -37.12 74.19 -33.96
N THR B 51 -36.54 73.21 -33.27
CA THR B 51 -37.35 72.24 -32.55
C THR B 51 -37.85 72.92 -31.27
N LYS B 52 -38.78 72.26 -30.58
CA LYS B 52 -39.35 72.83 -29.36
C LYS B 52 -38.35 72.89 -28.21
N LEU B 53 -37.17 72.32 -28.42
CA LEU B 53 -36.07 72.42 -27.47
C LEU B 53 -35.03 73.44 -27.94
N GLY B 54 -35.28 74.03 -29.10
CA GLY B 54 -34.45 75.10 -29.61
C GLY B 54 -33.35 74.68 -30.56
N ILE B 55 -33.33 73.40 -30.90
CA ILE B 55 -32.30 72.87 -31.79
C ILE B 55 -32.45 73.40 -33.21
N THR B 56 -31.36 73.90 -33.77
CA THR B 56 -31.36 74.41 -35.14
C THR B 56 -30.61 73.46 -36.05
N LEU B 57 -30.68 73.70 -37.35
CA LEU B 57 -29.96 72.91 -38.33
C LEU B 57 -28.46 73.07 -38.14
N TRP B 58 -28.05 74.29 -37.80
CA TRP B 58 -26.64 74.61 -37.58
C TRP B 58 -26.08 73.87 -36.36
N ASP B 59 -26.92 73.69 -35.34
CA ASP B 59 -26.55 72.92 -34.16
C ASP B 59 -26.18 71.50 -34.57
N CYS B 60 -26.96 70.95 -35.49
CA CYS B 60 -26.79 69.55 -35.89
C CYS B 60 -25.61 69.34 -36.85
N ILE B 61 -25.35 70.33 -37.70
CA ILE B 61 -24.32 70.19 -38.72
C ILE B 61 -22.95 70.70 -38.27
N ASN B 62 -22.92 71.38 -37.13
CA ASN B 62 -21.71 72.09 -36.68
C ASN B 62 -20.45 71.23 -36.59
N SER B 63 -20.58 70.03 -36.05
CA SER B 63 -19.43 69.14 -35.88
C SER B 63 -18.82 68.73 -37.22
N GLY B 64 -19.67 68.59 -38.24
CA GLY B 64 -19.21 68.25 -39.56
C GLY B 64 -18.50 69.39 -40.25
N VAL B 65 -18.85 70.61 -39.85
CA VAL B 65 -18.24 71.82 -40.42
C VAL B 65 -16.94 72.14 -39.67
N VAL B 66 -16.97 71.99 -38.35
CA VAL B 66 -15.77 72.17 -37.53
C VAL B 66 -14.73 71.11 -37.89
N ASN B 67 -15.17 69.86 -37.96
CA ASN B 67 -14.30 68.75 -38.34
C ASN B 67 -14.60 68.29 -39.76
N LEU B 68 -13.89 68.85 -40.73
CA LEU B 68 -14.14 68.58 -42.13
C LEU B 68 -13.72 67.16 -42.54
N ASP B 69 -12.99 66.48 -41.67
CA ASP B 69 -12.56 65.12 -41.96
C ASP B 69 -13.62 64.09 -41.55
N SER B 70 -14.77 64.60 -41.10
CA SER B 70 -15.86 63.77 -40.65
C SER B 70 -16.40 62.87 -41.76
N GLY B 71 -16.91 61.70 -41.39
CA GLY B 71 -17.48 60.78 -42.33
C GLY B 71 -18.97 61.01 -42.48
N VAL B 72 -19.63 61.31 -41.37
CA VAL B 72 -21.06 61.62 -41.38
C VAL B 72 -21.30 63.10 -41.11
N GLY B 73 -20.87 63.59 -39.95
CA GLY B 73 -20.84 65.01 -39.68
C GLY B 73 -22.12 65.65 -39.17
N VAL B 74 -23.04 64.86 -38.64
CA VAL B 74 -24.25 65.40 -38.03
C VAL B 74 -24.60 64.69 -36.72
N TYR B 75 -25.24 65.43 -35.82
CA TYR B 75 -25.77 64.87 -34.58
C TYR B 75 -27.15 65.46 -34.34
N ALA B 76 -28.08 64.64 -33.85
CA ALA B 76 -29.42 65.13 -33.58
C ALA B 76 -29.55 65.57 -32.12
N GLY B 77 -30.07 66.78 -31.92
CA GLY B 77 -30.25 67.33 -30.58
C GLY B 77 -31.41 66.68 -29.86
N ASP B 78 -32.45 66.31 -30.61
CA ASP B 78 -33.61 65.65 -30.04
C ASP B 78 -34.33 64.78 -31.08
N GLU B 79 -35.40 64.11 -30.65
CA GLU B 79 -36.22 63.31 -31.54
C GLU B 79 -36.74 64.12 -32.72
N GLU B 80 -37.21 65.34 -32.43
CA GLU B 80 -37.84 66.19 -33.42
C GLU B 80 -36.88 66.56 -34.56
N SER B 81 -35.59 66.59 -34.24
CA SER B 81 -34.57 66.93 -35.22
C SER B 81 -34.58 65.98 -36.41
N TYR B 82 -34.81 64.70 -36.13
CA TYR B 82 -34.86 63.69 -37.18
C TYR B 82 -36.03 63.88 -38.13
N THR B 83 -37.06 64.59 -37.68
CA THR B 83 -38.23 64.86 -38.51
C THR B 83 -38.17 66.25 -39.12
N LEU B 84 -37.95 67.25 -38.26
CA LEU B 84 -37.91 68.65 -38.69
C LEU B 84 -36.80 68.92 -39.70
N PHE B 85 -35.63 68.33 -39.46
CA PHE B 85 -34.52 68.44 -40.40
C PHE B 85 -34.40 67.14 -41.19
N GLY B 86 -35.53 66.46 -41.36
CA GLY B 86 -35.64 65.28 -42.18
C GLY B 86 -35.00 65.33 -43.55
N PRO B 87 -35.26 66.38 -44.34
CA PRO B 87 -34.66 66.51 -45.68
C PRO B 87 -33.14 66.33 -45.73
N LEU B 88 -32.47 66.55 -44.60
CA LEU B 88 -31.04 66.30 -44.52
C LEU B 88 -30.78 64.95 -43.86
N PHE B 89 -31.40 64.73 -42.70
CA PHE B 89 -31.20 63.50 -41.94
C PHE B 89 -31.58 62.23 -42.71
N ASP B 90 -32.72 62.27 -43.40
CA ASP B 90 -33.19 61.13 -44.18
C ASP B 90 -32.17 60.64 -45.20
N ALA B 91 -31.62 61.58 -45.96
CA ALA B 91 -30.63 61.24 -46.99
C ALA B 91 -29.35 60.69 -46.37
N ILE B 92 -28.92 61.29 -45.28
CA ILE B 92 -27.71 60.85 -44.58
C ILE B 92 -27.87 59.44 -44.01
N ILE B 93 -29.01 59.20 -43.38
CA ILE B 93 -29.31 57.89 -42.80
C ILE B 93 -29.32 56.78 -43.86
N GLU B 94 -30.10 57.00 -44.92
CA GLU B 94 -30.27 55.99 -45.96
C GLU B 94 -29.02 55.75 -46.81
N ASP B 95 -28.04 56.65 -46.69
CA ASP B 95 -26.75 56.44 -47.32
C ASP B 95 -25.90 55.55 -46.42
N TYR B 96 -25.73 55.98 -45.16
CA TYR B 96 -24.94 55.23 -44.19
C TYR B 96 -25.50 53.83 -43.94
N HIS B 97 -26.81 53.75 -43.80
CA HIS B 97 -27.48 52.48 -43.51
C HIS B 97 -28.03 51.80 -44.76
N SER B 98 -27.43 52.10 -45.92
CA SER B 98 -27.81 51.47 -47.17
C SER B 98 -27.71 49.95 -47.03
N PRO B 99 -28.70 49.22 -47.60
CA PRO B 99 -29.80 49.73 -48.41
C PRO B 99 -31.12 49.91 -47.65
N TYR B 100 -31.07 50.30 -46.39
CA TYR B 100 -32.30 50.50 -45.63
C TYR B 100 -33.01 51.79 -46.05
N LYS B 101 -34.34 51.73 -46.12
CA LYS B 101 -35.15 52.90 -46.38
C LYS B 101 -36.06 53.17 -45.18
N LEU B 102 -36.19 54.43 -44.81
CA LEU B 102 -36.99 54.81 -43.64
C LEU B 102 -38.46 54.44 -43.83
N ALA B 103 -38.92 54.49 -45.08
CA ALA B 103 -40.31 54.19 -45.41
C ALA B 103 -40.63 52.72 -45.11
N THR B 104 -39.62 51.86 -45.24
CA THR B 104 -39.80 50.43 -44.98
C THR B 104 -40.21 50.17 -43.54
N GLY B 105 -39.47 50.75 -42.61
CA GLY B 105 -39.77 50.60 -41.20
C GLY B 105 -38.82 49.65 -40.50
N HIS B 106 -38.66 49.83 -39.20
CA HIS B 106 -37.74 49.03 -38.40
C HIS B 106 -38.46 48.31 -37.26
N ASN B 107 -38.06 47.07 -37.02
CA ASN B 107 -38.65 46.28 -35.93
C ASN B 107 -37.59 45.91 -34.89
N SER B 108 -37.89 46.20 -33.63
CA SER B 108 -36.98 45.87 -32.53
C SER B 108 -37.38 44.53 -31.93
N ASP B 109 -36.43 43.87 -31.27
CA ASP B 109 -36.68 42.60 -30.61
C ASP B 109 -35.62 42.32 -29.55
N MET B 110 -35.98 42.53 -28.29
CA MET B 110 -35.07 42.29 -27.17
C MET B 110 -35.47 41.07 -26.35
N ASN B 111 -35.94 40.04 -27.04
CA ASN B 111 -36.25 38.77 -26.40
C ASN B 111 -35.20 37.72 -26.71
N PRO B 112 -34.35 37.39 -25.72
CA PRO B 112 -33.23 36.46 -25.89
C PRO B 112 -33.68 35.07 -26.30
N ALA B 113 -34.90 34.71 -25.91
CA ALA B 113 -35.46 33.40 -26.19
C ALA B 113 -35.65 33.16 -27.69
N HIS B 114 -35.79 34.23 -28.44
CA HIS B 114 -35.94 34.16 -29.89
C HIS B 114 -34.61 33.81 -30.56
N VAL B 115 -33.51 33.97 -29.82
CA VAL B 115 -32.19 33.62 -30.31
C VAL B 115 -31.90 32.15 -30.06
N LYS B 116 -31.49 31.45 -31.11
CA LYS B 116 -31.14 30.05 -31.02
C LYS B 116 -29.63 29.89 -31.20
N ALA B 117 -28.93 29.79 -30.08
CA ALA B 117 -27.47 29.82 -30.11
C ALA B 117 -26.81 28.81 -29.16
N PRO B 118 -26.77 27.53 -29.57
CA PRO B 118 -25.96 26.55 -28.84
C PRO B 118 -24.50 26.99 -28.87
N ASP B 119 -23.82 26.96 -27.72
CA ASP B 119 -22.45 27.46 -27.60
C ASP B 119 -21.54 26.84 -28.67
N LEU B 120 -20.84 27.70 -29.41
CA LEU B 120 -20.06 27.27 -30.56
C LEU B 120 -18.72 26.64 -30.21
N ASP B 121 -18.07 27.17 -29.20
CA ASP B 121 -16.70 26.78 -28.90
C ASP B 121 -16.38 26.83 -27.40
N PRO B 122 -17.04 25.95 -26.62
CA PRO B 122 -16.80 25.97 -25.16
C PRO B 122 -15.37 25.58 -24.81
N ALA B 123 -14.76 24.74 -25.65
CA ALA B 123 -13.38 24.33 -25.45
C ALA B 123 -12.41 25.44 -25.87
N ASN B 124 -12.96 26.48 -26.49
CA ASN B 124 -12.21 27.67 -26.88
C ASN B 124 -11.04 27.36 -27.81
N ARG B 125 -11.33 26.63 -28.88
CA ARG B 125 -10.32 26.27 -29.87
C ARG B 125 -10.07 27.39 -30.86
N TYR B 126 -11.06 28.26 -31.04
CA TYR B 126 -10.99 29.31 -32.05
C TYR B 126 -11.45 30.67 -31.52
N ILE B 127 -12.63 30.68 -30.92
CA ILE B 127 -13.22 31.91 -30.40
C ILE B 127 -12.59 32.29 -29.05
N ARG B 128 -12.27 33.57 -28.89
CA ARG B 128 -11.59 34.04 -27.68
C ARG B 128 -12.48 34.92 -26.80
N SER B 129 -13.31 35.76 -27.41
CA SER B 129 -14.17 36.67 -26.66
C SER B 129 -15.36 37.14 -27.48
N THR B 130 -16.44 37.48 -26.78
CA THR B 130 -17.65 37.98 -27.41
C THR B 130 -18.07 39.28 -26.72
N ARG B 131 -18.66 40.20 -27.49
CA ARG B 131 -19.03 41.50 -26.97
C ARG B 131 -20.27 42.05 -27.68
N ILE B 132 -21.20 42.57 -26.90
CA ILE B 132 -22.41 43.20 -27.48
C ILE B 132 -22.70 44.54 -26.81
N ARG B 133 -22.80 45.58 -27.63
CA ARG B 133 -23.07 46.93 -27.16
C ARG B 133 -24.39 47.43 -27.75
N VAL B 134 -25.16 48.16 -26.96
CA VAL B 134 -26.32 48.87 -27.48
C VAL B 134 -26.35 50.32 -26.99
N ALA B 135 -26.84 51.21 -27.83
CA ALA B 135 -26.99 52.62 -27.47
C ALA B 135 -28.46 52.93 -27.26
N ARG B 136 -28.78 53.59 -26.15
CA ARG B 136 -30.16 53.92 -25.80
C ARG B 136 -30.27 55.32 -25.20
N SER B 137 -31.46 55.91 -25.29
CA SER B 137 -31.74 57.19 -24.64
C SER B 137 -33.16 57.21 -24.09
N LEU B 138 -33.33 57.88 -22.95
CA LEU B 138 -34.58 57.85 -22.19
C LEU B 138 -35.71 58.71 -22.77
N LYS B 139 -36.94 58.24 -22.60
CA LYS B 139 -38.13 59.01 -22.93
C LYS B 139 -38.17 60.32 -22.17
N GLY B 140 -38.67 61.38 -22.81
CA GLY B 140 -38.99 62.61 -22.12
C GLY B 140 -37.93 63.70 -22.15
N TYR B 141 -36.73 63.36 -22.60
CA TYR B 141 -35.63 64.32 -22.63
C TYR B 141 -35.07 64.53 -24.03
N GLY B 142 -34.25 65.56 -24.17
CA GLY B 142 -33.53 65.79 -25.41
C GLY B 142 -32.42 64.77 -25.48
N LEU B 143 -31.89 64.55 -26.69
CA LEU B 143 -30.74 63.68 -26.86
C LEU B 143 -29.51 64.37 -26.30
N ALA B 144 -28.39 63.65 -26.25
CA ALA B 144 -27.15 64.17 -25.66
C ALA B 144 -26.70 65.56 -26.14
N PRO B 145 -26.81 65.85 -27.45
CA PRO B 145 -26.42 67.21 -27.86
C PRO B 145 -27.38 68.31 -27.37
N GLY B 146 -28.61 67.94 -27.00
CA GLY B 146 -29.63 68.92 -26.68
C GLY B 146 -30.20 68.83 -25.27
N VAL B 147 -29.77 67.85 -24.51
CA VAL B 147 -30.26 67.65 -23.15
C VAL B 147 -29.91 68.83 -22.24
N THR B 148 -30.88 69.28 -21.44
CA THR B 148 -30.65 70.38 -20.52
C THR B 148 -29.82 69.92 -19.33
N LYS B 149 -29.38 70.89 -18.53
CA LYS B 149 -28.55 70.62 -17.35
C LYS B 149 -29.31 69.80 -16.32
N ALA B 150 -30.51 70.26 -15.99
CA ALA B 150 -31.35 69.57 -15.00
C ALA B 150 -31.74 68.18 -15.48
N HIS B 151 -32.06 68.06 -16.77
CA HIS B 151 -32.48 66.79 -17.35
C HIS B 151 -31.38 65.74 -17.33
N ARG B 152 -30.14 66.16 -17.56
CA ARG B 152 -29.01 65.22 -17.52
C ARG B 152 -28.82 64.68 -16.12
N LEU B 153 -29.09 65.52 -15.12
CA LEU B 153 -29.01 65.11 -13.72
C LEU B 153 -30.16 64.19 -13.34
N GLU B 154 -31.34 64.44 -13.89
CA GLU B 154 -32.51 63.61 -13.64
C GLU B 154 -32.37 62.24 -14.30
N ILE B 155 -31.72 62.21 -15.46
CA ILE B 155 -31.42 60.96 -16.16
C ILE B 155 -30.46 60.11 -15.35
N GLU B 156 -29.43 60.74 -14.79
CA GLU B 156 -28.50 60.05 -13.90
C GLU B 156 -29.22 59.47 -12.70
N LYS B 157 -30.05 60.30 -12.06
CA LYS B 157 -30.80 59.90 -10.87
C LYS B 157 -31.65 58.67 -11.10
N LYS B 158 -32.42 58.66 -12.17
CA LYS B 158 -33.34 57.56 -12.45
C LYS B 158 -32.63 56.29 -12.90
N VAL B 159 -31.60 56.44 -13.73
CA VAL B 159 -30.84 55.29 -14.23
C VAL B 159 -30.11 54.57 -13.11
N VAL B 160 -29.37 55.33 -12.29
CA VAL B 160 -28.66 54.78 -11.15
C VAL B 160 -29.62 54.08 -10.19
N GLY B 161 -30.82 54.64 -10.05
CA GLY B 161 -31.85 54.02 -9.24
C GLY B 161 -32.20 52.63 -9.71
N VAL B 162 -32.25 52.45 -11.03
CA VAL B 162 -32.57 51.16 -11.62
C VAL B 162 -31.38 50.20 -11.51
N LEU B 163 -30.19 50.70 -11.84
CA LEU B 163 -28.98 49.88 -11.89
C LEU B 163 -28.57 49.31 -10.53
N THR B 164 -28.71 50.10 -9.48
CA THR B 164 -28.31 49.66 -8.14
C THR B 164 -29.36 48.74 -7.49
N SER B 165 -30.46 48.51 -8.19
CA SER B 165 -31.51 47.60 -7.72
C SER B 165 -31.38 46.27 -8.45
N LEU B 166 -30.47 46.21 -9.42
CA LEU B 166 -30.20 44.98 -10.14
C LEU B 166 -29.58 43.94 -9.21
N THR B 167 -30.04 42.71 -9.34
CA THR B 167 -29.53 41.61 -8.52
C THR B 167 -28.87 40.55 -9.39
N GLY B 168 -28.58 39.39 -8.80
CA GLY B 168 -27.97 38.29 -9.51
C GLY B 168 -26.60 38.63 -10.07
N ASP B 169 -26.33 38.16 -11.28
CA ASP B 169 -25.03 38.40 -11.92
C ASP B 169 -24.92 39.82 -12.46
N LEU B 170 -26.00 40.59 -12.31
CA LEU B 170 -26.05 41.98 -12.76
C LEU B 170 -25.77 42.95 -11.62
N ALA B 171 -25.64 42.43 -10.41
CA ALA B 171 -25.37 43.26 -9.24
C ALA B 171 -23.97 43.88 -9.30
N GLY B 172 -23.89 45.15 -8.93
CA GLY B 172 -22.62 45.87 -9.01
C GLY B 172 -22.68 47.27 -8.42
N LYS B 173 -21.72 48.09 -8.81
CA LYS B 173 -21.54 49.41 -8.23
C LYS B 173 -21.56 50.52 -9.27
N TYR B 174 -22.12 51.68 -8.91
CA TYR B 174 -22.10 52.85 -9.78
C TYR B 174 -21.03 53.84 -9.33
N TYR B 175 -20.27 54.36 -10.28
CA TYR B 175 -19.22 55.33 -10.00
C TYR B 175 -19.46 56.60 -10.80
N PRO B 176 -19.75 57.72 -10.12
CA PRO B 176 -19.91 58.99 -10.82
C PRO B 176 -18.55 59.53 -11.22
N LEU B 177 -18.44 60.11 -12.41
CA LEU B 177 -17.21 60.80 -12.80
C LEU B 177 -17.04 62.05 -11.93
N SER B 178 -18.16 62.63 -11.52
CA SER B 178 -18.14 63.82 -10.68
C SER B 178 -17.77 63.46 -9.24
N GLY B 179 -16.54 63.79 -8.85
CA GLY B 179 -16.07 63.53 -7.50
C GLY B 179 -15.22 62.28 -7.39
N MET B 180 -14.91 61.67 -8.54
CA MET B 180 -14.09 60.46 -8.57
C MET B 180 -12.67 60.73 -8.08
N ASP B 181 -12.20 59.91 -7.16
CA ASP B 181 -10.82 60.02 -6.69
C ASP B 181 -9.86 59.36 -7.66
N GLU B 182 -8.57 59.64 -7.50
CA GLU B 182 -7.56 59.20 -8.45
C GLU B 182 -7.30 57.69 -8.41
N LYS B 183 -7.61 57.07 -7.27
CA LYS B 183 -7.46 55.63 -7.13
C LYS B 183 -8.53 54.90 -7.94
N THR B 184 -9.77 55.35 -7.81
CA THR B 184 -10.90 54.78 -8.55
C THR B 184 -10.71 54.96 -10.05
N ARG B 185 -10.03 56.04 -10.44
CA ARG B 185 -9.80 56.34 -11.84
C ARG B 185 -8.94 55.27 -12.49
N GLN B 186 -7.68 55.18 -12.06
CA GLN B 186 -6.72 54.21 -12.60
C GLN B 186 -7.28 52.79 -12.56
N GLN B 187 -8.02 52.46 -11.50
CA GLN B 187 -8.69 51.17 -11.39
C GLN B 187 -9.61 50.92 -12.57
N LEU B 188 -10.42 51.93 -12.90
CA LEU B 188 -11.32 51.85 -14.05
C LEU B 188 -10.56 51.89 -15.36
N VAL B 189 -9.45 52.62 -15.38
CA VAL B 189 -8.59 52.68 -16.56
C VAL B 189 -7.99 51.30 -16.83
N ASP B 190 -7.55 50.64 -15.76
CA ASP B 190 -6.93 49.32 -15.86
C ASP B 190 -7.90 48.28 -16.41
N ASP B 191 -9.19 48.47 -16.13
CA ASP B 191 -10.23 47.57 -16.62
C ASP B 191 -10.76 48.02 -17.98
N HIS B 192 -10.26 49.17 -18.45
CA HIS B 192 -10.74 49.81 -19.66
C HIS B 192 -12.23 50.17 -19.55
N PHE B 193 -12.66 50.55 -18.36
CA PHE B 193 -14.07 50.89 -18.13
C PHE B 193 -14.32 52.39 -18.18
N LEU B 194 -13.25 53.16 -18.12
CA LEU B 194 -13.36 54.62 -17.98
C LEU B 194 -13.40 55.33 -19.33
N PHE B 195 -14.23 56.36 -19.43
CA PHE B 195 -14.23 57.23 -20.61
C PHE B 195 -13.86 58.66 -20.21
N LYS B 196 -13.21 59.37 -21.13
CA LYS B 196 -12.77 60.74 -20.89
C LYS B 196 -13.73 61.76 -21.48
N LYS B 197 -13.35 63.03 -21.42
CA LYS B 197 -14.11 64.10 -22.05
C LYS B 197 -14.12 63.88 -23.55
N GLY B 198 -15.25 64.21 -24.19
CA GLY B 198 -15.44 63.94 -25.60
C GLY B 198 -14.41 64.61 -26.49
N ASP B 199 -14.04 63.93 -27.57
CA ASP B 199 -13.06 64.47 -28.50
C ASP B 199 -13.62 65.67 -29.29
N ARG B 200 -12.88 66.09 -30.31
CA ARG B 200 -13.27 67.26 -31.10
C ARG B 200 -14.62 67.07 -31.79
N PHE B 201 -15.02 65.82 -32.01
CA PHE B 201 -16.29 65.53 -32.65
C PHE B 201 -17.47 65.74 -31.71
N LEU B 202 -17.35 65.22 -30.49
CA LEU B 202 -18.39 65.38 -29.48
C LEU B 202 -18.41 66.81 -28.96
N GLU B 203 -17.23 67.42 -28.93
CA GLU B 203 -17.08 68.80 -28.47
C GLU B 203 -17.84 69.78 -29.36
N ALA B 204 -17.62 69.65 -30.67
CA ALA B 204 -18.27 70.52 -31.65
C ALA B 204 -19.77 70.21 -31.77
N ALA B 205 -20.18 69.07 -31.23
CA ALA B 205 -21.58 68.65 -31.26
C ALA B 205 -22.35 69.21 -30.07
N GLY B 206 -21.62 69.73 -29.09
CA GLY B 206 -22.23 70.31 -27.90
C GLY B 206 -22.47 69.26 -26.82
N ILE B 207 -21.89 68.08 -27.04
CA ILE B 207 -22.10 66.95 -26.13
C ILE B 207 -21.29 67.07 -24.84
N ASN B 208 -20.19 67.83 -24.89
CA ASN B 208 -19.34 68.01 -23.72
C ASN B 208 -19.85 69.02 -22.69
N LYS B 209 -21.10 69.44 -22.86
CA LYS B 209 -21.70 70.42 -21.96
C LYS B 209 -21.71 69.96 -20.51
N GLU B 210 -21.39 70.88 -19.61
CA GLU B 210 -21.43 70.66 -18.17
C GLU B 210 -20.57 69.49 -17.70
N TRP B 211 -19.56 69.13 -18.47
CA TRP B 211 -18.68 68.01 -18.14
C TRP B 211 -18.02 68.22 -16.77
N PRO B 212 -17.96 67.15 -15.94
CA PRO B 212 -18.49 65.81 -16.20
C PRO B 212 -19.78 65.54 -15.41
N GLU B 213 -20.57 66.58 -15.19
CA GLU B 213 -21.78 66.47 -14.39
C GLU B 213 -22.79 65.51 -15.01
N GLY B 214 -23.25 64.54 -14.21
CA GLY B 214 -24.24 63.59 -14.67
C GLY B 214 -23.66 62.41 -15.42
N ARG B 215 -22.34 62.36 -15.52
CA ARG B 215 -21.66 61.25 -16.16
C ARG B 215 -21.26 60.20 -15.12
N GLY B 216 -21.32 58.93 -15.50
CA GLY B 216 -21.01 57.86 -14.57
C GLY B 216 -20.74 56.52 -15.22
N ILE B 217 -20.27 55.56 -14.42
CA ILE B 217 -19.94 54.22 -14.90
C ILE B 217 -20.48 53.15 -13.96
N TYR B 218 -21.20 52.18 -14.52
CA TYR B 218 -21.69 51.05 -13.75
C TYR B 218 -21.14 49.76 -14.33
N HIS B 219 -20.83 48.81 -13.45
CA HIS B 219 -20.43 47.48 -13.88
C HIS B 219 -20.76 46.46 -12.80
N ASN B 220 -21.07 45.25 -13.22
CA ASN B 220 -21.34 44.18 -12.26
C ASN B 220 -20.05 43.67 -11.63
N ASN B 221 -20.18 42.93 -10.54
CA ASN B 221 -19.02 42.39 -9.82
C ASN B 221 -18.16 41.45 -10.67
N ASP B 222 -18.79 40.80 -11.65
CA ASP B 222 -18.08 39.86 -12.52
C ASP B 222 -17.36 40.57 -13.65
N LYS B 223 -17.66 41.86 -13.81
CA LYS B 223 -17.09 42.67 -14.88
C LYS B 223 -17.40 42.10 -16.25
N THR B 224 -18.64 41.64 -16.42
CA THR B 224 -19.10 41.13 -17.71
C THR B 224 -20.21 42.02 -18.24
N PHE B 225 -20.46 43.11 -17.52
CA PHE B 225 -21.53 44.03 -17.83
C PHE B 225 -21.06 45.45 -17.54
N LEU B 226 -21.21 46.34 -18.52
CA LEU B 226 -20.71 47.71 -18.40
C LEU B 226 -21.71 48.72 -18.91
N VAL B 227 -21.91 49.80 -18.15
CA VAL B 227 -22.81 50.86 -18.56
C VAL B 227 -22.13 52.23 -18.52
N TRP B 228 -22.06 52.88 -19.67
CA TRP B 228 -21.61 54.27 -19.73
C TRP B 228 -22.82 55.20 -19.69
N LEU B 229 -22.83 56.09 -18.71
CA LEU B 229 -23.98 56.94 -18.46
C LEU B 229 -23.74 58.38 -18.91
N ASN B 230 -24.55 58.82 -19.88
CA ASN B 230 -24.48 60.18 -20.42
C ASN B 230 -23.16 60.54 -21.10
N GLU B 231 -22.64 59.62 -21.91
CA GLU B 231 -21.45 59.92 -22.70
C GLU B 231 -21.88 60.55 -24.02
N GLU B 232 -21.96 59.74 -25.07
CA GLU B 232 -22.43 60.22 -26.37
C GLU B 232 -23.94 60.06 -26.46
N ASP B 233 -24.46 59.07 -25.75
CA ASP B 233 -25.90 58.93 -25.56
C ASP B 233 -26.16 58.79 -24.07
N HIS B 234 -27.43 58.78 -23.68
CA HIS B 234 -27.81 58.61 -22.28
C HIS B 234 -27.23 57.30 -21.75
N LEU B 235 -27.34 56.26 -22.56
CA LEU B 235 -26.91 54.93 -22.17
C LEU B 235 -26.10 54.23 -23.25
N ARG B 236 -24.91 53.79 -22.87
CA ARG B 236 -24.13 52.88 -23.69
C ARG B 236 -23.99 51.59 -22.89
N ILE B 237 -24.72 50.56 -23.30
CA ILE B 237 -24.83 49.34 -22.50
C ILE B 237 -24.11 48.16 -23.15
N ILE B 238 -23.17 47.58 -22.42
CA ILE B 238 -22.29 46.55 -22.98
C ILE B 238 -22.29 45.27 -22.14
N SER B 239 -22.40 44.14 -22.83
CA SER B 239 -22.21 42.84 -22.19
C SER B 239 -21.07 42.13 -22.91
N MET B 240 -20.11 41.61 -22.14
CA MET B 240 -18.93 40.99 -22.72
C MET B 240 -18.33 39.92 -21.82
N GLU B 241 -17.62 38.98 -22.43
CA GLU B 241 -16.93 37.95 -21.68
C GLU B 241 -15.98 37.18 -22.59
N LYS B 242 -15.05 36.45 -21.97
CA LYS B 242 -14.18 35.55 -22.73
C LYS B 242 -15.03 34.39 -23.22
N GLY B 243 -14.61 33.77 -24.31
CA GLY B 243 -15.32 32.61 -24.83
C GLY B 243 -16.27 32.94 -25.96
N SER B 244 -17.22 32.05 -26.21
CA SER B 244 -18.06 32.12 -27.40
C SER B 244 -19.55 32.24 -27.11
N ASP B 245 -19.93 32.14 -25.84
CA ASP B 245 -21.34 32.08 -25.46
C ASP B 245 -22.06 33.41 -25.72
N ILE B 246 -22.30 33.72 -26.99
CA ILE B 246 -22.97 34.96 -27.37
C ILE B 246 -24.43 34.98 -26.92
N GLY B 247 -25.05 33.81 -26.82
CA GLY B 247 -26.42 33.71 -26.37
C GLY B 247 -26.54 34.15 -24.92
N SER B 248 -25.62 33.69 -24.09
CA SER B 248 -25.56 34.09 -22.68
C SER B 248 -25.28 35.57 -22.55
N VAL B 249 -24.36 36.08 -23.37
CA VAL B 249 -24.01 37.49 -23.37
C VAL B 249 -25.23 38.36 -23.72
N PHE B 250 -25.95 37.94 -24.74
CA PHE B 250 -27.16 38.64 -25.18
C PHE B 250 -28.25 38.57 -24.11
N SER B 251 -28.42 37.38 -23.54
CA SER B 251 -29.39 37.15 -22.47
C SER B 251 -29.19 38.12 -21.31
N ARG B 252 -27.94 38.21 -20.85
CA ARG B 252 -27.58 39.11 -19.77
C ARG B 252 -27.83 40.57 -20.14
N LEU B 253 -27.49 40.92 -21.37
CA LEU B 253 -27.70 42.27 -21.87
C LEU B 253 -29.19 42.62 -21.88
N CYS B 254 -30.00 41.70 -22.39
CA CYS B 254 -31.43 41.92 -22.52
C CYS B 254 -32.15 42.06 -21.18
N ARG B 255 -31.73 41.27 -20.21
CA ARG B 255 -32.31 41.33 -18.87
C ARG B 255 -32.15 42.71 -18.24
N ALA B 256 -30.97 43.29 -18.41
CA ALA B 256 -30.68 44.60 -17.84
C ALA B 256 -31.44 45.70 -18.57
N VAL B 257 -31.39 45.67 -19.90
CA VAL B 257 -31.99 46.74 -20.72
C VAL B 257 -33.51 46.75 -20.66
N ASN B 258 -34.13 45.56 -20.66
CA ASN B 258 -35.58 45.45 -20.61
C ASN B 258 -36.14 45.92 -19.27
N GLU B 259 -35.34 45.78 -18.22
CA GLU B 259 -35.70 46.29 -16.90
C GLU B 259 -35.65 47.82 -16.90
N ILE B 260 -34.57 48.37 -17.45
CA ILE B 260 -34.43 49.80 -17.62
C ILE B 260 -35.57 50.34 -18.48
N ASP B 261 -35.94 49.55 -19.49
CA ASP B 261 -36.98 49.93 -20.44
C ASP B 261 -38.35 50.12 -19.78
N LYS B 262 -38.81 49.10 -19.06
CA LYS B 262 -40.14 49.14 -18.45
C LYS B 262 -40.23 50.07 -17.23
N LYS B 263 -39.08 50.42 -16.65
CA LYS B 263 -39.04 51.36 -15.55
C LYS B 263 -39.00 52.82 -16.04
N LEU B 264 -38.29 53.04 -17.13
CA LEU B 264 -38.01 54.40 -17.60
C LEU B 264 -38.56 54.71 -18.98
N GLY B 265 -38.35 53.81 -19.93
CA GLY B 265 -38.81 54.01 -21.29
C GLY B 265 -37.74 54.58 -22.20
N PHE B 266 -37.71 54.10 -23.44
CA PHE B 266 -36.72 54.52 -24.43
C PHE B 266 -37.34 55.39 -25.52
N GLN B 267 -36.51 56.24 -26.12
CA GLN B 267 -36.92 56.98 -27.32
C GLN B 267 -36.89 56.04 -28.52
N HIS B 268 -38.03 55.92 -29.18
CA HIS B 268 -38.20 54.91 -30.22
C HIS B 268 -39.26 55.34 -31.23
N THR B 269 -38.93 55.23 -32.52
CA THR B 269 -39.91 55.49 -33.57
C THR B 269 -40.02 54.30 -34.51
N LYS B 270 -40.97 54.37 -35.43
CA LYS B 270 -41.24 53.30 -36.37
C LYS B 270 -40.14 53.19 -37.42
N LYS B 271 -39.71 54.32 -37.95
CA LYS B 271 -38.76 54.36 -39.05
C LYS B 271 -37.29 54.46 -38.62
N HIS B 272 -37.04 54.89 -37.39
CA HIS B 272 -35.67 55.06 -36.91
C HIS B 272 -35.22 53.97 -35.93
N GLY B 273 -36.19 53.26 -35.37
CA GLY B 273 -35.90 52.35 -34.27
C GLY B 273 -35.55 53.17 -33.04
N TYR B 274 -34.49 52.77 -32.33
CA TYR B 274 -34.04 53.53 -31.17
C TYR B 274 -33.23 54.76 -31.56
N LEU B 275 -33.58 55.89 -30.95
CA LEU B 275 -32.99 57.18 -31.29
C LEU B 275 -31.66 57.42 -30.57
N THR B 276 -30.67 57.85 -31.33
CA THR B 276 -29.35 58.14 -30.78
C THR B 276 -28.81 59.48 -31.28
N SER B 277 -27.76 59.98 -30.64
CA SER B 277 -27.17 61.25 -30.99
C SER B 277 -26.63 61.24 -32.42
N CYS B 278 -25.77 60.28 -32.72
CA CYS B 278 -25.27 60.09 -34.07
C CYS B 278 -26.19 59.13 -34.81
N PRO B 279 -26.58 59.48 -36.05
CA PRO B 279 -27.48 58.65 -36.86
C PRO B 279 -26.87 57.31 -37.24
N SER B 280 -25.59 57.12 -36.95
CA SER B 280 -24.90 55.87 -37.24
C SER B 280 -25.35 54.78 -36.28
N ASN B 281 -25.88 55.20 -35.13
CA ASN B 281 -26.29 54.27 -34.08
C ASN B 281 -27.80 54.11 -33.95
N LEU B 282 -28.54 54.42 -35.00
CA LEU B 282 -29.99 54.28 -34.98
C LEU B 282 -30.40 52.81 -35.13
N GLY B 283 -31.71 52.55 -35.06
CA GLY B 283 -32.22 51.21 -35.21
C GLY B 283 -32.00 50.35 -33.99
N THR B 284 -31.07 49.39 -34.10
CA THR B 284 -30.74 48.52 -32.98
C THR B 284 -29.77 49.22 -32.05
N GLY B 285 -28.96 50.10 -32.62
CA GLY B 285 -27.92 50.80 -31.88
C GLY B 285 -26.86 49.82 -31.42
N MET B 286 -26.73 48.72 -32.14
CA MET B 286 -25.90 47.62 -31.68
C MET B 286 -24.61 47.40 -32.45
N ARG B 287 -23.53 47.18 -31.70
CA ARG B 287 -22.34 46.56 -32.26
C ARG B 287 -22.10 45.23 -31.55
N ALA B 288 -22.27 44.14 -32.29
CA ALA B 288 -22.01 42.81 -31.77
C ALA B 288 -20.73 42.27 -32.38
N SER B 289 -19.81 41.77 -31.55
CA SER B 289 -18.50 41.39 -32.05
C SER B 289 -17.93 40.13 -31.41
N VAL B 290 -17.04 39.46 -32.15
CA VAL B 290 -16.40 38.24 -31.69
C VAL B 290 -14.95 38.19 -32.19
N HIS B 291 -14.01 37.97 -31.29
CA HIS B 291 -12.61 37.76 -31.68
C HIS B 291 -12.38 36.28 -31.98
N VAL B 292 -12.03 35.97 -33.23
CA VAL B 292 -11.81 34.58 -33.62
C VAL B 292 -10.46 34.38 -34.30
N LYS B 293 -9.88 33.20 -34.12
CA LYS B 293 -8.64 32.84 -34.81
C LYS B 293 -8.96 31.94 -36.00
N ILE B 294 -9.07 32.54 -37.17
CA ILE B 294 -9.46 31.81 -38.38
C ILE B 294 -8.52 32.11 -39.55
N PRO B 295 -7.22 31.77 -39.42
CA PRO B 295 -6.27 32.15 -40.47
C PRO B 295 -6.42 31.33 -41.76
N HIS B 296 -7.00 30.14 -41.67
CA HIS B 296 -7.13 29.27 -42.82
C HIS B 296 -8.32 29.64 -43.72
N ALA B 297 -9.41 30.08 -43.10
CA ALA B 297 -10.65 30.33 -43.83
C ALA B 297 -10.66 31.62 -44.64
N LYS B 298 -9.80 32.57 -44.29
CA LYS B 298 -9.71 33.81 -45.04
C LYS B 298 -9.19 33.54 -46.44
N GLU B 299 -8.49 32.42 -46.59
CA GLU B 299 -7.96 32.01 -47.89
C GLU B 299 -8.98 31.18 -48.67
N HIS B 300 -10.01 30.71 -47.98
CA HIS B 300 -11.09 29.95 -48.61
C HIS B 300 -11.90 30.86 -49.55
N PRO B 301 -12.25 30.36 -50.73
CA PRO B 301 -13.02 31.13 -51.72
C PRO B 301 -14.34 31.68 -51.20
N ASP B 302 -15.00 30.94 -50.30
CA ASP B 302 -16.32 31.35 -49.80
C ASP B 302 -16.25 32.34 -48.65
N PHE B 303 -15.05 32.73 -48.27
CA PHE B 303 -14.84 33.64 -47.13
C PHE B 303 -15.63 34.94 -47.24
N GLU B 304 -15.36 35.69 -48.32
CA GLU B 304 -16.01 36.98 -48.54
C GLU B 304 -17.51 36.80 -48.84
N ASN B 305 -17.88 35.63 -49.34
CA ASN B 305 -19.29 35.32 -49.58
C ASN B 305 -20.08 35.13 -48.29
N ILE B 306 -19.42 34.61 -47.26
CA ILE B 306 -20.05 34.40 -45.96
C ILE B 306 -20.24 35.72 -45.24
N LEU B 307 -19.23 36.58 -45.31
CA LEU B 307 -19.30 37.92 -44.72
C LEU B 307 -20.46 38.71 -45.33
N THR B 308 -20.66 38.53 -46.63
CA THR B 308 -21.75 39.20 -47.35
C THR B 308 -23.10 38.62 -46.98
N LYS B 309 -23.17 37.30 -46.93
CA LYS B 309 -24.40 36.57 -46.67
C LYS B 309 -25.05 36.96 -45.35
N TYR B 310 -24.24 37.11 -44.31
CA TYR B 310 -24.74 37.44 -42.98
C TYR B 310 -24.49 38.90 -42.63
N HIS B 311 -24.06 39.67 -43.63
CA HIS B 311 -23.88 41.11 -43.48
C HIS B 311 -22.91 41.47 -42.35
N ILE B 312 -21.79 40.75 -42.29
CA ILE B 312 -20.77 40.99 -41.27
C ILE B 312 -19.44 41.37 -41.92
N GLN B 313 -18.48 41.77 -41.11
CA GLN B 313 -17.18 42.21 -41.62
C GLN B 313 -16.03 41.67 -40.77
N ALA B 314 -14.88 41.49 -41.40
CA ALA B 314 -13.69 40.98 -40.70
C ALA B 314 -12.57 42.00 -40.68
N ARG B 315 -11.97 42.18 -39.50
CA ARG B 315 -10.81 43.05 -39.33
C ARG B 315 -9.82 42.40 -38.36
N GLY B 316 -8.53 42.66 -38.55
CA GLY B 316 -7.50 42.03 -37.75
C GLY B 316 -6.93 42.91 -36.66
N ILE B 317 -7.59 42.92 -35.50
CA ILE B 317 -7.08 43.63 -34.34
C ILE B 317 -7.54 42.96 -33.04
N GLU B 327 1.41 36.83 -31.42
CA GLU B 327 0.46 36.36 -30.41
C GLU B 327 -0.99 36.44 -30.89
N ASP B 328 -1.32 37.54 -31.59
CA ASP B 328 -2.65 37.73 -32.12
C ASP B 328 -2.72 37.36 -33.59
N ALA B 329 -1.78 36.55 -34.04
CA ALA B 329 -1.70 36.15 -35.44
C ALA B 329 -2.90 35.33 -35.89
N GLY B 330 -3.51 35.76 -37.00
CA GLY B 330 -4.64 35.05 -37.58
C GLY B 330 -5.95 35.30 -36.83
N VAL B 331 -5.92 36.24 -35.90
CA VAL B 331 -7.10 36.58 -35.11
C VAL B 331 -7.88 37.71 -35.76
N TYR B 332 -9.20 37.55 -35.85
CA TYR B 332 -10.03 38.56 -36.49
C TYR B 332 -11.21 39.02 -35.63
N ASP B 333 -11.47 40.32 -35.70
CA ASP B 333 -12.65 40.92 -35.09
C ASP B 333 -13.79 40.85 -36.11
N ILE B 334 -14.78 40.03 -35.81
CA ILE B 334 -15.97 39.95 -36.64
C ILE B 334 -17.03 40.85 -36.01
N SER B 335 -17.74 41.61 -36.84
CA SER B 335 -18.75 42.52 -36.32
C SER B 335 -19.85 42.75 -37.34
N ASN B 336 -21.03 43.13 -36.84
CA ASN B 336 -22.17 43.44 -37.69
C ASN B 336 -21.93 44.73 -38.47
N ARG B 337 -22.55 44.83 -39.65
CA ARG B 337 -22.43 46.02 -40.48
C ARG B 337 -23.72 46.83 -40.50
N ARG B 338 -24.81 46.23 -40.03
CA ARG B 338 -26.12 46.86 -40.10
C ARG B 338 -26.79 47.03 -38.74
N ARG B 339 -27.53 48.12 -38.59
CA ARG B 339 -28.28 48.37 -37.37
C ARG B 339 -29.74 48.68 -37.68
N LEU B 340 -30.01 49.03 -38.93
CA LEU B 340 -31.36 49.35 -39.38
C LEU B 340 -31.86 48.37 -40.42
N GLY B 341 -33.10 47.90 -40.25
CA GLY B 341 -33.70 46.96 -41.18
C GLY B 341 -33.75 45.54 -40.63
N LEU B 342 -33.05 45.33 -39.53
CA LEU B 342 -33.04 44.02 -38.87
C LEU B 342 -33.18 44.20 -37.36
N SER B 343 -33.68 43.16 -36.68
CA SER B 343 -33.90 43.26 -35.24
C SER B 343 -32.62 42.93 -34.48
N GLU B 344 -32.63 43.19 -33.18
CA GLU B 344 -31.48 42.88 -32.34
C GLU B 344 -31.27 41.37 -32.27
N VAL B 345 -32.36 40.62 -32.28
CA VAL B 345 -32.30 39.16 -32.27
C VAL B 345 -31.69 38.65 -33.59
N GLN B 346 -32.13 39.20 -34.71
CA GLN B 346 -31.65 38.77 -36.02
C GLN B 346 -30.17 39.08 -36.20
N CYS B 347 -29.75 40.24 -35.70
CA CYS B 347 -28.34 40.62 -35.78
C CYS B 347 -27.43 39.69 -34.98
N VAL B 348 -27.89 39.31 -33.79
CA VAL B 348 -27.16 38.35 -32.96
C VAL B 348 -27.18 36.97 -33.61
N GLN B 349 -28.30 36.65 -34.27
CA GLN B 349 -28.45 35.38 -34.96
C GLN B 349 -27.55 35.31 -36.19
N ASP B 350 -27.62 36.35 -37.02
CA ASP B 350 -26.74 36.46 -38.19
C ASP B 350 -25.28 36.38 -37.76
N MET B 351 -24.99 37.01 -36.61
CA MET B 351 -23.65 37.01 -36.04
C MET B 351 -23.25 35.58 -35.67
N TYR B 352 -24.14 34.92 -34.94
CA TYR B 352 -23.95 33.54 -34.54
C TYR B 352 -23.74 32.62 -35.74
N ASP B 353 -24.63 32.73 -36.72
CA ASP B 353 -24.57 31.90 -37.92
C ASP B 353 -23.33 32.20 -38.77
N GLY B 354 -22.89 33.45 -38.75
CA GLY B 354 -21.74 33.86 -39.55
C GLY B 354 -20.44 33.29 -39.01
N VAL B 355 -20.21 33.49 -37.71
CA VAL B 355 -19.05 32.95 -37.03
C VAL B 355 -19.08 31.42 -37.07
N LYS B 356 -20.29 30.86 -37.01
CA LYS B 356 -20.50 29.42 -37.15
C LYS B 356 -19.96 28.92 -38.48
N ALA B 357 -20.41 29.54 -39.56
CA ALA B 357 -19.99 29.16 -40.91
C ALA B 357 -18.50 29.38 -41.12
N LEU B 358 -17.97 30.45 -40.53
CA LEU B 358 -16.55 30.77 -40.62
C LEU B 358 -15.69 29.76 -39.89
N MET B 359 -16.14 29.36 -38.70
CA MET B 359 -15.42 28.39 -37.89
C MET B 359 -15.38 27.02 -38.57
N GLU B 360 -16.45 26.68 -39.27
CA GLU B 360 -16.52 25.41 -39.99
C GLU B 360 -15.46 25.32 -41.08
N LEU B 361 -15.21 26.44 -41.75
CA LEU B 361 -14.19 26.50 -42.77
C LEU B 361 -12.81 26.24 -42.17
N GLU B 362 -12.53 26.90 -41.05
CA GLU B 362 -11.26 26.73 -40.34
C GLU B 362 -11.09 25.27 -39.92
N LYS B 363 -12.17 24.69 -39.41
CA LYS B 363 -12.16 23.32 -38.93
C LYS B 363 -11.86 22.32 -40.04
N GLU B 364 -12.39 22.58 -41.24
CA GLU B 364 -12.13 21.73 -42.39
C GLU B 364 -10.64 21.67 -42.72
N ALA B 365 -10.02 22.84 -42.79
CA ALA B 365 -8.59 22.95 -43.10
C ALA B 365 -7.75 22.28 -42.02
N ILE B 366 -8.13 22.47 -40.76
CA ILE B 366 -7.43 21.84 -39.65
C ILE B 366 -7.54 20.31 -39.72
N ALA B 367 -8.76 19.83 -39.97
CA ALA B 367 -9.01 18.40 -40.08
C ALA B 367 -8.27 17.80 -41.27
N LYS B 368 -8.07 18.61 -42.30
CA LYS B 368 -7.36 18.19 -43.50
C LYS B 368 -5.87 17.96 -43.21
N LYS B 369 -5.28 18.85 -42.42
CA LYS B 369 -3.85 18.76 -42.11
C LYS B 369 -3.58 17.77 -40.98
N ARG B 370 -4.63 17.30 -40.32
CA ARG B 370 -4.50 16.35 -39.23
C ARG B 370 -4.91 14.93 -39.64
N SER B 371 -5.44 14.79 -40.85
CA SER B 371 -5.87 13.48 -41.35
C SER B 371 -4.66 12.64 -41.74
N VAL B 372 -3.51 13.29 -41.84
CA VAL B 372 -2.28 12.63 -42.29
C VAL B 372 -1.20 12.64 -41.20
N PHE B 373 -0.38 11.58 -41.17
CA PHE B 373 0.75 11.50 -40.25
C PHE B 373 1.66 12.73 -40.39
N PRO B 374 1.94 13.40 -39.26
CA PRO B 374 2.77 14.61 -39.22
C PRO B 374 4.09 14.40 -39.97
N GLU B 375 4.15 14.92 -41.19
CA GLU B 375 5.33 14.83 -42.04
C GLU B 375 6.59 15.29 -41.33
N VAL B 376 6.43 16.24 -40.42
CA VAL B 376 7.54 16.83 -39.68
C VAL B 376 8.16 15.83 -38.69
N LEU B 377 7.45 14.73 -38.43
CA LEU B 377 7.94 13.72 -37.50
C LEU B 377 8.86 12.70 -38.19
N LYS B 378 8.94 12.77 -39.51
CA LYS B 378 9.77 11.86 -40.29
C LYS B 378 11.25 12.02 -39.96
N ASN B 379 11.61 13.20 -39.45
CA ASN B 379 13.00 13.53 -39.13
C ASN B 379 13.58 12.64 -38.02
N PRO B 380 14.65 11.89 -38.33
CA PRO B 380 15.35 11.06 -37.34
C PRO B 380 16.11 11.89 -36.31
N GLU B 381 16.30 13.18 -36.57
CA GLU B 381 17.02 14.05 -35.65
C GLU B 381 16.14 14.41 -34.45
N VAL B 382 14.83 14.22 -34.61
CA VAL B 382 13.88 14.47 -33.53
C VAL B 382 14.01 13.36 -32.49
N LYS B 383 14.35 13.75 -31.27
CA LYS B 383 14.65 12.78 -30.22
C LYS B 383 13.56 12.68 -29.16
N SER B 384 12.36 13.16 -29.49
CA SER B 384 11.25 13.15 -28.55
C SER B 384 10.69 11.75 -28.33
N LEU B 385 10.08 11.52 -27.17
CA LEU B 385 9.39 10.27 -26.89
C LEU B 385 8.23 10.07 -27.85
N LEU B 386 7.66 11.19 -28.30
CA LEU B 386 6.58 11.17 -29.27
C LEU B 386 7.01 10.47 -30.55
N ARG B 387 8.13 10.90 -31.13
CA ARG B 387 8.61 10.30 -32.36
C ARG B 387 9.06 8.86 -32.15
N LYS B 388 9.66 8.61 -30.99
CA LYS B 388 10.18 7.29 -30.64
C LYS B 388 9.09 6.22 -30.69
N TYR B 389 7.89 6.57 -30.26
CA TYR B 389 6.82 5.60 -30.11
C TYR B 389 5.66 5.77 -31.11
N LEU B 390 5.48 6.97 -31.64
CA LEU B 390 4.41 7.18 -32.61
C LEU B 390 4.87 6.88 -34.03
N THR B 391 4.75 5.61 -34.40
CA THR B 391 5.01 5.19 -35.78
C THR B 391 3.79 5.58 -36.62
N PRO B 392 3.98 5.75 -37.94
CA PRO B 392 2.84 6.02 -38.83
C PRO B 392 1.75 4.96 -38.69
N GLU B 393 2.16 3.71 -38.43
CA GLU B 393 1.22 2.62 -38.25
C GLU B 393 0.33 2.87 -37.02
N LEU B 394 0.95 3.29 -35.92
CA LEU B 394 0.22 3.55 -34.69
C LEU B 394 -0.63 4.81 -34.80
N PHE B 395 -0.11 5.79 -35.53
CA PHE B 395 -0.85 7.03 -35.76
C PHE B 395 -2.14 6.75 -36.52
N ASP B 396 -2.04 5.95 -37.59
CA ASP B 396 -3.18 5.64 -38.45
C ASP B 396 -4.27 4.87 -37.71
N SER B 397 -3.87 4.11 -36.68
CA SER B 397 -4.80 3.23 -35.98
C SER B 397 -5.57 3.95 -34.88
N LEU B 398 -5.21 5.20 -34.59
CA LEU B 398 -5.82 5.94 -33.49
C LEU B 398 -6.33 7.31 -33.87
N LYS B 399 -5.92 7.81 -35.04
CA LYS B 399 -6.15 9.20 -35.41
C LYS B 399 -7.62 9.60 -35.58
N ASP B 400 -8.51 8.62 -35.71
CA ASP B 400 -9.94 8.92 -35.90
C ASP B 400 -10.76 8.69 -34.64
N LYS B 401 -10.07 8.58 -33.51
CA LYS B 401 -10.75 8.40 -32.23
C LYS B 401 -10.76 9.69 -31.43
N LYS B 402 -11.88 9.95 -30.77
CA LYS B 402 -12.00 11.10 -29.88
C LYS B 402 -12.62 10.67 -28.57
N THR B 403 -12.11 11.21 -27.47
CA THR B 403 -12.65 10.90 -26.15
C THR B 403 -14.05 11.49 -26.04
N ALA B 404 -14.74 11.18 -24.94
CA ALA B 404 -16.10 11.65 -24.71
C ALA B 404 -16.17 13.17 -24.62
N LYS B 405 -15.02 13.81 -24.44
CA LYS B 405 -14.94 15.25 -24.33
C LYS B 405 -14.38 15.89 -25.61
N GLY B 406 -14.22 15.08 -26.66
CA GLY B 406 -13.81 15.57 -27.96
C GLY B 406 -12.31 15.71 -28.14
N ILE B 407 -11.55 15.01 -27.31
CA ILE B 407 -10.09 15.07 -27.40
C ILE B 407 -9.56 14.02 -28.37
N SER B 408 -8.86 14.47 -29.41
CA SER B 408 -8.29 13.56 -30.40
C SER B 408 -6.85 13.21 -30.05
N LEU B 409 -6.28 12.27 -30.81
CA LEU B 409 -4.88 11.92 -30.63
C LEU B 409 -4.00 13.10 -31.00
N TYR B 410 -4.40 13.82 -32.05
CA TYR B 410 -3.62 14.95 -32.53
C TYR B 410 -3.59 16.08 -31.51
N ASP B 411 -4.71 16.26 -30.81
CA ASP B 411 -4.77 17.21 -29.70
C ASP B 411 -3.71 16.87 -28.69
N CYS B 412 -3.57 15.57 -28.42
CA CYS B 412 -2.63 15.09 -27.42
C CYS B 412 -1.17 15.25 -27.81
N ILE B 413 -0.88 15.18 -29.10
CA ILE B 413 0.50 15.23 -29.57
C ILE B 413 0.85 16.55 -30.24
N ASN B 414 -0.08 17.49 -30.22
CA ASN B 414 0.07 18.76 -30.93
C ASN B 414 1.30 19.56 -30.48
N SER B 415 1.66 19.47 -29.21
CA SER B 415 2.81 20.19 -28.68
C SER B 415 4.10 19.54 -29.14
N GLY B 416 4.05 18.23 -29.37
CA GLY B 416 5.20 17.50 -29.85
C GLY B 416 5.47 17.78 -31.31
N VAL B 417 4.41 18.04 -32.06
CA VAL B 417 4.51 18.35 -33.48
C VAL B 417 5.02 19.76 -33.71
N GLU B 418 4.53 20.70 -32.90
CA GLU B 418 4.92 22.11 -33.02
C GLU B 418 6.31 22.36 -32.46
N ASN B 419 6.66 21.64 -31.39
CA ASN B 419 7.97 21.77 -30.77
C ASN B 419 8.80 20.50 -30.94
N LEU B 420 9.57 20.45 -32.02
CA LEU B 420 10.37 19.28 -32.35
C LEU B 420 11.49 19.01 -31.35
N ASP B 421 11.82 20.02 -30.55
CA ASP B 421 12.86 19.90 -29.53
C ASP B 421 12.29 19.43 -28.20
N SER B 422 11.05 18.96 -28.22
CA SER B 422 10.40 18.46 -27.02
C SER B 422 11.12 17.22 -26.50
N SER B 423 11.13 17.05 -25.18
CA SER B 423 11.68 15.84 -24.57
C SER B 423 10.66 14.71 -24.70
N CYS B 424 9.42 15.00 -24.33
CA CYS B 424 8.33 14.05 -24.43
C CYS B 424 7.40 14.44 -25.57
N GLY B 425 6.64 15.52 -25.36
CA GLY B 425 5.81 16.10 -26.39
C GLY B 425 4.39 15.57 -26.48
N VAL B 426 3.91 14.92 -25.42
CA VAL B 426 2.55 14.38 -25.40
C VAL B 426 1.80 14.79 -24.12
N TYR B 427 0.58 15.28 -24.30
CA TYR B 427 -0.24 15.74 -23.19
C TYR B 427 -1.63 15.09 -23.23
N ALA B 428 -2.18 14.81 -22.06
CA ALA B 428 -3.51 14.23 -21.97
C ALA B 428 -4.58 15.28 -21.70
N GLY B 429 -5.62 15.28 -22.53
CA GLY B 429 -6.71 16.24 -22.39
C GLY B 429 -7.65 15.87 -21.25
N ASP B 430 -7.83 14.58 -21.04
CA ASP B 430 -8.67 14.10 -19.94
C ASP B 430 -8.19 12.72 -19.46
N GLU B 431 -8.89 12.19 -18.45
CA GLU B 431 -8.59 10.86 -17.93
C GLU B 431 -8.67 9.80 -19.02
N GLU B 432 -9.67 9.92 -19.89
CA GLU B 432 -9.95 8.92 -20.91
C GLU B 432 -8.80 8.77 -21.93
N CYS B 433 -7.99 9.82 -22.06
CA CYS B 433 -6.87 9.81 -22.99
C CYS B 433 -5.83 8.74 -22.66
N TYR B 434 -5.63 8.48 -21.37
CA TYR B 434 -4.67 7.48 -20.92
C TYR B 434 -5.09 6.06 -21.26
N THR B 435 -6.38 5.89 -21.58
CA THR B 435 -6.91 4.57 -21.95
C THR B 435 -7.15 4.48 -23.46
N LEU B 436 -7.86 5.46 -23.99
CA LEU B 436 -8.21 5.48 -25.41
C LEU B 436 -6.97 5.55 -26.29
N PHE B 437 -5.94 6.25 -25.81
CA PHE B 437 -4.67 6.35 -26.52
C PHE B 437 -3.54 5.68 -25.74
N ALA B 438 -3.91 4.72 -24.91
CA ALA B 438 -2.95 3.90 -24.17
C ALA B 438 -1.82 3.29 -25.00
N PRO B 439 -2.11 2.82 -26.23
CA PRO B 439 -0.99 2.32 -27.06
C PRO B 439 0.17 3.31 -27.24
N LEU B 440 -0.10 4.60 -27.09
CA LEU B 440 0.96 5.60 -27.12
C LEU B 440 1.36 5.99 -25.70
N PHE B 441 0.37 6.32 -24.88
CA PHE B 441 0.61 6.78 -23.52
C PHE B 441 1.33 5.76 -22.63
N ASP B 442 1.00 4.48 -22.77
CA ASP B 442 1.63 3.44 -21.95
C ASP B 442 3.14 3.41 -22.14
N LYS B 443 3.58 3.50 -23.39
CA LYS B 443 4.99 3.45 -23.72
C LYS B 443 5.74 4.68 -23.22
N ILE B 444 5.12 5.85 -23.35
CA ILE B 444 5.72 7.10 -22.88
C ILE B 444 5.91 7.07 -21.36
N VAL B 445 4.85 6.69 -20.65
CA VAL B 445 4.89 6.61 -19.19
C VAL B 445 5.98 5.66 -18.71
N GLU B 446 5.99 4.45 -19.26
CA GLU B 446 6.96 3.44 -18.84
C GLU B 446 8.38 3.78 -19.27
N ASP B 447 8.52 4.58 -20.34
CA ASP B 447 9.84 5.02 -20.77
C ASP B 447 10.34 6.11 -19.82
N TYR B 448 9.54 7.14 -19.64
CA TYR B 448 9.92 8.27 -18.78
C TYR B 448 10.06 7.84 -17.32
N HIS B 449 9.05 7.15 -16.81
CA HIS B 449 9.04 6.75 -15.41
C HIS B 449 9.77 5.42 -15.18
N SER B 450 10.63 5.06 -16.11
CA SER B 450 11.46 3.86 -15.97
C SER B 450 12.17 3.88 -14.61
N PRO B 451 12.25 2.72 -13.95
CA PRO B 451 11.88 1.37 -14.41
C PRO B 451 10.44 0.96 -14.09
N TYR B 452 9.55 1.91 -13.86
CA TYR B 452 8.18 1.58 -13.45
C TYR B 452 7.41 0.88 -14.57
N LYS B 453 6.71 -0.19 -14.20
CA LYS B 453 5.79 -0.86 -15.10
C LYS B 453 4.37 -0.62 -14.61
N LEU B 454 3.44 -0.45 -15.55
CA LEU B 454 2.04 -0.18 -15.21
C LEU B 454 1.39 -1.35 -14.47
N ALA B 455 1.92 -2.55 -14.70
CA ALA B 455 1.42 -3.74 -14.05
C ALA B 455 1.70 -3.72 -12.54
N ASN B 456 2.80 -3.09 -12.16
CA ASN B 456 3.17 -2.94 -10.75
C ASN B 456 2.11 -2.15 -9.99
N LYS B 457 1.50 -1.19 -10.69
CA LYS B 457 0.52 -0.28 -10.11
C LYS B 457 1.13 0.63 -9.06
N HIS B 458 0.35 1.60 -8.59
CA HIS B 458 0.87 2.66 -7.73
C HIS B 458 0.04 2.82 -6.47
N THR B 459 0.71 3.10 -5.36
CA THR B 459 0.05 3.31 -4.08
C THR B 459 0.23 4.75 -3.59
N SER B 460 -0.86 5.38 -3.21
CA SER B 460 -0.84 6.73 -2.67
C SER B 460 -0.93 6.70 -1.16
N ASP B 461 -0.22 7.61 -0.50
CA ASP B 461 -0.19 7.67 0.96
C ASP B 461 0.08 9.10 1.44
N MET B 462 -0.96 9.76 1.94
CA MET B 462 -0.82 11.13 2.46
C MET B 462 -0.98 11.19 3.98
N ASN B 463 -0.43 10.18 4.67
CA ASN B 463 -0.44 10.17 6.12
C ASN B 463 0.91 10.62 6.67
N PRO B 464 0.95 11.83 7.26
CA PRO B 464 2.20 12.45 7.74
C PRO B 464 2.85 11.65 8.86
N GLU B 465 2.02 10.97 9.64
CA GLU B 465 2.48 10.23 10.82
C GLU B 465 3.31 9.00 10.44
N LYS B 466 3.18 8.56 9.19
CA LYS B 466 3.92 7.40 8.73
C LYS B 466 5.35 7.76 8.33
N VAL B 467 5.63 9.06 8.30
CA VAL B 467 7.00 9.54 8.10
C VAL B 467 7.67 9.76 9.45
N ASP B 468 8.80 9.11 9.65
CA ASP B 468 9.59 9.30 10.87
C ASP B 468 10.77 10.19 10.56
N ALA B 469 10.65 11.47 10.88
CA ALA B 469 11.68 12.44 10.56
C ALA B 469 11.90 13.44 11.68
N PRO B 470 12.54 13.00 12.78
CA PRO B 470 12.93 13.94 13.84
C PRO B 470 13.86 14.99 13.27
N ASN B 471 13.50 16.26 13.42
CA ASN B 471 14.19 17.39 12.78
C ASN B 471 15.72 17.29 12.79
N LEU B 472 16.29 17.20 11.60
CA LEU B 472 17.74 17.03 11.43
C LEU B 472 18.55 18.21 11.95
N ASP B 473 18.39 19.36 11.30
CA ASP B 473 19.22 20.52 11.57
C ASP B 473 18.37 21.74 11.93
N PRO B 474 17.95 21.83 13.20
CA PRO B 474 17.10 22.94 13.66
C PRO B 474 17.81 24.30 13.67
N GLU B 475 19.13 24.30 13.88
CA GLU B 475 19.90 25.53 13.90
C GLU B 475 19.95 26.18 12.52
N GLY B 476 19.93 25.35 11.48
CA GLY B 476 19.94 25.82 10.10
C GLY B 476 21.35 25.91 9.55
N THR B 477 22.26 25.15 10.13
CA THR B 477 23.67 25.17 9.75
C THR B 477 23.89 24.74 8.30
N TYR B 478 23.26 23.64 7.92
CA TYR B 478 23.50 23.04 6.61
C TYR B 478 22.32 23.18 5.64
N ILE B 479 21.11 23.13 6.18
CA ILE B 479 19.91 23.14 5.36
C ILE B 479 19.18 24.49 5.43
N ARG B 480 19.07 25.14 4.27
CA ARG B 480 18.49 26.47 4.20
C ARG B 480 16.97 26.45 4.08
N SER B 481 16.45 25.64 3.17
CA SER B 481 15.01 25.59 2.94
C SER B 481 14.50 24.18 2.62
N THR B 482 13.25 23.93 2.99
CA THR B 482 12.60 22.65 2.68
C THR B 482 11.26 22.92 2.00
N ARG B 483 11.03 22.28 0.85
CA ARG B 483 9.85 22.55 0.05
C ARG B 483 9.27 21.28 -0.58
N ILE B 484 7.97 21.07 -0.41
CA ILE B 484 7.28 19.93 -1.00
C ILE B 484 6.08 20.37 -1.82
N ARG B 485 6.08 20.00 -3.10
CA ARG B 485 5.00 20.34 -4.01
C ARG B 485 4.30 19.07 -4.50
N VAL B 486 2.97 19.09 -4.53
CA VAL B 486 2.21 18.06 -5.20
C VAL B 486 1.28 18.68 -6.24
N ALA B 487 1.09 17.98 -7.35
CA ALA B 487 0.15 18.41 -8.37
C ALA B 487 -1.11 17.55 -8.30
N ARG B 488 -2.27 18.19 -8.29
CA ARG B 488 -3.53 17.48 -8.20
C ARG B 488 -4.54 18.05 -9.20
N ASN B 489 -5.44 17.20 -9.68
CA ASN B 489 -6.51 17.65 -10.55
C ASN B 489 -7.88 17.22 -10.03
N VAL B 490 -8.88 18.08 -10.24
CA VAL B 490 -10.18 17.92 -9.59
C VAL B 490 -11.10 16.92 -10.28
N LYS B 491 -11.59 15.97 -9.49
CA LYS B 491 -12.53 14.95 -9.93
C LYS B 491 -13.80 15.55 -10.54
N GLY B 492 -14.22 15.01 -11.68
CA GLY B 492 -15.45 15.45 -12.32
C GLY B 492 -15.21 16.36 -13.52
N TYR B 493 -13.96 16.76 -13.70
CA TYR B 493 -13.60 17.63 -14.81
C TYR B 493 -12.57 16.97 -15.71
N ALA B 494 -12.30 17.59 -16.85
CA ALA B 494 -11.21 17.15 -17.72
C ALA B 494 -9.87 17.53 -17.11
N LEU B 495 -8.79 17.26 -17.82
CA LEU B 495 -7.48 17.71 -17.38
C LEU B 495 -7.22 19.09 -17.97
N THR B 496 -6.16 19.75 -17.51
CA THR B 496 -5.85 21.11 -17.93
C THR B 496 -5.88 21.39 -19.45
N PRO B 497 -5.21 20.55 -20.27
CA PRO B 497 -5.21 20.84 -21.70
C PRO B 497 -6.59 20.76 -22.35
N GLY B 498 -7.51 20.05 -21.72
CA GLY B 498 -8.82 19.80 -22.31
C GLY B 498 -9.97 20.58 -21.68
N LEU B 499 -9.66 21.44 -20.73
CA LEU B 499 -10.69 22.20 -20.01
C LEU B 499 -11.45 23.16 -20.90
N THR B 500 -12.76 23.23 -20.70
CA THR B 500 -13.59 24.25 -21.34
C THR B 500 -13.52 25.50 -20.46
N ARG B 501 -14.06 26.60 -20.95
CA ARG B 501 -14.07 27.83 -20.17
C ARG B 501 -14.82 27.67 -18.84
N ASN B 502 -16.03 27.14 -18.93
CA ASN B 502 -16.89 26.99 -17.76
C ASN B 502 -16.38 25.96 -16.76
N GLU B 503 -15.66 24.96 -17.26
CA GLU B 503 -15.02 23.98 -16.39
C GLU B 503 -13.95 24.66 -15.54
N ARG B 504 -13.14 25.49 -16.19
CA ARG B 504 -12.03 26.17 -15.54
C ARG B 504 -12.52 27.13 -14.46
N LEU B 505 -13.55 27.90 -14.78
CA LEU B 505 -14.14 28.85 -13.83
C LEU B 505 -14.86 28.11 -12.71
N ASP B 506 -15.36 26.93 -13.01
CA ASP B 506 -16.02 26.10 -12.01
C ASP B 506 -14.98 25.59 -11.01
N ILE B 507 -13.83 25.18 -11.54
CA ILE B 507 -12.73 24.66 -10.73
C ILE B 507 -12.20 25.75 -9.80
N GLU B 508 -12.06 26.97 -10.35
CA GLU B 508 -11.59 28.10 -9.56
C GLU B 508 -12.52 28.38 -8.39
N ARG B 509 -13.81 28.45 -8.66
CA ARG B 509 -14.81 28.79 -7.64
C ARG B 509 -14.85 27.77 -6.51
N LYS B 510 -14.87 26.49 -6.86
CA LYS B 510 -14.89 25.42 -5.88
C LYS B 510 -13.62 25.40 -5.02
N VAL B 511 -12.47 25.53 -5.66
CA VAL B 511 -11.19 25.47 -4.96
C VAL B 511 -11.02 26.66 -4.00
N VAL B 512 -11.35 27.85 -4.48
CA VAL B 512 -11.31 29.05 -3.65
C VAL B 512 -12.23 28.90 -2.45
N GLY B 513 -13.38 28.29 -2.67
CA GLY B 513 -14.34 28.05 -1.62
C GLY B 513 -13.76 27.16 -0.53
N VAL B 514 -13.03 26.14 -0.93
CA VAL B 514 -12.38 25.23 0.01
C VAL B 514 -11.25 25.91 0.76
N LEU B 515 -10.36 26.56 0.01
CA LEU B 515 -9.20 27.25 0.58
C LEU B 515 -9.57 28.36 1.56
N SER B 516 -10.75 28.94 1.37
CA SER B 516 -11.22 30.00 2.26
C SER B 516 -11.83 29.45 3.54
N SER B 517 -12.05 28.13 3.58
CA SER B 517 -12.62 27.48 4.75
C SER B 517 -11.53 26.90 5.64
N LEU B 518 -10.28 27.01 5.19
CA LEU B 518 -9.13 26.56 5.98
C LEU B 518 -9.03 27.40 7.26
N THR B 519 -8.64 26.76 8.35
CA THR B 519 -8.85 27.32 9.68
C THR B 519 -7.59 27.81 10.42
N GLY B 520 -6.60 26.94 10.58
CA GLY B 520 -5.44 27.22 11.40
C GLY B 520 -4.34 28.00 10.70
N ASP B 521 -3.17 27.36 10.58
CA ASP B 521 -2.02 27.98 9.91
C ASP B 521 -2.15 27.86 8.39
N LEU B 522 -3.31 27.40 7.94
CA LEU B 522 -3.60 27.23 6.53
C LEU B 522 -4.46 28.36 5.99
N ALA B 523 -4.89 29.24 6.89
CA ALA B 523 -5.74 30.37 6.51
C ALA B 523 -4.95 31.43 5.76
N GLY B 524 -5.54 31.98 4.70
CA GLY B 524 -4.89 33.02 3.92
C GLY B 524 -5.84 33.76 2.99
N GLN B 525 -5.28 34.46 2.01
CA GLN B 525 -6.08 35.21 1.05
C GLN B 525 -5.89 34.68 -0.37
N TYR B 526 -6.88 34.95 -1.22
CA TYR B 526 -6.81 34.54 -2.62
C TYR B 526 -6.55 35.74 -3.53
N TYR B 527 -5.59 35.58 -4.45
CA TYR B 527 -5.21 36.65 -5.36
C TYR B 527 -5.36 36.19 -6.80
N PRO B 528 -6.48 36.55 -7.43
CA PRO B 528 -6.71 36.21 -8.85
C PRO B 528 -5.81 37.03 -9.77
N LEU B 529 -5.35 36.41 -10.85
CA LEU B 529 -4.49 37.08 -11.82
C LEU B 529 -5.29 38.11 -12.62
N THR B 530 -6.53 37.77 -12.93
CA THR B 530 -7.44 38.66 -13.64
C THR B 530 -7.72 39.91 -12.79
N GLY B 531 -7.28 41.06 -13.29
CA GLY B 531 -7.52 42.31 -12.61
C GLY B 531 -6.52 42.63 -11.50
N MET B 532 -5.43 41.88 -11.46
CA MET B 532 -4.38 42.10 -10.46
C MET B 532 -3.53 43.32 -10.82
N ASP B 533 -3.33 44.20 -9.85
CA ASP B 533 -2.61 45.46 -10.09
C ASP B 533 -1.09 45.27 -10.07
N GLU B 534 -0.38 46.34 -10.42
CA GLU B 534 1.07 46.31 -10.47
C GLU B 534 1.68 46.22 -9.07
N ALA B 535 0.92 46.66 -8.08
CA ALA B 535 1.37 46.65 -6.69
C ALA B 535 1.25 45.25 -6.09
N THR B 536 0.09 44.62 -6.29
CA THR B 536 -0.15 43.28 -5.78
C THR B 536 0.82 42.29 -6.40
N ARG B 537 0.99 42.38 -7.71
CA ARG B 537 1.89 41.49 -8.44
C ARG B 537 3.33 41.70 -8.01
N GLN B 538 3.64 42.90 -7.54
CA GLN B 538 5.00 43.26 -7.15
C GLN B 538 5.46 42.53 -5.89
N LYS B 539 4.58 42.44 -4.89
CA LYS B 539 4.93 41.79 -3.64
C LYS B 539 4.66 40.28 -3.68
N LEU B 540 4.07 39.82 -4.79
CA LEU B 540 3.95 38.39 -5.06
C LEU B 540 5.21 37.90 -5.75
N VAL B 541 5.85 38.82 -6.47
CA VAL B 541 7.12 38.53 -7.15
C VAL B 541 8.27 38.45 -6.14
N ASN B 542 8.30 39.39 -5.20
CA ASN B 542 9.36 39.46 -4.20
C ASN B 542 9.41 38.21 -3.30
N ASP B 543 8.30 37.48 -3.25
CA ASP B 543 8.26 36.23 -2.48
C ASP B 543 8.15 35.01 -3.38
N HIS B 544 8.33 35.22 -4.69
CA HIS B 544 8.29 34.16 -5.68
C HIS B 544 6.95 33.43 -5.74
N PHE B 545 5.87 34.12 -5.37
CA PHE B 545 4.55 33.50 -5.34
C PHE B 545 3.81 33.61 -6.68
N LEU B 546 4.29 34.48 -7.56
CA LEU B 546 3.62 34.75 -8.83
C LEU B 546 4.09 33.82 -9.95
N PHE B 547 3.16 33.39 -10.79
CA PHE B 547 3.51 32.61 -11.99
C PHE B 547 3.03 33.34 -13.24
N LYS B 548 3.59 32.94 -14.39
CA LYS B 548 3.28 33.58 -15.66
C LYS B 548 2.63 32.59 -16.62
N LYS B 549 2.14 33.09 -17.76
CA LYS B 549 1.61 32.26 -18.84
C LYS B 549 2.67 31.23 -19.25
N GLY B 550 2.20 30.06 -19.67
CA GLY B 550 3.08 28.92 -19.86
C GLY B 550 3.93 28.90 -21.10
N ASP B 551 4.82 27.92 -21.15
CA ASP B 551 5.76 27.70 -22.27
C ASP B 551 5.07 27.66 -23.63
N ARG B 552 5.88 27.67 -24.68
CA ARG B 552 5.39 27.35 -26.01
C ARG B 552 4.98 25.88 -26.04
N PHE B 553 5.60 25.10 -25.17
CA PHE B 553 5.24 23.69 -24.99
C PHE B 553 3.84 23.57 -24.42
N LEU B 554 3.55 24.38 -23.40
CA LEU B 554 2.24 24.40 -22.77
C LEU B 554 1.22 25.09 -23.68
N GLU B 555 1.67 26.10 -24.41
CA GLU B 555 0.83 26.85 -25.33
C GLU B 555 0.23 25.95 -26.41
N ALA B 556 1.08 25.15 -27.03
CA ALA B 556 0.66 24.25 -28.10
C ALA B 556 -0.21 23.11 -27.58
N ALA B 557 -0.12 22.85 -26.28
CA ALA B 557 -0.89 21.78 -25.65
C ALA B 557 -2.26 22.29 -25.20
N GLY B 558 -2.48 23.60 -25.32
CA GLY B 558 -3.76 24.20 -24.99
C GLY B 558 -3.89 24.58 -23.53
N VAL B 559 -2.76 24.77 -22.87
CA VAL B 559 -2.74 25.06 -21.44
C VAL B 559 -3.00 26.56 -21.17
N ASN B 560 -2.69 27.40 -22.14
CA ASN B 560 -2.79 28.85 -21.95
C ASN B 560 -4.10 29.48 -22.42
N LYS B 561 -5.12 28.67 -22.65
CA LYS B 561 -6.40 29.16 -23.14
C LYS B 561 -7.04 30.20 -22.21
N LEU B 562 -7.42 31.33 -22.78
CA LEU B 562 -8.14 32.38 -22.07
C LEU B 562 -7.37 32.96 -20.89
N TRP B 563 -6.04 32.94 -20.98
CA TRP B 563 -5.20 33.51 -19.94
C TRP B 563 -5.54 34.99 -19.75
N PRO B 564 -5.65 35.44 -18.50
CA PRO B 564 -5.43 34.67 -17.27
C PRO B 564 -6.71 34.24 -16.56
N GLU B 565 -7.80 34.05 -17.29
CA GLU B 565 -9.09 33.75 -16.69
C GLU B 565 -9.10 32.43 -15.91
N GLY B 566 -9.55 32.50 -14.66
CA GLY B 566 -9.65 31.31 -13.81
C GLY B 566 -8.36 30.96 -13.11
N ARG B 567 -7.33 31.77 -13.33
CA ARG B 567 -6.04 31.56 -12.69
C ARG B 567 -5.89 32.46 -11.47
N GLY B 568 -5.25 31.95 -10.43
CA GLY B 568 -5.09 32.70 -9.19
C GLY B 568 -4.06 32.10 -8.27
N ILE B 569 -3.79 32.80 -7.17
CA ILE B 569 -2.78 32.39 -6.21
C ILE B 569 -3.30 32.48 -4.78
N PHE B 570 -3.09 31.43 -4.00
CA PHE B 570 -3.46 31.42 -2.59
C PHE B 570 -2.23 31.17 -1.73
N HIS B 571 -2.08 31.95 -0.67
CA HIS B 571 -1.01 31.72 0.30
C HIS B 571 -1.48 32.03 1.71
N ASN B 572 -0.94 31.29 2.68
CA ASN B 572 -1.25 31.55 4.09
C ASN B 572 -0.49 32.77 4.59
N ASN B 573 -0.81 33.22 5.80
CA ASN B 573 -0.19 34.41 6.36
C ASN B 573 1.28 34.23 6.76
N ASP B 574 1.69 32.97 6.96
CA ASP B 574 3.06 32.66 7.38
C ASP B 574 3.99 32.42 6.18
N LYS B 575 3.47 32.63 4.98
CA LYS B 575 4.14 32.28 3.73
C LYS B 575 4.82 30.90 3.75
N THR B 576 4.15 29.93 4.38
CA THR B 576 4.64 28.56 4.46
C THR B 576 3.74 27.62 3.66
N PHE B 577 2.69 28.19 3.08
CA PHE B 577 1.71 27.39 2.34
C PHE B 577 1.26 28.15 1.09
N LEU B 578 1.38 27.50 -0.07
CA LEU B 578 1.08 28.14 -1.34
C LEU B 578 0.27 27.24 -2.25
N VAL B 579 -0.79 27.78 -2.83
CA VAL B 579 -1.60 27.06 -3.81
C VAL B 579 -1.70 27.85 -5.11
N TRP B 580 -1.32 27.21 -6.21
CA TRP B 580 -1.52 27.78 -7.54
C TRP B 580 -2.74 27.15 -8.19
N ILE B 581 -3.64 27.99 -8.71
CA ILE B 581 -4.87 27.50 -9.31
C ILE B 581 -4.85 27.61 -10.84
N ASN B 582 -5.04 26.48 -11.50
CA ASN B 582 -5.14 26.41 -12.96
C ASN B 582 -3.90 26.91 -13.71
N GLU B 583 -2.72 26.60 -13.17
CA GLU B 583 -1.47 26.92 -13.85
C GLU B 583 -1.22 25.85 -14.91
N GLU B 584 -0.27 24.95 -14.65
CA GLU B 584 0.00 23.83 -15.53
C GLU B 584 -0.97 22.72 -15.20
N ASP B 585 -1.16 22.50 -13.90
CA ASP B 585 -2.21 21.61 -13.40
C ASP B 585 -3.29 22.46 -12.74
N GLN B 586 -4.45 21.86 -12.52
CA GLN B 586 -5.56 22.55 -11.87
C GLN B 586 -5.19 22.99 -10.47
N LEU B 587 -4.50 22.12 -9.74
CA LEU B 587 -4.01 22.44 -8.40
C LEU B 587 -2.50 22.22 -8.26
N ARG B 588 -1.81 23.24 -7.76
CA ARG B 588 -0.39 23.15 -7.46
C ARG B 588 -0.21 23.49 -5.99
N ILE B 589 -0.06 22.47 -5.16
CA ILE B 589 -0.05 22.66 -3.72
C ILE B 589 1.38 22.60 -3.18
N ILE B 590 1.82 23.69 -2.55
CA ILE B 590 3.19 23.77 -2.05
C ILE B 590 3.25 24.11 -0.56
N SER B 591 4.07 23.37 0.16
CA SER B 591 4.37 23.68 1.55
C SER B 591 5.88 23.86 1.70
N MET B 592 6.29 24.97 2.30
CA MET B 592 7.71 25.22 2.54
C MET B 592 8.00 25.86 3.90
N GLU B 593 9.23 25.67 4.37
CA GLU B 593 9.70 26.30 5.58
C GLU B 593 11.15 26.75 5.42
N LYS B 594 11.53 27.78 6.16
CA LYS B 594 12.93 28.09 6.37
C LYS B 594 13.46 27.01 7.31
N GLY B 595 14.60 26.42 6.98
CA GLY B 595 15.16 25.37 7.83
C GLY B 595 15.09 23.99 7.24
N SER B 596 14.79 23.00 8.07
CA SER B 596 14.93 21.60 7.67
C SER B 596 13.78 20.68 8.10
N ASP B 597 12.80 21.22 8.80
CA ASP B 597 11.72 20.36 9.33
C ASP B 597 10.83 19.83 8.22
N ILE B 598 11.35 18.87 7.45
CA ILE B 598 10.61 18.27 6.36
C ILE B 598 9.34 17.54 6.84
N GLY B 599 9.41 16.99 8.04
CA GLY B 599 8.26 16.31 8.63
C GLY B 599 7.10 17.26 8.88
N SER B 600 7.43 18.46 9.37
CA SER B 600 6.42 19.48 9.63
C SER B 600 5.88 20.07 8.33
N VAL B 601 6.75 20.19 7.33
CA VAL B 601 6.35 20.67 6.02
C VAL B 601 5.40 19.67 5.36
N PHE B 602 5.79 18.40 5.36
CA PHE B 602 4.95 17.33 4.84
C PHE B 602 3.66 17.24 5.64
N GLY B 603 3.76 17.49 6.94
CA GLY B 603 2.62 17.48 7.83
C GLY B 603 1.59 18.51 7.44
N ARG B 604 2.04 19.75 7.25
CA ARG B 604 1.15 20.85 6.87
C ARG B 604 0.57 20.65 5.46
N LEU B 605 1.37 20.07 4.57
CA LEU B 605 0.93 19.80 3.20
C LEU B 605 -0.24 18.81 3.20
N CYS B 606 -0.09 17.74 3.97
CA CYS B 606 -1.11 16.68 4.03
C CYS B 606 -2.43 17.15 4.63
N ARG B 607 -2.35 17.99 5.66
CA ARG B 607 -3.54 18.54 6.29
C ARG B 607 -4.37 19.35 5.29
N ALA B 608 -3.67 20.07 4.41
CA ALA B 608 -4.33 20.87 3.39
C ALA B 608 -4.85 20.00 2.25
N VAL B 609 -3.98 19.16 1.71
CA VAL B 609 -4.33 18.29 0.59
C VAL B 609 -5.50 17.35 0.92
N ASN B 610 -5.44 16.70 2.07
CA ASN B 610 -6.50 15.77 2.49
C ASN B 610 -7.85 16.45 2.73
N GLU B 611 -7.81 17.70 3.18
CA GLU B 611 -9.04 18.47 3.38
C GLU B 611 -9.68 18.81 2.04
N ILE B 612 -8.84 19.23 1.09
CA ILE B 612 -9.27 19.51 -0.27
C ILE B 612 -9.78 18.23 -0.93
N ASP B 613 -9.07 17.13 -0.70
CA ASP B 613 -9.47 15.82 -1.20
C ASP B 613 -10.86 15.46 -0.69
N LYS B 614 -11.08 15.74 0.59
CA LYS B 614 -12.34 15.41 1.27
C LYS B 614 -13.53 16.13 0.66
N GLN B 615 -13.35 17.40 0.30
CA GLN B 615 -14.46 18.21 -0.19
C GLN B 615 -14.67 18.15 -1.71
N LEU B 616 -13.59 17.99 -2.45
CA LEU B 616 -13.66 18.04 -3.91
C LEU B 616 -13.35 16.70 -4.59
N GLY B 617 -12.31 16.03 -4.14
CA GLY B 617 -11.87 14.78 -4.73
C GLY B 617 -10.86 14.98 -5.84
N PHE B 618 -10.01 13.98 -6.05
CA PHE B 618 -8.94 14.08 -7.04
C PHE B 618 -9.08 13.02 -8.13
N GLN B 619 -8.72 13.39 -9.36
CA GLN B 619 -8.67 12.43 -10.46
C GLN B 619 -7.52 11.47 -10.20
N HIS B 620 -7.81 10.17 -10.23
CA HIS B 620 -6.86 9.18 -9.74
C HIS B 620 -7.14 7.78 -10.27
N THR B 621 -6.09 7.07 -10.67
CA THR B 621 -6.21 5.68 -11.09
C THR B 621 -5.19 4.80 -10.35
N ASP B 622 -5.31 3.49 -10.48
CA ASP B 622 -4.41 2.55 -9.81
C ASP B 622 -3.06 2.41 -10.51
N ALA B 623 -3.06 2.53 -11.84
CA ALA B 623 -1.84 2.38 -12.62
C ALA B 623 -1.07 3.69 -12.79
N HIS B 624 -1.79 4.80 -12.78
CA HIS B 624 -1.19 6.12 -13.05
C HIS B 624 -1.08 7.00 -11.80
N GLY B 625 -1.66 6.54 -10.69
CA GLY B 625 -1.72 7.35 -9.49
C GLY B 625 -2.60 8.56 -9.72
N TYR B 626 -2.17 9.71 -9.21
CA TYR B 626 -2.91 10.95 -9.46
C TYR B 626 -2.68 11.46 -10.87
N LEU B 627 -3.77 11.74 -11.57
CA LEU B 627 -3.72 12.12 -12.97
C LEU B 627 -3.30 13.57 -13.18
N SER B 628 -2.51 13.78 -14.21
CA SER B 628 -2.09 15.12 -14.61
C SER B 628 -2.12 15.20 -16.14
N GLY B 629 -2.27 16.41 -16.65
CA GLY B 629 -2.23 16.63 -18.10
C GLY B 629 -0.85 16.31 -18.63
N CYS B 630 0.15 16.40 -17.76
CA CYS B 630 1.51 16.03 -18.09
C CYS B 630 1.87 14.68 -17.45
N PRO B 631 2.17 13.68 -18.30
CA PRO B 631 2.57 12.33 -17.86
C PRO B 631 3.80 12.39 -16.96
N THR B 632 4.50 13.52 -17.02
CA THR B 632 5.62 13.81 -16.13
C THR B 632 5.15 13.84 -14.68
N ASN B 633 3.92 14.33 -14.46
CA ASN B 633 3.40 14.53 -13.11
C ASN B 633 2.39 13.47 -12.63
N LEU B 634 2.54 12.24 -13.08
CA LEU B 634 1.67 11.16 -12.62
C LEU B 634 2.16 10.61 -11.28
N GLY B 635 1.45 9.63 -10.75
CA GLY B 635 1.81 9.01 -9.49
C GLY B 635 1.59 9.92 -8.30
N THR B 636 2.68 10.29 -7.64
CA THR B 636 2.62 11.20 -6.51
C THR B 636 2.36 12.62 -7.02
N GLY B 637 2.91 12.90 -8.20
CA GLY B 637 2.91 14.25 -8.74
C GLY B 637 3.67 15.17 -7.80
N MET B 638 4.66 14.60 -7.11
CA MET B 638 5.35 15.30 -6.04
C MET B 638 6.79 15.68 -6.36
N ARG B 639 7.13 16.94 -6.07
CA ARG B 639 8.52 17.35 -6.02
C ARG B 639 8.86 17.76 -4.59
N ALA B 640 9.77 17.02 -3.96
CA ALA B 640 10.25 17.35 -2.62
C ALA B 640 11.64 17.96 -2.74
N SER B 641 11.84 19.12 -2.11
CA SER B 641 13.09 19.85 -2.29
C SER B 641 13.77 20.20 -0.98
N VAL B 642 15.10 20.25 -1.02
CA VAL B 642 15.92 20.69 0.11
C VAL B 642 17.17 21.42 -0.41
N HIS B 643 17.33 22.67 0.02
CA HIS B 643 18.53 23.43 -0.29
C HIS B 643 19.53 23.25 0.86
N VAL B 644 20.71 22.73 0.55
CA VAL B 644 21.62 22.26 1.58
C VAL B 644 23.07 22.65 1.30
N LYS B 645 23.79 23.03 2.35
CA LYS B 645 25.20 23.36 2.24
C LYS B 645 26.04 22.10 2.07
N ILE B 646 26.21 21.67 0.83
CA ILE B 646 27.03 20.50 0.52
C ILE B 646 28.22 20.83 -0.39
N PRO B 647 29.34 21.26 0.22
CA PRO B 647 30.61 21.39 -0.51
C PRO B 647 31.52 20.17 -0.27
N LYS B 648 31.50 19.63 0.94
CA LYS B 648 32.38 18.52 1.29
C LYS B 648 31.80 17.17 0.89
N ALA B 649 30.51 16.98 1.12
CA ALA B 649 29.86 15.70 0.83
C ALA B 649 29.73 15.44 -0.67
N SER B 650 29.64 16.51 -1.45
CA SER B 650 29.52 16.40 -2.90
C SER B 650 30.74 15.69 -3.49
N ALA B 651 31.88 15.89 -2.84
CA ALA B 651 33.09 15.19 -3.22
C ALA B 651 33.35 14.04 -2.23
N HIS B 652 32.89 12.85 -2.58
CA HIS B 652 33.02 11.70 -1.71
C HIS B 652 32.84 10.40 -2.51
N PRO B 653 33.56 9.35 -2.13
CA PRO B 653 33.38 8.02 -2.72
C PRO B 653 31.96 7.50 -2.57
N ASP B 654 31.22 8.05 -1.60
CA ASP B 654 29.85 7.62 -1.33
C ASP B 654 28.83 8.76 -1.52
N PHE B 655 28.90 9.45 -2.66
CA PHE B 655 27.93 10.51 -2.94
C PHE B 655 26.89 10.03 -3.94
N GLN B 656 27.35 9.53 -5.09
CA GLN B 656 26.45 8.96 -6.08
C GLN B 656 25.84 7.67 -5.55
N LYS B 657 26.53 7.05 -4.59
CA LYS B 657 26.06 5.84 -3.94
C LYS B 657 24.79 6.11 -3.15
N ILE B 658 24.73 7.26 -2.48
CA ILE B 658 23.59 7.63 -1.68
C ILE B 658 22.46 8.23 -2.52
N CYS B 659 22.84 9.01 -3.53
CA CYS B 659 21.85 9.61 -4.43
C CYS B 659 21.11 8.54 -5.24
N ASP B 660 21.72 7.37 -5.39
CA ASP B 660 21.12 6.28 -6.14
C ASP B 660 20.27 5.38 -5.24
N GLU B 661 20.75 5.13 -4.03
CA GLU B 661 20.04 4.26 -3.09
C GLU B 661 18.68 4.86 -2.69
N PHE B 662 18.63 6.18 -2.60
CA PHE B 662 17.43 6.87 -2.14
C PHE B 662 16.71 7.62 -3.28
N HIS B 663 17.16 7.38 -4.50
CA HIS B 663 16.53 7.91 -5.70
C HIS B 663 16.42 9.43 -5.62
N ILE B 664 17.57 10.09 -5.48
CA ILE B 664 17.62 11.52 -5.21
C ILE B 664 18.59 12.23 -6.17
N GLN B 665 18.29 13.48 -6.51
CA GLN B 665 19.17 14.23 -7.39
C GLN B 665 19.55 15.61 -6.84
N ALA B 666 20.84 15.80 -6.60
CA ALA B 666 21.37 17.08 -6.15
C ALA B 666 22.02 17.80 -7.33
N ARG B 667 21.51 18.99 -7.65
CA ARG B 667 22.09 19.79 -8.74
C ARG B 667 22.42 21.20 -8.25
N ASP B 685 20.13 22.39 -4.16
CA ASP B 685 18.81 21.81 -4.41
C ASP B 685 18.90 20.31 -4.57
N ILE B 686 18.25 19.58 -3.67
CA ILE B 686 18.15 18.13 -3.76
C ILE B 686 16.68 17.73 -3.88
N SER B 687 16.38 16.86 -4.84
CA SER B 687 15.00 16.50 -5.11
C SER B 687 14.81 15.03 -5.44
N ASN B 688 13.56 14.58 -5.40
CA ASN B 688 13.21 13.21 -5.75
C ASN B 688 13.28 13.01 -7.26
N ARG B 689 13.81 11.85 -7.68
CA ARG B 689 13.89 11.51 -9.09
C ARG B 689 12.66 10.73 -9.56
N ARG B 690 12.01 10.04 -8.63
CA ARG B 690 10.86 9.21 -8.96
C ARG B 690 9.54 9.81 -8.49
N ARG B 691 8.45 9.41 -9.14
CA ARG B 691 7.11 9.89 -8.80
C ARG B 691 6.09 8.77 -8.88
N LEU B 692 6.48 7.67 -9.52
CA LEU B 692 5.55 6.58 -9.80
C LEU B 692 6.17 5.25 -9.36
N GLY B 693 5.47 4.51 -8.51
CA GLY B 693 5.99 3.27 -7.97
C GLY B 693 6.33 3.38 -6.50
N LEU B 694 6.25 4.61 -5.98
CA LEU B 694 6.48 4.87 -4.57
C LEU B 694 5.46 5.89 -4.07
N SER B 695 5.04 5.77 -2.82
CA SER B 695 4.04 6.66 -2.27
C SER B 695 4.66 7.99 -1.88
N GLU B 696 3.82 8.97 -1.57
CA GLU B 696 4.31 10.28 -1.14
C GLU B 696 5.06 10.15 0.18
N VAL B 697 4.53 9.32 1.07
CA VAL B 697 5.17 9.05 2.35
C VAL B 697 6.57 8.48 2.15
N GLN B 698 6.68 7.51 1.25
CA GLN B 698 7.97 6.88 0.96
C GLN B 698 8.92 7.87 0.29
N CYS B 699 8.38 8.74 -0.55
CA CYS B 699 9.18 9.73 -1.24
C CYS B 699 9.83 10.70 -0.26
N VAL B 700 9.03 11.17 0.70
CA VAL B 700 9.52 12.10 1.71
C VAL B 700 10.54 11.43 2.63
N GLN B 701 10.24 10.20 3.05
CA GLN B 701 11.13 9.43 3.90
C GLN B 701 12.47 9.17 3.20
N ASP B 702 12.41 8.92 1.90
CA ASP B 702 13.61 8.72 1.10
C ASP B 702 14.50 9.97 1.11
N MET B 703 13.88 11.13 0.91
CA MET B 703 14.59 12.39 0.95
C MET B 703 15.28 12.56 2.30
N TYR B 704 14.51 12.36 3.36
CA TYR B 704 15.00 12.51 4.73
C TYR B 704 16.19 11.60 5.00
N ASN B 705 16.04 10.32 4.67
CA ASN B 705 17.10 9.34 4.88
C ASN B 705 18.36 9.64 4.08
N GLY B 706 18.17 10.12 2.85
CA GLY B 706 19.29 10.47 2.00
C GLY B 706 19.99 11.72 2.47
N VAL B 707 19.20 12.74 2.78
CA VAL B 707 19.73 14.01 3.31
C VAL B 707 20.44 13.76 4.63
N LYS B 708 19.90 12.84 5.43
CA LYS B 708 20.52 12.46 6.71
C LYS B 708 21.93 11.93 6.50
N LYS B 709 22.08 11.01 5.57
CA LYS B 709 23.39 10.43 5.24
C LYS B 709 24.35 11.47 4.66
N LEU B 710 23.83 12.41 3.90
CA LEU B 710 24.65 13.45 3.29
C LEU B 710 25.16 14.46 4.31
N LEU B 711 24.51 14.51 5.47
CA LEU B 711 24.90 15.44 6.53
C LEU B 711 25.84 14.80 7.55
N GLU B 712 25.77 13.48 7.68
CA GLU B 712 26.67 12.75 8.58
C GLU B 712 28.06 12.64 7.99
N ILE B 713 28.21 13.07 6.74
CA ILE B 713 29.50 13.09 6.07
C ILE B 713 30.13 14.48 6.16
N GLU B 714 29.29 15.51 6.17
CA GLU B 714 29.75 16.87 6.44
C GLU B 714 29.83 17.10 7.95
N LYS B 715 30.19 16.05 8.67
CA LYS B 715 30.23 16.07 10.13
C LYS B 715 31.36 15.21 10.67
N ARG C . -3.66 -9.56 10.15
CA ARG C . -2.91 -8.80 9.16
C ARG C . -2.50 -7.43 9.70
O ARG C . -1.36 -7.00 9.57
CB ARG C . -3.72 -8.63 7.88
CG ARG C . -3.02 -9.18 6.64
CD ARG C . -2.68 -10.65 6.83
NE ARG C . -2.14 -11.25 5.61
CZ ARG C . -1.98 -12.55 5.42
NH1 ARG C . -1.48 -13.01 4.28
NH2 ARG C . -2.32 -13.41 6.37
OXT ARG C . -3.33 -6.71 10.27
PG AGS D . -17.03 54.84 -31.00
S1G AGS D . -18.90 54.34 -31.21
O2G AGS D . -16.91 56.36 -30.73
O3G AGS D . -16.27 54.45 -32.30
PB AGS D . -16.16 52.49 -30.01
O1B AGS D . -14.77 52.14 -29.64
O2B AGS D . -16.49 52.21 -31.47
O3B AGS D . -16.42 54.04 -29.81
PA AGS D . -17.66 50.24 -29.79
O1A AGS D . -18.67 49.59 -28.92
O2A AGS D . -18.08 50.51 -31.23
O3A AGS D . -17.21 51.64 -29.18
O5' AGS D . -16.34 49.36 -29.69
C5' AGS D . -15.74 49.17 -28.40
C4' AGS D . -14.34 48.63 -28.52
O4' AGS D . -14.23 47.40 -27.79
C3' AGS D . -13.88 48.26 -29.93
O3' AGS D . -13.43 49.40 -30.65
C2' AGS D . -12.74 47.28 -29.64
O2' AGS D . -11.52 47.96 -29.37
C1' AGS D . -13.24 46.57 -28.37
N9 AGS D . -13.83 45.25 -28.63
C8 AGS D . -14.76 44.94 -29.58
N7 AGS D . -15.11 43.67 -29.58
C5 AGS D . -14.35 43.12 -28.56
C6 AGS D . -14.26 41.80 -28.06
N6 AGS D . -14.96 40.77 -28.54
N1 AGS D . -13.40 41.59 -27.04
C2 AGS D . -12.69 42.62 -26.57
N3 AGS D . -12.70 43.89 -26.95
C4 AGS D . -13.56 44.08 -27.97
N ARG E . -18.53 62.42 -35.42
CA ARG E . -17.60 61.49 -36.06
C ARG E . -17.87 61.36 -37.55
O ARG E . -17.22 60.58 -38.24
CB ARG E . -17.67 60.12 -35.38
CG ARG E . -19.05 59.52 -35.35
CD ARG E . -19.01 58.00 -35.23
NE ARG E . -18.73 57.58 -33.87
CZ ARG E . -19.66 57.26 -32.99
NH1 ARG E . -20.94 57.29 -33.32
NH2 ARG E . -19.32 56.89 -31.76
OXT ARG E . -18.76 62.01 -38.10
C ACT F . -14.94 47.18 -23.15
O ACT F . -15.07 46.09 -23.75
OXT ACT F . -15.62 48.14 -23.60
CH3 ACT F . -14.05 47.33 -21.95
C ACT G . -39.59 51.31 -26.04
O ACT G . -38.92 50.27 -26.22
OXT ACT G . -39.33 51.95 -25.00
CH3 ACT G . -40.64 51.76 -27.02
#